data_6BEF
#
_entry.id   6BEF
#
_cell.length_a   191.060
_cell.length_b   191.060
_cell.length_c   254.320
_cell.angle_alpha   90.000
_cell.angle_beta   90.000
_cell.angle_gamma   120.000
#
_symmetry.space_group_name_H-M   'P 61 2 2'
#
loop_
_entity.id
_entity.type
_entity.pdbx_description
1 polymer 'Scaffold protein D13'
2 non-polymer '(2S,12Z,14E,16S,17S,18R,19R,20R,21S,22R,23S,24E)-8-formyl-5,6,9,17,19-pentahydroxy-23-methoxy-2,4,12,16,18,20,22-heptam ethyl-1,11-dioxo-1,2-dihydro-2,7-(epoxypentadeca[1,11,13]trienoimino)naphtho[2,1-b]furan-21-yl acetate'
3 non-polymer 'FORMIC ACID'
4 non-polymer 1,2-ETHANEDIOL
5 water water
#
_entity_poly.entity_id   1
_entity_poly.type   'polypeptide(L)'
_entity_poly.pdbx_seq_one_letter_code
;GAMNNTIINSLIGGDDSIKRSNVFAVDSQIPTLYMPQYISLSGVMTNDGPDNQAIASFEIRDQYITALNHLVLSLELPEV
KGMGRFGYVPYVGYKCINHVSISSCNGVIWEIEGEELYNNCINNTIALKHSGYSSELNDISIGLTPNDTIKEPSTVYVYI
KTPFDVEDTFSSLKLSDSKITVTVTFNPVSDIVIRDSSFDFETFNKEFVYVPELSFIGYMVKNVQIKPSFIEKPRRVIGQ
INQPTATVTEVHAATSLSVYTKPYYGNTDNKFISYPGYSQDEKDYIDAYVSRLLDDLVIVSDGPPTGYPESAEIVEVPED
GIVSIQDADVYVKIDNVPDNMSVYLHTNLLMFGTRKNSFIYNISKKFSAITGTYSDATKRTIFAHISHSINIIDTSIPVS
LWTSQRNVYNGDNRSAESKAKDLFINDPFIKGIDFKNKTDIISRLEVRFGNDVLYSENGPISRIYNELLTKSNNGTRTLT
FNFTPKIFFRPTTITANVSRGKDKLSVRVVYSTMDVNHPIYYVQKQLVVVCNDLYKVSYDQGVSITKIMGDNN
;
_entity_poly.pdbx_strand_id   A,B,C
#
# COMPACT_ATOMS: atom_id res chain seq x y z
N ALA A 2 -38.00 2.48 4.57
CA ALA A 2 -38.95 1.44 4.90
C ALA A 2 -38.59 0.10 4.26
N MET A 3 -38.97 -1.01 4.93
CA MET A 3 -38.73 -2.37 4.44
C MET A 3 -39.67 -2.68 3.29
N ASN A 4 -39.15 -3.33 2.22
CA ASN A 4 -39.95 -3.68 1.05
C ASN A 4 -40.97 -4.79 1.32
N ASN A 5 -42.15 -4.70 0.68
CA ASN A 5 -43.28 -5.62 0.81
C ASN A 5 -42.94 -7.08 0.49
N THR A 6 -41.98 -7.33 -0.42
CA THR A 6 -41.55 -8.68 -0.81
C THR A 6 -40.78 -9.38 0.34
N ILE A 7 -40.06 -8.58 1.15
CA ILE A 7 -39.28 -9.05 2.30
C ILE A 7 -40.20 -9.44 3.47
N ILE A 8 -41.13 -8.53 3.88
CA ILE A 8 -42.06 -8.74 4.99
C ILE A 8 -42.89 -10.03 4.81
N ASN A 9 -43.34 -10.31 3.56
CA ASN A 9 -44.11 -11.50 3.19
C ASN A 9 -43.26 -12.77 3.23
N SER A 10 -41.94 -12.64 2.92
CA SER A 10 -40.97 -13.75 2.91
C SER A 10 -40.71 -14.35 4.32
N LEU A 11 -40.94 -13.54 5.38
CA LEU A 11 -40.78 -13.97 6.78
C LEU A 11 -42.14 -14.13 7.47
N ILE A 12 -42.92 -13.03 7.55
CA ILE A 12 -44.24 -12.98 8.17
C ILE A 12 -45.34 -13.34 7.17
N SER A 17 -40.30 -24.28 17.21
CA SER A 17 -40.18 -25.51 16.43
C SER A 17 -38.70 -25.90 16.24
N ILE A 18 -37.89 -24.97 15.68
CA ILE A 18 -36.45 -25.16 15.40
C ILE A 18 -35.63 -24.28 16.36
N LYS A 19 -34.64 -24.89 17.06
CA LYS A 19 -33.75 -24.20 18.01
C LYS A 19 -32.79 -23.29 17.24
N ARG A 20 -32.81 -21.99 17.56
CA ARG A 20 -31.98 -20.98 16.87
C ARG A 20 -31.02 -20.25 17.80
N SER A 21 -29.78 -20.05 17.32
CA SER A 21 -28.74 -19.32 18.02
C SER A 21 -28.94 -17.83 17.75
N ASN A 22 -29.01 -17.03 18.82
CA ASN A 22 -29.21 -15.59 18.74
C ASN A 22 -27.99 -14.87 18.17
N VAL A 23 -28.16 -14.25 16.99
CA VAL A 23 -27.10 -13.51 16.29
C VAL A 23 -27.30 -11.99 16.41
N PHE A 24 -28.34 -11.54 17.14
CA PHE A 24 -28.64 -10.12 17.29
C PHE A 24 -28.41 -9.56 18.70
N ALA A 25 -28.24 -10.45 19.69
CA ALA A 25 -27.96 -10.05 21.06
C ALA A 25 -27.09 -11.10 21.74
N VAL A 26 -26.28 -10.69 22.72
CA VAL A 26 -25.40 -11.62 23.44
C VAL A 26 -25.29 -11.23 24.92
N ASP A 27 -25.14 -12.23 25.80
CA ASP A 27 -25.00 -12.04 27.24
C ASP A 27 -23.57 -11.51 27.50
N SER A 28 -23.45 -10.25 27.96
CA SER A 28 -22.15 -9.64 28.24
C SER A 28 -21.50 -10.30 29.46
N GLN A 29 -20.58 -11.25 29.21
CA GLN A 29 -19.85 -12.00 30.23
C GLN A 29 -18.98 -11.04 31.03
N ILE A 30 -19.02 -11.12 32.37
CA ILE A 30 -18.18 -10.28 33.22
C ILE A 30 -16.77 -10.89 33.18
N PRO A 31 -15.74 -10.15 32.71
CA PRO A 31 -14.40 -10.76 32.62
C PRO A 31 -13.65 -10.72 33.94
N THR A 32 -12.42 -11.30 33.96
CA THR A 32 -11.55 -11.30 35.14
C THR A 32 -11.20 -9.84 35.45
N LEU A 33 -11.28 -9.43 36.74
CA LEU A 33 -10.98 -8.06 37.13
C LEU A 33 -9.50 -7.79 37.00
N TYR A 34 -9.14 -6.90 36.07
CA TYR A 34 -7.75 -6.54 35.83
C TYR A 34 -7.57 -5.06 35.50
N MET A 35 -6.31 -4.62 35.42
CA MET A 35 -5.97 -3.26 35.09
C MET A 35 -4.69 -3.23 34.26
N PRO A 36 -4.74 -2.78 32.99
CA PRO A 36 -3.51 -2.73 32.19
C PRO A 36 -2.72 -1.46 32.43
N GLN A 37 -1.41 -1.50 32.18
CA GLN A 37 -0.53 -0.34 32.34
C GLN A 37 0.69 -0.49 31.47
N TYR A 38 1.04 0.58 30.72
CA TYR A 38 2.24 0.57 29.89
C TYR A 38 3.42 0.85 30.82
N ILE A 39 4.30 -0.15 31.01
CA ILE A 39 5.45 -0.04 31.90
C ILE A 39 6.74 -0.01 31.10
N SER A 40 7.54 1.05 31.28
CA SER A 40 8.83 1.24 30.63
C SER A 40 9.94 1.06 31.67
N LEU A 41 10.97 0.28 31.32
CA LEU A 41 12.09 0.00 32.22
C LEU A 41 13.44 0.28 31.57
N SER A 42 14.34 0.90 32.35
CA SER A 42 15.72 1.17 31.93
C SER A 42 16.52 -0.05 32.38
N GLY A 43 17.34 -0.59 31.48
CA GLY A 43 18.12 -1.79 31.76
C GLY A 43 19.54 -1.58 32.23
N VAL A 44 20.27 -2.70 32.37
CA VAL A 44 21.66 -2.72 32.78
C VAL A 44 22.50 -3.13 31.57
N MET A 45 23.42 -2.24 31.14
CA MET A 45 24.27 -2.48 29.99
C MET A 45 25.58 -3.18 30.36
N THR A 46 25.90 -4.26 29.65
CA THR A 46 27.09 -5.10 29.88
C THR A 46 27.79 -5.35 28.53
N ASN A 47 29.09 -5.70 28.57
CA ASN A 47 29.90 -6.01 27.38
C ASN A 47 30.72 -7.28 27.61
N ASP A 51 32.59 -11.22 21.38
CA ASP A 51 33.67 -10.25 21.20
C ASP A 51 33.22 -8.85 21.65
N ASN A 52 33.01 -8.71 22.98
CA ASN A 52 32.57 -7.48 23.69
C ASN A 52 31.20 -6.97 23.16
N GLN A 53 30.26 -7.90 22.92
CA GLN A 53 28.89 -7.63 22.43
C GLN A 53 28.07 -6.92 23.51
N ALA A 54 27.25 -5.94 23.11
CA ALA A 54 26.40 -5.17 24.03
C ALA A 54 25.21 -6.01 24.50
N ILE A 55 25.03 -6.13 25.83
CA ILE A 55 23.94 -6.91 26.42
C ILE A 55 23.13 -6.01 27.34
N ALA A 56 21.81 -5.99 27.16
CA ALA A 56 20.89 -5.21 28.00
C ALA A 56 19.97 -6.16 28.75
N SER A 57 19.98 -6.07 30.09
CA SER A 57 19.14 -6.91 30.95
C SER A 57 18.07 -6.08 31.67
N PHE A 58 16.81 -6.51 31.54
CA PHE A 58 15.65 -5.84 32.12
C PHE A 58 14.97 -6.81 33.08
N GLU A 59 14.97 -6.48 34.38
CA GLU A 59 14.34 -7.33 35.39
C GLU A 59 12.93 -6.85 35.72
N ILE A 60 11.96 -7.76 35.57
CA ILE A 60 10.55 -7.50 35.83
C ILE A 60 10.15 -8.30 37.06
N ARG A 61 9.95 -7.61 38.17
CA ARG A 61 9.48 -8.20 39.43
C ARG A 61 8.63 -7.17 40.16
N ASP A 62 7.33 -7.45 40.28
CA ASP A 62 6.38 -6.56 40.93
C ASP A 62 5.18 -7.35 41.41
N GLN A 63 4.67 -7.03 42.62
CA GLN A 63 3.51 -7.71 43.17
C GLN A 63 2.23 -7.35 42.42
N TYR A 64 2.13 -6.10 41.92
CA TYR A 64 0.99 -5.63 41.15
C TYR A 64 0.97 -6.34 39.78
N ILE A 65 2.08 -6.27 38.99
CA ILE A 65 2.21 -6.93 37.68
C ILE A 65 2.00 -8.44 37.84
N THR A 66 0.88 -8.94 37.30
CA THR A 66 0.45 -10.35 37.34
C THR A 66 0.76 -11.05 36.00
N ALA A 67 0.58 -10.34 34.88
CA ALA A 67 0.86 -10.83 33.54
C ALA A 67 1.39 -9.73 32.62
N LEU A 68 2.04 -10.10 31.51
CA LEU A 68 2.59 -9.15 30.53
C LEU A 68 2.64 -9.71 29.12
N ASN A 69 2.55 -8.81 28.14
CA ASN A 69 2.66 -9.07 26.71
C ASN A 69 3.03 -7.78 25.98
N HIS A 70 3.21 -7.85 24.65
CA HIS A 70 3.55 -6.73 23.75
C HIS A 70 4.82 -5.98 24.19
N LEU A 71 5.97 -6.63 24.00
CA LEU A 71 7.28 -6.09 24.32
C LEU A 71 7.73 -5.14 23.21
N VAL A 72 8.11 -3.91 23.56
CA VAL A 72 8.56 -2.89 22.61
C VAL A 72 9.87 -2.29 23.15
N LEU A 73 10.98 -2.56 22.46
CA LEU A 73 12.29 -2.06 22.86
C LEU A 73 12.60 -0.78 22.10
N SER A 74 12.73 0.33 22.84
CA SER A 74 13.05 1.62 22.23
C SER A 74 14.55 1.84 22.26
N LEU A 75 15.08 2.55 21.24
CA LEU A 75 16.50 2.87 21.14
C LEU A 75 16.74 4.31 20.79
N GLU A 76 17.62 4.96 21.56
CA GLU A 76 17.98 6.35 21.36
C GLU A 76 19.21 6.39 20.45
N LEU A 77 18.99 6.71 19.17
CA LEU A 77 20.07 6.84 18.22
C LEU A 77 20.69 8.23 18.40
N PRO A 78 22.03 8.34 18.57
CA PRO A 78 22.63 9.65 18.85
C PRO A 78 22.80 10.53 17.62
N GLU A 79 23.20 11.80 17.85
CA GLU A 79 23.50 12.76 16.81
C GLU A 79 24.81 12.29 16.17
N VAL A 80 24.86 12.29 14.84
CA VAL A 80 26.05 11.87 14.11
C VAL A 80 26.65 13.12 13.45
N LYS A 81 27.76 13.60 14.01
CA LYS A 81 28.49 14.79 13.54
C LYS A 81 29.85 14.41 12.96
N GLY A 82 30.27 15.15 11.95
CA GLY A 82 31.55 14.93 11.30
C GLY A 82 31.50 15.01 9.79
N MET A 83 32.51 14.41 9.15
CA MET A 83 32.65 14.41 7.68
C MET A 83 32.41 13.04 7.07
N GLY A 84 32.01 13.04 5.80
CA GLY A 84 31.76 11.82 5.04
C GLY A 84 30.31 11.43 4.90
N ARG A 85 30.07 10.34 4.16
N ARG A 85 30.06 10.34 4.15
CA ARG A 85 28.73 9.79 3.91
CA ARG A 85 28.73 9.80 3.90
C ARG A 85 28.35 8.80 4.99
C ARG A 85 28.35 8.80 4.98
N PHE A 86 27.10 8.89 5.50
CA PHE A 86 26.59 8.01 6.55
C PHE A 86 25.06 7.86 6.46
N GLY A 87 24.59 6.68 6.83
CA GLY A 87 23.17 6.33 6.86
C GLY A 87 22.89 5.05 7.61
N TYR A 88 21.68 4.92 8.17
CA TYR A 88 21.29 3.71 8.90
C TYR A 88 20.62 2.72 7.93
N VAL A 89 20.70 1.43 8.23
CA VAL A 89 20.08 0.36 7.43
C VAL A 89 18.54 0.45 7.54
N PRO A 90 17.74 0.04 6.52
CA PRO A 90 16.27 0.11 6.69
C PRO A 90 15.83 -0.80 7.82
N TYR A 91 14.84 -0.34 8.62
CA TYR A 91 14.29 -1.04 9.79
C TYR A 91 15.45 -1.28 10.78
N VAL A 92 16.29 -0.22 10.97
CA VAL A 92 17.51 -0.16 11.80
C VAL A 92 17.33 -0.85 13.16
N GLY A 93 16.22 -0.56 13.84
CA GLY A 93 15.87 -1.12 15.15
C GLY A 93 15.90 -2.64 15.20
N TYR A 94 15.30 -3.30 14.19
CA TYR A 94 15.29 -4.76 14.13
C TYR A 94 16.68 -5.32 13.88
N LYS A 95 17.46 -4.62 13.03
CA LYS A 95 18.83 -5.00 12.66
C LYS A 95 19.83 -4.92 13.83
N CYS A 96 19.54 -4.07 14.85
N CYS A 96 19.58 -4.07 14.84
CA CYS A 96 20.33 -3.87 16.06
CA CYS A 96 20.47 -3.96 16.00
C CYS A 96 20.33 -5.13 16.92
C CYS A 96 20.34 -5.14 16.95
N ILE A 97 19.18 -5.84 16.92
CA ILE A 97 18.93 -7.03 17.74
C ILE A 97 19.70 -8.24 17.18
N ASN A 98 20.48 -8.91 18.05
CA ASN A 98 21.22 -10.11 17.72
C ASN A 98 20.46 -11.32 18.31
N HIS A 99 19.96 -11.18 19.56
CA HIS A 99 19.22 -12.21 20.28
C HIS A 99 18.39 -11.60 21.41
N VAL A 100 17.21 -12.18 21.67
CA VAL A 100 16.30 -11.78 22.75
C VAL A 100 15.91 -13.04 23.51
N SER A 101 15.92 -12.98 24.85
CA SER A 101 15.57 -14.12 25.70
C SER A 101 14.79 -13.72 26.96
N ILE A 102 13.54 -14.20 27.07
CA ILE A 102 12.67 -13.99 28.21
C ILE A 102 12.87 -15.20 29.13
N SER A 103 13.48 -14.98 30.30
CA SER A 103 13.80 -16.07 31.23
C SER A 103 13.31 -15.83 32.65
N SER A 104 13.08 -16.92 33.40
CA SER A 104 12.67 -16.92 34.80
C SER A 104 13.80 -17.57 35.64
N CYS A 105 13.52 -17.84 36.95
CA CYS A 105 14.46 -18.48 37.87
CA CYS A 105 14.49 -18.48 37.85
C CYS A 105 14.68 -19.96 37.48
N ASN A 106 13.68 -20.55 36.79
CA ASN A 106 13.68 -21.94 36.33
C ASN A 106 14.42 -22.10 34.99
N GLY A 107 14.69 -20.98 34.31
CA GLY A 107 15.39 -20.94 33.04
C GLY A 107 14.71 -20.13 31.96
N VAL A 108 15.20 -20.28 30.70
CA VAL A 108 14.69 -19.58 29.52
C VAL A 108 13.27 -20.06 29.19
N ILE A 109 12.31 -19.11 29.18
CA ILE A 109 10.88 -19.37 28.86
C ILE A 109 10.68 -19.30 27.36
N TRP A 110 11.35 -18.33 26.70
CA TRP A 110 11.29 -18.11 25.26
C TRP A 110 12.50 -17.30 24.80
N GLU A 111 13.04 -17.64 23.64
CA GLU A 111 14.18 -16.94 23.05
C GLU A 111 14.14 -16.95 21.54
N ILE A 112 14.61 -15.87 20.91
CA ILE A 112 14.62 -15.74 19.46
C ILE A 112 15.88 -15.05 18.96
N GLU A 113 16.34 -15.44 17.77
CA GLU A 113 17.48 -14.81 17.10
C GLU A 113 16.96 -13.54 16.42
N GLY A 114 17.79 -12.49 16.45
CA GLY A 114 17.47 -11.19 15.88
C GLY A 114 16.82 -11.22 14.52
N GLU A 115 17.33 -12.10 13.63
CA GLU A 115 16.85 -12.27 12.27
C GLU A 115 15.47 -12.88 12.24
N GLU A 116 15.23 -13.87 13.09
CA GLU A 116 13.93 -14.57 13.17
C GLU A 116 12.81 -13.66 13.65
N LEU A 117 13.11 -12.74 14.60
CA LEU A 117 12.14 -11.77 15.10
C LEU A 117 11.73 -10.84 13.96
N TYR A 118 12.71 -10.40 13.13
CA TYR A 118 12.52 -9.55 11.96
C TYR A 118 11.67 -10.29 10.93
N ASN A 119 12.03 -11.58 10.68
CA ASN A 119 11.31 -12.47 9.75
C ASN A 119 9.85 -12.63 10.14
N ASN A 120 9.56 -12.66 11.44
CA ASN A 120 8.18 -12.77 11.94
C ASN A 120 7.43 -11.44 11.80
N CYS A 121 8.17 -10.32 11.81
CA CYS A 121 7.60 -8.97 11.72
C CYS A 121 7.69 -8.35 10.31
N ILE A 122 8.18 -9.11 9.30
CA ILE A 122 8.35 -8.61 7.93
C ILE A 122 6.99 -8.26 7.26
N ASN A 123 5.88 -8.89 7.72
CA ASN A 123 4.53 -8.63 7.18
C ASN A 123 3.79 -7.50 7.93
N ASN A 124 4.36 -7.03 9.06
CA ASN A 124 3.79 -5.96 9.89
C ASN A 124 4.44 -4.62 9.50
N THR A 125 3.74 -3.86 8.63
CA THR A 125 4.20 -2.56 8.10
C THR A 125 4.41 -1.52 9.22
N ILE A 126 3.48 -1.49 10.21
CA ILE A 126 3.50 -0.57 11.35
C ILE A 126 4.77 -0.80 12.20
N ALA A 127 5.05 -2.07 12.57
CA ALA A 127 6.21 -2.47 13.36
C ALA A 127 7.53 -2.16 12.66
N LEU A 128 7.55 -2.31 11.32
CA LEU A 128 8.73 -2.03 10.49
C LEU A 128 8.99 -0.53 10.39
N LYS A 129 7.92 0.29 10.33
CA LYS A 129 8.03 1.75 10.26
C LYS A 129 8.58 2.29 11.58
N HIS A 130 8.04 1.80 12.72
CA HIS A 130 8.44 2.18 14.07
C HIS A 130 9.92 1.91 14.34
N SER A 131 10.46 0.81 13.77
CA SER A 131 11.86 0.40 13.95
C SER A 131 12.86 1.31 13.24
N GLY A 132 12.38 2.21 12.40
CA GLY A 132 13.24 3.15 11.70
C GLY A 132 13.27 2.96 10.21
N TYR A 133 12.28 3.53 9.51
CA TYR A 133 12.19 3.49 8.06
C TYR A 133 11.71 4.84 7.54
N SER A 134 12.67 5.77 7.35
CA SER A 134 12.43 7.14 6.90
C SER A 134 13.58 7.64 6.03
N SER A 135 13.36 8.76 5.32
CA SER A 135 14.41 9.40 4.50
C SER A 135 15.42 10.06 5.43
N GLU A 136 14.96 10.47 6.64
CA GLU A 136 15.78 11.09 7.67
C GLU A 136 16.81 10.10 8.22
N LEU A 137 16.46 8.80 8.26
CA LEU A 137 17.29 7.74 8.80
C LEU A 137 18.05 6.88 7.79
N ASN A 138 17.38 6.49 6.69
CA ASN A 138 17.92 5.54 5.73
C ASN A 138 18.57 6.12 4.49
N ASP A 139 18.31 7.40 4.15
CA ASP A 139 18.99 8.00 3.00
C ASP A 139 20.43 8.30 3.41
N ILE A 140 21.37 8.19 2.47
CA ILE A 140 22.79 8.41 2.77
C ILE A 140 23.10 9.92 2.79
N SER A 141 23.23 10.48 4.00
CA SER A 141 23.53 11.90 4.23
C SER A 141 25.03 12.12 4.23
N ILE A 142 25.48 13.35 3.88
CA ILE A 142 26.89 13.70 3.82
C ILE A 142 27.27 14.87 4.74
N GLY A 143 28.37 14.70 5.46
CA GLY A 143 28.97 15.69 6.35
C GLY A 143 30.11 16.38 5.65
N LEU A 144 30.16 17.72 5.71
CA LEU A 144 31.19 18.50 5.02
C LEU A 144 32.29 19.05 5.93
N THR A 145 31.93 19.51 7.14
CA THR A 145 32.88 20.05 8.11
C THR A 145 32.94 19.13 9.35
N PRO A 146 34.08 19.07 10.09
CA PRO A 146 34.13 18.16 11.26
C PRO A 146 33.03 18.33 12.32
N ASN A 147 32.28 19.45 12.28
CA ASN A 147 31.18 19.72 13.22
C ASN A 147 29.81 19.79 12.52
N ASP A 148 29.75 19.38 11.23
CA ASP A 148 28.51 19.33 10.45
C ASP A 148 27.67 18.13 10.91
N THR A 149 26.35 18.34 11.08
CA THR A 149 25.44 17.28 11.51
C THR A 149 25.02 16.43 10.31
N ILE A 150 25.47 15.16 10.29
CA ILE A 150 25.14 14.19 9.24
C ILE A 150 23.73 13.66 9.54
N LYS A 151 23.52 13.16 10.77
CA LYS A 151 22.24 12.62 11.24
C LYS A 151 21.82 13.24 12.56
N GLU A 152 20.55 13.67 12.63
CA GLU A 152 19.95 14.24 13.84
C GLU A 152 19.57 13.10 14.78
N PRO A 153 19.62 13.28 16.13
CA PRO A 153 19.24 12.18 17.03
C PRO A 153 17.76 11.80 16.89
N SER A 154 17.47 10.49 16.93
CA SER A 154 16.12 9.96 16.77
C SER A 154 15.89 8.75 17.66
N THR A 155 14.62 8.47 17.98
CA THR A 155 14.20 7.32 18.79
C THR A 155 13.49 6.32 17.89
N VAL A 156 13.89 5.05 17.98
CA VAL A 156 13.27 3.95 17.20
C VAL A 156 12.59 2.96 18.15
N TYR A 157 11.49 2.34 17.71
CA TYR A 157 10.71 1.41 18.52
C TYR A 157 10.66 0.04 17.84
N VAL A 158 11.22 -0.98 18.52
CA VAL A 158 11.31 -2.35 18.01
C VAL A 158 10.29 -3.24 18.70
N TYR A 159 9.27 -3.71 17.95
CA TYR A 159 8.25 -4.58 18.51
C TYR A 159 8.75 -6.01 18.60
N ILE A 160 9.05 -6.48 19.83
CA ILE A 160 9.51 -7.84 20.10
C ILE A 160 8.27 -8.75 20.13
N LYS A 161 7.84 -9.23 18.94
CA LYS A 161 6.69 -10.13 18.80
C LYS A 161 6.99 -11.46 19.49
N THR A 162 6.20 -11.78 20.52
CA THR A 162 6.33 -13.01 21.31
C THR A 162 5.04 -13.84 21.19
N PRO A 163 5.04 -15.16 21.51
CA PRO A 163 3.78 -15.93 21.43
C PRO A 163 2.73 -15.51 22.47
N PHE A 164 3.08 -14.56 23.35
CA PHE A 164 2.18 -14.05 24.39
C PHE A 164 1.21 -12.98 23.89
N ASP A 165 1.40 -12.53 22.62
CA ASP A 165 0.57 -11.50 21.98
C ASP A 165 -0.53 -12.08 21.09
N VAL A 166 -0.39 -13.36 20.68
CA VAL A 166 -1.29 -14.11 19.78
C VAL A 166 -2.78 -13.86 20.11
N GLU A 167 -3.20 -14.15 21.35
CA GLU A 167 -4.60 -13.95 21.77
C GLU A 167 -4.71 -12.97 22.95
N ASP A 168 -3.95 -11.86 22.87
CA ASP A 168 -3.89 -10.75 23.83
C ASP A 168 -3.75 -11.21 25.30
N THR A 169 -4.80 -11.01 26.12
CA THR A 169 -4.81 -11.37 27.55
C THR A 169 -4.76 -12.89 27.77
N PHE A 170 -5.40 -13.68 26.89
CA PHE A 170 -5.46 -15.15 26.96
C PHE A 170 -4.07 -15.79 26.80
N SER A 171 -3.24 -15.23 25.90
CA SER A 171 -1.90 -15.73 25.58
C SER A 171 -0.77 -15.13 26.44
N SER A 172 -1.03 -14.01 27.14
CA SER A 172 -0.09 -13.26 27.98
C SER A 172 0.75 -14.11 28.94
N LEU A 173 2.02 -13.71 29.14
CA LEU A 173 2.96 -14.37 30.04
C LEU A 173 2.58 -14.02 31.48
N LYS A 174 2.17 -15.02 32.27
CA LYS A 174 1.81 -14.83 33.68
C LYS A 174 3.08 -14.98 34.51
N LEU A 175 3.30 -14.06 35.49
CA LEU A 175 4.51 -14.09 36.31
C LEU A 175 4.25 -13.90 37.83
N SER A 176 3.10 -14.37 38.34
CA SER A 176 2.73 -14.26 39.75
C SER A 176 3.70 -15.03 40.67
N SER A 178 7.11 -14.37 40.60
CA SER A 178 8.33 -14.81 39.92
C SER A 178 9.04 -13.67 39.16
N LYS A 179 10.39 -13.70 39.16
CA LYS A 179 11.22 -12.69 38.50
C LYS A 179 11.45 -13.10 37.05
N ILE A 180 11.06 -12.21 36.11
CA ILE A 180 11.23 -12.38 34.67
C ILE A 180 12.32 -11.43 34.19
N THR A 181 13.35 -11.98 33.52
CA THR A 181 14.47 -11.21 33.01
C THR A 181 14.52 -11.27 31.48
N VAL A 182 14.36 -10.11 30.83
CA VAL A 182 14.42 -9.97 29.38
C VAL A 182 15.84 -9.52 29.03
N THR A 183 16.57 -10.38 28.32
CA THR A 183 17.94 -10.12 27.91
C THR A 183 18.00 -9.85 26.41
N VAL A 184 18.52 -8.67 26.03
CA VAL A 184 18.65 -8.25 24.64
C VAL A 184 20.12 -8.10 24.25
N THR A 185 20.60 -9.01 23.38
CA THR A 185 21.97 -9.01 22.88
C THR A 185 21.99 -8.18 21.59
N PHE A 186 22.95 -7.25 21.47
CA PHE A 186 23.05 -6.35 20.33
C PHE A 186 24.14 -6.71 19.34
N ASN A 187 23.85 -6.52 18.05
CA ASN A 187 24.79 -6.69 16.95
C ASN A 187 25.74 -5.46 16.97
N PRO A 188 27.00 -5.54 16.48
CA PRO A 188 27.86 -4.35 16.48
C PRO A 188 27.28 -3.24 15.60
N VAL A 189 27.55 -1.96 15.93
CA VAL A 189 27.04 -0.80 15.19
C VAL A 189 27.43 -0.85 13.70
N SER A 190 28.48 -1.62 13.36
CA SER A 190 28.96 -1.82 12.01
C SER A 190 27.85 -2.38 11.12
N ASP A 191 27.05 -3.33 11.66
CA ASP A 191 25.94 -3.99 10.99
C ASP A 191 24.78 -3.07 10.60
N ILE A 192 24.50 -2.04 11.44
CA ILE A 192 23.37 -1.12 11.23
C ILE A 192 23.74 0.20 10.54
N VAL A 193 24.98 0.32 10.05
CA VAL A 193 25.48 1.54 9.42
C VAL A 193 26.03 1.33 8.00
N ILE A 194 25.68 2.26 7.08
CA ILE A 194 26.16 2.31 5.69
C ILE A 194 26.98 3.61 5.62
N ARG A 195 28.30 3.48 5.43
N ARG A 195 28.30 3.48 5.44
CA ARG A 195 29.24 4.60 5.40
CA ARG A 195 29.24 4.61 5.40
C ARG A 195 30.35 4.44 4.35
C ARG A 195 30.35 4.43 4.35
N ASP A 196 31.01 5.55 3.97
CA ASP A 196 32.11 5.54 3.02
C ASP A 196 33.45 5.62 3.80
N SER A 197 34.59 5.59 3.09
CA SER A 197 35.94 5.67 3.66
C SER A 197 36.19 7.02 4.34
N SER A 198 35.61 8.11 3.78
CA SER A 198 35.71 9.49 4.30
C SER A 198 35.20 9.61 5.74
N PHE A 199 34.16 8.84 6.10
CA PHE A 199 33.57 8.83 7.43
C PHE A 199 34.51 8.15 8.44
N ASP A 200 34.71 8.81 9.60
CA ASP A 200 35.56 8.31 10.68
C ASP A 200 34.79 7.28 11.51
N PHE A 201 34.70 6.05 11.00
CA PHE A 201 33.98 4.97 11.67
C PHE A 201 34.69 4.54 12.96
N GLU A 202 36.04 4.57 12.96
CA GLU A 202 36.89 4.20 14.10
C GLU A 202 36.45 4.94 15.37
N THR A 203 36.29 6.28 15.27
CA THR A 203 35.85 7.14 16.37
C THR A 203 34.38 6.89 16.68
N PHE A 204 33.54 6.67 15.63
CA PHE A 204 32.10 6.41 15.78
C PHE A 204 31.83 5.14 16.59
N ASN A 205 32.49 4.01 16.26
CA ASN A 205 32.34 2.73 16.95
C ASN A 205 32.72 2.83 18.43
N LYS A 206 33.75 3.65 18.72
CA LYS A 206 34.26 3.90 20.07
C LYS A 206 33.24 4.72 20.88
N GLU A 207 32.72 5.81 20.28
CA GLU A 207 31.76 6.72 20.91
C GLU A 207 30.33 6.18 21.01
N PHE A 208 29.88 5.34 20.03
CA PHE A 208 28.53 4.80 20.01
C PHE A 208 28.27 3.82 21.15
N VAL A 209 27.12 4.02 21.80
CA VAL A 209 26.60 3.18 22.87
C VAL A 209 25.11 2.99 22.68
N TYR A 210 24.64 1.74 22.75
CA TYR A 210 23.23 1.42 22.62
C TYR A 210 22.50 1.90 23.88
N VAL A 211 21.43 2.70 23.69
CA VAL A 211 20.63 3.25 24.80
C VAL A 211 19.21 2.63 24.76
N PRO A 212 19.03 1.41 25.32
CA PRO A 212 17.72 0.76 25.22
C PRO A 212 16.79 0.99 26.41
N GLU A 213 15.50 0.74 26.19
CA GLU A 213 14.45 0.87 27.19
C GLU A 213 13.33 -0.10 26.81
N LEU A 214 13.01 -1.05 27.69
CA LEU A 214 11.99 -2.05 27.42
C LEU A 214 10.63 -1.68 27.99
N SER A 215 9.65 -1.61 27.08
CA SER A 215 8.27 -1.30 27.40
C SER A 215 7.45 -2.56 27.20
N PHE A 216 6.40 -2.73 28.01
CA PHE A 216 5.49 -3.88 27.94
C PHE A 216 4.13 -3.51 28.52
N ILE A 217 3.06 -4.19 28.08
CA ILE A 217 1.74 -3.97 28.64
C ILE A 217 1.63 -4.92 29.83
N GLY A 218 1.67 -4.34 31.02
CA GLY A 218 1.56 -5.09 32.27
C GLY A 218 0.11 -5.14 32.69
N TYR A 219 -0.28 -6.24 33.36
CA TYR A 219 -1.66 -6.45 33.81
C TYR A 219 -1.68 -6.79 35.29
N MET A 220 -2.53 -6.07 36.07
CA MET A 220 -2.72 -6.31 37.49
CA MET A 220 -2.74 -6.29 37.50
C MET A 220 -4.04 -7.08 37.62
N VAL A 221 -3.96 -8.41 37.78
CA VAL A 221 -5.14 -9.27 37.84
C VAL A 221 -5.56 -9.62 39.28
N LYS A 222 -6.81 -9.30 39.62
CA LYS A 222 -7.41 -9.61 40.91
C LYS A 222 -7.95 -11.04 40.85
N ASN A 223 -7.38 -11.95 41.67
CA ASN A 223 -7.69 -13.37 41.78
C ASN A 223 -7.53 -14.11 40.44
N VAL A 224 -6.30 -14.11 39.91
CA VAL A 224 -5.94 -14.75 38.66
C VAL A 224 -6.06 -16.29 38.74
N GLN A 225 -6.69 -16.89 37.73
CA GLN A 225 -6.86 -18.34 37.65
C GLN A 225 -5.97 -18.82 36.49
N ILE A 226 -4.74 -19.24 36.82
CA ILE A 226 -3.74 -19.66 35.83
C ILE A 226 -3.87 -21.13 35.46
N LYS A 227 -3.95 -21.41 34.16
CA LYS A 227 -4.02 -22.74 33.55
C LYS A 227 -2.76 -22.94 32.69
N PRO A 228 -2.25 -24.18 32.48
CA PRO A 228 -1.04 -24.34 31.64
C PRO A 228 -1.30 -24.04 30.15
N SER A 229 -0.24 -23.65 29.44
CA SER A 229 -0.32 -23.31 28.03
C SER A 229 0.79 -23.97 27.21
N PHE A 230 0.77 -23.76 25.89
CA PHE A 230 1.76 -24.27 24.96
C PHE A 230 2.47 -23.11 24.27
N ILE A 231 3.74 -23.32 23.91
CA ILE A 231 4.56 -22.30 23.26
C ILE A 231 5.45 -22.91 22.16
N GLU A 232 5.63 -22.16 21.07
CA GLU A 232 6.49 -22.56 19.94
C GLU A 232 7.81 -21.80 20.08
N LYS A 233 8.93 -22.53 20.17
CA LYS A 233 10.25 -21.92 20.33
C LYS A 233 11.11 -22.15 19.05
N PRO A 234 11.57 -21.08 18.37
CA PRO A 234 12.37 -21.27 17.15
C PRO A 234 13.84 -21.65 17.45
N ARG A 235 14.41 -22.49 16.57
CA ARG A 235 15.80 -22.95 16.65
C ARG A 235 16.37 -22.89 15.26
N ARG A 236 17.34 -22.00 15.01
CA ARG A 236 17.95 -21.94 13.70
C ARG A 236 19.30 -22.67 13.69
N VAL A 237 19.57 -23.38 12.58
CA VAL A 237 20.81 -24.11 12.35
C VAL A 237 21.39 -23.54 11.05
N ILE A 238 22.62 -23.02 11.13
CA ILE A 238 23.29 -22.46 9.96
C ILE A 238 24.32 -23.48 9.49
N GLY A 239 24.25 -23.83 8.20
CA GLY A 239 25.18 -24.77 7.59
C GLY A 239 26.55 -24.18 7.38
N GLN A 240 27.52 -25.03 7.03
CA GLN A 240 28.90 -24.62 6.75
C GLN A 240 28.88 -23.82 5.45
N ILE A 241 29.78 -22.83 5.30
CA ILE A 241 29.86 -21.97 4.11
C ILE A 241 29.83 -22.81 2.82
N ASN A 242 28.87 -22.49 1.91
CA ASN A 242 28.58 -23.11 0.61
C ASN A 242 28.08 -24.57 0.68
N GLN A 243 27.92 -25.16 1.89
CA GLN A 243 27.44 -26.53 2.04
C GLN A 243 25.92 -26.61 1.81
N PRO A 244 25.45 -27.49 0.90
CA PRO A 244 24.00 -27.56 0.63
C PRO A 244 23.20 -28.45 1.59
N THR A 245 23.74 -28.70 2.80
CA THR A 245 23.09 -29.54 3.81
C THR A 245 23.20 -28.95 5.21
N ALA A 246 22.16 -29.17 6.02
CA ALA A 246 22.05 -28.74 7.42
C ALA A 246 21.11 -29.69 8.15
N THR A 247 21.43 -30.01 9.42
CA THR A 247 20.60 -30.93 10.20
C THR A 247 20.23 -30.34 11.54
N VAL A 248 18.93 -30.46 11.87
CA VAL A 248 18.35 -30.01 13.14
C VAL A 248 18.08 -31.28 13.94
N THR A 249 18.87 -31.48 15.01
CA THR A 249 18.81 -32.67 15.88
C THR A 249 17.75 -32.55 16.97
N GLU A 250 17.40 -33.69 17.59
CA GLU A 250 16.42 -33.80 18.69
C GLU A 250 15.06 -33.15 18.36
N VAL A 251 14.52 -33.44 17.14
CA VAL A 251 13.21 -32.96 16.70
C VAL A 251 12.20 -33.98 17.20
N HIS A 252 11.37 -33.59 18.19
CA HIS A 252 10.38 -34.50 18.77
C HIS A 252 8.95 -34.07 18.51
N ALA A 253 8.68 -32.76 18.56
CA ALA A 253 7.36 -32.17 18.31
C ALA A 253 7.54 -30.79 17.68
N ALA A 254 7.54 -30.73 16.34
CA ALA A 254 7.74 -29.47 15.61
C ALA A 254 6.47 -28.99 14.89
N THR A 255 6.16 -27.70 15.04
CA THR A 255 4.99 -27.07 14.43
C THR A 255 5.28 -26.62 12.99
N SER A 256 6.53 -26.21 12.70
CA SER A 256 6.95 -25.76 11.38
C SER A 256 8.44 -25.92 11.13
N LEU A 257 8.85 -25.83 9.85
CA LEU A 257 10.24 -25.91 9.41
C LEU A 257 10.49 -24.99 8.22
N SER A 258 11.24 -23.89 8.45
CA SER A 258 11.59 -22.91 7.41
C SER A 258 13.00 -23.17 6.91
N VAL A 259 13.21 -22.96 5.60
CA VAL A 259 14.51 -23.13 4.94
C VAL A 259 14.76 -21.94 4.00
N TYR A 260 15.92 -21.29 4.18
CA TYR A 260 16.34 -20.16 3.33
C TYR A 260 17.86 -20.08 3.20
N THR A 261 18.34 -19.17 2.33
CA THR A 261 19.77 -18.95 2.08
C THR A 261 20.18 -17.55 2.49
N LYS A 262 21.46 -17.42 2.85
CA LYS A 262 22.07 -16.17 3.26
C LYS A 262 23.45 -15.99 2.61
N PRO A 263 23.83 -14.78 2.19
CA PRO A 263 25.18 -14.61 1.65
C PRO A 263 26.20 -14.39 2.75
N TYR A 264 27.44 -14.86 2.54
CA TYR A 264 28.53 -14.66 3.49
C TYR A 264 29.55 -13.75 2.82
N TYR A 265 29.77 -12.55 3.40
CA TYR A 265 30.70 -11.58 2.82
C TYR A 265 32.03 -11.46 3.57
N GLY A 266 32.55 -12.60 4.03
CA GLY A 266 33.81 -12.66 4.75
C GLY A 266 35.01 -12.45 3.85
N ASN A 267 34.99 -13.07 2.66
CA ASN A 267 36.04 -12.97 1.63
C ASN A 267 36.13 -11.57 0.99
N THR A 268 35.16 -10.69 1.28
CA THR A 268 35.09 -9.33 0.75
C THR A 268 35.29 -8.29 1.87
N ASP A 269 35.54 -7.01 1.49
CA ASP A 269 35.70 -5.92 2.45
C ASP A 269 34.33 -5.22 2.75
N ASN A 270 33.21 -5.84 2.28
CA ASN A 270 31.82 -5.41 2.43
C ASN A 270 31.50 -4.05 1.78
N LYS A 271 32.39 -3.59 0.88
CA LYS A 271 32.23 -2.33 0.15
C LYS A 271 31.45 -2.58 -1.14
N PHE A 272 30.48 -1.70 -1.42
CA PHE A 272 29.62 -1.75 -2.60
C PHE A 272 29.68 -0.41 -3.34
N ILE A 273 29.53 -0.42 -4.67
CA ILE A 273 29.59 0.79 -5.49
C ILE A 273 28.42 1.75 -5.17
N SER A 274 27.18 1.24 -5.14
CA SER A 274 26.00 2.06 -4.93
C SER A 274 25.00 1.54 -3.91
N TYR A 275 24.23 2.49 -3.33
CA TYR A 275 23.13 2.25 -2.41
C TYR A 275 22.02 3.30 -2.64
N PRO A 276 20.73 2.90 -2.77
CA PRO A 276 19.68 3.88 -3.09
C PRO A 276 19.14 4.72 -1.92
N GLY A 277 19.39 4.27 -0.70
CA GLY A 277 18.95 4.95 0.50
C GLY A 277 17.61 4.43 0.99
N TYR A 278 16.69 5.37 1.30
CA TYR A 278 15.33 5.08 1.78
C TYR A 278 14.49 4.36 0.71
N SER A 279 14.67 4.74 -0.57
CA SER A 279 14.00 4.15 -1.73
C SER A 279 14.51 2.72 -1.88
N GLN A 280 13.70 1.72 -1.49
CA GLN A 280 14.13 0.33 -1.44
C GLN A 280 13.62 -0.60 -2.57
N ASP A 281 12.94 -0.08 -3.61
CA ASP A 281 12.47 -0.93 -4.71
C ASP A 281 13.63 -1.46 -5.57
N GLU A 282 13.40 -2.57 -6.29
CA GLU A 282 14.38 -3.21 -7.18
C GLU A 282 14.90 -2.19 -8.18
N LYS A 283 14.00 -1.40 -8.80
CA LYS A 283 14.33 -0.34 -9.75
C LYS A 283 15.18 0.74 -9.09
N ASP A 284 14.89 1.08 -7.81
CA ASP A 284 15.64 2.09 -7.05
C ASP A 284 17.10 1.67 -6.87
N TYR A 285 17.34 0.38 -6.58
CA TYR A 285 18.67 -0.21 -6.43
C TYR A 285 19.45 -0.15 -7.75
N ILE A 286 18.77 -0.47 -8.87
CA ILE A 286 19.33 -0.46 -10.22
C ILE A 286 19.65 0.96 -10.67
N ASP A 287 18.69 1.89 -10.53
CA ASP A 287 18.85 3.29 -10.92
C ASP A 287 20.02 3.96 -10.21
N ALA A 288 20.24 3.67 -8.91
CA ALA A 288 21.36 4.20 -8.12
C ALA A 288 22.71 3.76 -8.69
N TYR A 289 22.81 2.47 -9.09
CA TYR A 289 24.00 1.85 -9.68
C TYR A 289 24.32 2.47 -11.04
N VAL A 290 23.29 2.62 -11.89
CA VAL A 290 23.42 3.22 -13.23
C VAL A 290 23.90 4.66 -13.07
N SER A 291 23.31 5.41 -12.10
CA SER A 291 23.66 6.79 -11.78
C SER A 291 25.12 6.94 -11.38
N ARG A 292 25.64 5.98 -10.58
CA ARG A 292 27.04 5.99 -10.11
C ARG A 292 28.03 5.68 -11.24
N LEU A 293 27.67 4.76 -12.14
CA LEU A 293 28.53 4.38 -13.27
C LEU A 293 28.62 5.47 -14.34
N LEU A 294 27.48 6.13 -14.64
CA LEU A 294 27.34 7.16 -15.67
C LEU A 294 28.35 8.31 -15.58
N ASP A 295 28.86 8.62 -14.38
CA ASP A 295 29.86 9.67 -14.15
C ASP A 295 31.16 9.37 -14.93
N ASP A 296 31.53 8.07 -14.98
CA ASP A 296 32.73 7.57 -15.67
C ASP A 296 32.42 6.88 -17.00
N LEU A 297 31.17 6.46 -17.21
CA LEU A 297 30.78 5.75 -18.43
C LEU A 297 30.82 6.63 -19.67
N VAL A 298 30.28 7.86 -19.59
CA VAL A 298 30.27 8.82 -20.69
C VAL A 298 30.96 10.11 -20.25
N ILE A 299 32.11 10.43 -20.87
CA ILE A 299 32.94 11.58 -20.53
C ILE A 299 33.00 12.60 -21.67
N VAL A 300 32.79 13.88 -21.34
CA VAL A 300 32.88 14.99 -22.29
C VAL A 300 34.18 15.73 -21.91
N SER A 301 35.23 15.56 -22.71
CA SER A 301 36.54 16.15 -22.44
C SER A 301 37.24 16.68 -23.70
N ASP A 302 38.18 17.63 -23.51
CA ASP A 302 39.01 18.19 -24.56
C ASP A 302 40.19 17.21 -24.65
N GLY A 303 40.16 16.37 -25.68
CA GLY A 303 41.16 15.32 -25.88
C GLY A 303 40.85 14.09 -25.04
N PRO A 304 41.71 13.05 -25.04
CA PRO A 304 41.40 11.84 -24.25
C PRO A 304 41.27 12.10 -22.74
N PRO A 305 40.25 11.49 -22.08
CA PRO A 305 40.06 11.75 -20.64
C PRO A 305 41.18 11.24 -19.75
N THR A 306 41.50 12.01 -18.71
CA THR A 306 42.57 11.74 -17.76
C THR A 306 42.02 11.47 -16.36
N GLY A 307 42.81 10.77 -15.55
CA GLY A 307 42.45 10.42 -14.17
C GLY A 307 41.94 9.00 -14.03
N TYR A 308 42.06 8.20 -15.09
CA TYR A 308 41.62 6.82 -15.15
C TYR A 308 42.83 5.86 -15.22
N PRO A 309 42.70 4.58 -14.78
CA PRO A 309 43.85 3.66 -14.84
C PRO A 309 44.33 3.40 -16.26
N GLU A 310 45.58 2.92 -16.41
CA GLU A 310 46.16 2.61 -17.71
C GLU A 310 45.44 1.44 -18.39
N SER A 311 44.79 0.58 -17.59
CA SER A 311 44.01 -0.58 -18.03
C SER A 311 42.73 -0.18 -18.75
N ALA A 312 42.18 1.02 -18.44
CA ALA A 312 40.95 1.56 -19.00
C ALA A 312 41.06 1.86 -20.50
N GLU A 313 40.01 1.51 -21.26
CA GLU A 313 39.91 1.71 -22.71
C GLU A 313 38.76 2.68 -23.01
N ILE A 314 39.07 3.98 -23.04
CA ILE A 314 38.08 5.03 -23.29
C ILE A 314 38.14 5.44 -24.77
N VAL A 315 37.15 4.95 -25.53
CA VAL A 315 37.01 5.16 -26.97
C VAL A 315 36.17 6.41 -27.26
N GLU A 316 36.59 7.23 -28.26
CA GLU A 316 35.85 8.41 -28.71
C GLU A 316 34.65 7.95 -29.52
N VAL A 317 33.47 8.51 -29.23
CA VAL A 317 32.21 8.18 -29.91
C VAL A 317 32.24 8.74 -31.36
N PRO A 318 32.05 7.88 -32.39
CA PRO A 318 32.08 8.39 -33.78
C PRO A 318 30.86 9.24 -34.14
N GLU A 319 30.90 9.94 -35.31
CA GLU A 319 29.81 10.79 -35.83
C GLU A 319 28.49 10.02 -35.89
N ASP A 320 28.57 8.71 -36.17
CA ASP A 320 27.50 7.71 -36.23
C ASP A 320 26.78 7.57 -34.88
N GLY A 321 27.51 7.79 -33.79
CA GLY A 321 27.03 7.69 -32.42
C GLY A 321 27.16 6.30 -31.79
N ILE A 322 27.44 5.27 -32.63
CA ILE A 322 27.55 3.88 -32.20
C ILE A 322 29.01 3.46 -31.96
N VAL A 323 29.28 2.93 -30.76
CA VAL A 323 30.58 2.40 -30.31
C VAL A 323 30.41 0.89 -30.15
N SER A 324 31.26 0.10 -30.82
CA SER A 324 31.16 -1.36 -30.76
C SER A 324 32.17 -2.01 -29.81
N ILE A 325 31.66 -2.48 -28.65
CA ILE A 325 32.45 -3.21 -27.66
C ILE A 325 32.14 -4.66 -27.97
N GLN A 326 32.98 -5.30 -28.81
CA GLN A 326 32.81 -6.68 -29.31
C GLN A 326 31.47 -6.78 -30.08
N ASP A 327 30.60 -7.74 -29.70
CA ASP A 327 29.29 -7.97 -30.29
C ASP A 327 28.27 -6.87 -29.89
N ALA A 328 28.43 -6.31 -28.67
CA ALA A 328 27.58 -5.28 -28.07
C ALA A 328 27.78 -3.89 -28.67
N ASP A 329 26.67 -3.23 -29.04
CA ASP A 329 26.67 -1.88 -29.62
C ASP A 329 26.08 -0.85 -28.64
N VAL A 330 26.79 0.25 -28.40
CA VAL A 330 26.38 1.32 -27.49
C VAL A 330 26.15 2.61 -28.29
N TYR A 331 24.93 3.17 -28.23
CA TYR A 331 24.57 4.41 -28.92
C TYR A 331 24.67 5.58 -27.95
N VAL A 332 25.66 6.47 -28.15
CA VAL A 332 25.88 7.62 -27.28
C VAL A 332 25.74 8.93 -28.06
N LYS A 333 24.76 9.77 -27.67
CA LYS A 333 24.53 11.08 -28.29
C LYS A 333 24.21 12.14 -27.23
N ILE A 334 25.18 13.04 -26.97
CA ILE A 334 25.07 14.13 -25.99
C ILE A 334 24.96 15.47 -26.71
N ASP A 335 23.95 16.27 -26.33
CA ASP A 335 23.68 17.60 -26.90
C ASP A 335 24.51 18.69 -26.24
N ASN A 336 24.64 19.84 -26.93
CA ASN A 336 25.35 21.05 -26.52
C ASN A 336 26.79 20.79 -26.01
N VAL A 337 27.53 19.95 -26.74
CA VAL A 337 28.92 19.61 -26.43
C VAL A 337 29.79 20.73 -27.03
N PRO A 338 30.72 21.36 -26.25
CA PRO A 338 31.56 22.43 -26.80
C PRO A 338 32.38 21.99 -28.00
N ASP A 339 32.67 22.94 -28.89
CA ASP A 339 33.43 22.76 -30.12
C ASP A 339 34.84 22.20 -29.92
N ASN A 340 35.48 22.54 -28.78
CA ASN A 340 36.82 22.07 -28.41
C ASN A 340 36.80 20.67 -27.76
N MET A 341 35.61 20.20 -27.32
CA MET A 341 35.44 18.91 -26.65
C MET A 341 34.78 17.81 -27.50
N SER A 342 35.02 16.54 -27.13
CA SER A 342 34.47 15.34 -27.80
C SER A 342 33.81 14.40 -26.79
N VAL A 343 32.87 13.55 -27.28
CA VAL A 343 32.16 12.57 -26.45
C VAL A 343 32.96 11.26 -26.43
N TYR A 344 33.27 10.78 -25.21
CA TYR A 344 34.03 9.56 -24.96
C TYR A 344 33.21 8.54 -24.18
N LEU A 345 33.46 7.24 -24.43
CA LEU A 345 32.79 6.14 -23.75
C LEU A 345 33.82 5.18 -23.15
N HIS A 346 33.68 4.86 -21.87
CA HIS A 346 34.54 3.91 -21.17
C HIS A 346 34.01 2.53 -21.57
N THR A 347 34.78 1.81 -22.39
CA THR A 347 34.35 0.51 -22.94
C THR A 347 34.61 -0.69 -22.00
N ASN A 348 35.30 -0.48 -20.86
CA ASN A 348 35.59 -1.54 -19.90
C ASN A 348 35.59 -0.98 -18.45
N LEU A 349 34.50 -0.26 -18.09
CA LEU A 349 34.34 0.34 -16.76
C LEU A 349 34.58 -0.66 -15.63
N LEU A 350 33.92 -1.82 -15.72
CA LEU A 350 34.06 -2.93 -14.78
C LEU A 350 34.08 -4.21 -15.61
N MET A 351 35.15 -5.00 -15.51
CA MET A 351 35.25 -6.24 -16.27
C MET A 351 35.77 -7.40 -15.43
N PHE A 352 35.34 -8.63 -15.77
CA PHE A 352 35.72 -9.85 -15.07
C PHE A 352 35.86 -11.04 -16.01
N GLY A 353 36.93 -11.79 -15.80
CA GLY A 353 37.28 -12.99 -16.53
C GLY A 353 38.32 -13.79 -15.77
N THR A 354 38.27 -15.13 -15.90
CA THR A 354 39.22 -16.02 -15.21
C THR A 354 40.37 -16.43 -16.13
N ARG A 355 40.20 -16.26 -17.46
CA ARG A 355 41.21 -16.56 -18.48
C ARG A 355 41.43 -15.35 -19.40
N LYS A 356 42.69 -15.11 -19.81
CA LYS A 356 43.14 -13.95 -20.59
C LYS A 356 42.42 -13.73 -21.93
N ASN A 357 42.05 -14.81 -22.65
CA ASN A 357 41.36 -14.66 -23.94
C ASN A 357 40.04 -15.42 -24.01
N SER A 358 39.29 -15.44 -22.89
CA SER A 358 38.01 -16.14 -22.76
C SER A 358 36.84 -15.15 -22.63
N PHE A 359 35.71 -15.58 -22.02
CA PHE A 359 34.49 -14.79 -21.81
C PHE A 359 34.76 -13.66 -20.82
N ILE A 360 34.28 -12.46 -21.17
CA ILE A 360 34.44 -11.27 -20.34
C ILE A 360 33.07 -10.76 -19.90
N TYR A 361 32.92 -10.51 -18.59
CA TYR A 361 31.70 -9.91 -18.07
C TYR A 361 32.00 -8.42 -17.92
N ASN A 362 31.62 -7.64 -18.95
CA ASN A 362 31.86 -6.20 -19.03
C ASN A 362 30.58 -5.42 -18.73
N ILE A 363 30.64 -4.53 -17.72
CA ILE A 363 29.48 -3.73 -17.33
C ILE A 363 29.12 -2.70 -18.41
N SER A 364 30.11 -2.23 -19.19
CA SER A 364 29.90 -1.25 -20.26
C SER A 364 29.07 -1.88 -21.39
N LYS A 365 29.22 -3.21 -21.59
CA LYS A 365 28.48 -3.98 -22.60
C LYS A 365 26.98 -4.04 -22.26
N LYS A 366 26.62 -3.85 -20.96
CA LYS A 366 25.25 -3.88 -20.45
C LYS A 366 24.44 -2.61 -20.77
N PHE A 367 25.05 -1.65 -21.50
CA PHE A 367 24.41 -0.40 -21.93
C PHE A 367 24.21 -0.40 -23.44
N SER A 368 23.00 -0.04 -23.90
CA SER A 368 22.67 0.00 -25.33
C SER A 368 22.50 1.42 -25.88
N ALA A 369 21.99 2.35 -25.05
CA ALA A 369 21.81 3.75 -25.43
C ALA A 369 21.97 4.70 -24.25
N ILE A 370 22.68 5.83 -24.48
CA ILE A 370 22.93 6.90 -23.50
C ILE A 370 22.72 8.25 -24.19
N THR A 371 21.71 9.02 -23.73
CA THR A 371 21.41 10.35 -24.28
C THR A 371 21.38 11.39 -23.15
N GLY A 372 21.86 12.58 -23.45
CA GLY A 372 21.91 13.68 -22.50
C GLY A 372 22.28 15.01 -23.11
N THR A 373 22.49 16.03 -22.25
CA THR A 373 22.87 17.38 -22.65
C THR A 373 23.96 17.93 -21.74
N TYR A 374 25.05 18.46 -22.33
CA TYR A 374 26.15 19.04 -21.58
C TYR A 374 25.77 20.43 -21.10
N SER A 375 25.93 20.67 -19.79
CA SER A 375 25.65 21.95 -19.16
C SER A 375 26.96 22.76 -19.10
N ASP A 376 26.98 23.92 -19.77
CA ASP A 376 28.15 24.81 -19.82
C ASP A 376 28.39 25.47 -18.46
N ALA A 377 27.30 25.81 -17.75
CA ALA A 377 27.34 26.47 -16.45
C ALA A 377 27.96 25.60 -15.36
N THR A 378 27.50 24.34 -15.23
CA THR A 378 28.01 23.39 -14.21
C THR A 378 29.16 22.52 -14.73
N LYS A 379 29.47 22.61 -16.04
CA LYS A 379 30.53 21.87 -16.73
C LYS A 379 30.40 20.33 -16.56
N ARG A 380 29.15 19.84 -16.45
CA ARG A 380 28.81 18.42 -16.27
C ARG A 380 27.71 17.95 -17.23
N THR A 381 27.69 16.65 -17.54
CA THR A 381 26.70 16.04 -18.43
C THR A 381 25.42 15.71 -17.65
N ILE A 382 24.26 16.09 -18.20
CA ILE A 382 22.95 15.81 -17.59
C ILE A 382 22.24 14.77 -18.45
N PHE A 383 22.26 13.51 -17.99
CA PHE A 383 21.69 12.36 -18.71
C PHE A 383 20.16 12.36 -18.70
N ALA A 384 19.57 12.18 -19.90
CA ALA A 384 18.14 12.15 -20.10
C ALA A 384 17.57 10.73 -20.08
N HIS A 385 17.92 9.91 -21.09
CA HIS A 385 17.43 8.53 -21.22
C HIS A 385 18.55 7.52 -21.35
N ILE A 386 18.49 6.43 -20.55
CA ILE A 386 19.47 5.35 -20.53
C ILE A 386 18.79 4.00 -20.81
N SER A 387 19.25 3.30 -21.86
CA SER A 387 18.76 1.97 -22.23
C SER A 387 19.84 0.98 -21.79
N HIS A 388 19.51 0.12 -20.82
CA HIS A 388 20.46 -0.84 -20.27
C HIS A 388 19.82 -2.18 -19.88
N SER A 389 20.68 -3.15 -19.53
CA SER A 389 20.30 -4.48 -19.09
C SER A 389 20.82 -4.77 -17.67
N ILE A 390 21.07 -3.71 -16.87
CA ILE A 390 21.55 -3.80 -15.48
C ILE A 390 20.46 -4.45 -14.60
N ASN A 391 20.86 -5.48 -13.83
CA ASN A 391 19.95 -6.21 -12.94
C ASN A 391 20.30 -6.00 -11.46
N ILE A 392 19.45 -6.55 -10.56
CA ILE A 392 19.62 -6.46 -9.10
C ILE A 392 20.94 -7.12 -8.63
N ILE A 393 21.38 -8.19 -9.34
CA ILE A 393 22.60 -8.91 -9.03
C ILE A 393 23.84 -8.00 -9.19
N ASP A 394 23.91 -7.22 -10.30
CA ASP A 394 25.00 -6.29 -10.60
C ASP A 394 25.25 -5.30 -9.47
N THR A 395 24.16 -4.75 -8.90
CA THR A 395 24.15 -3.79 -7.80
C THR A 395 24.57 -4.44 -6.48
N SER A 396 24.47 -5.78 -6.39
CA SER A 396 24.77 -6.59 -5.21
C SER A 396 26.19 -7.21 -5.18
N ILE A 397 27.01 -6.91 -6.20
CA ILE A 397 28.37 -7.44 -6.28
C ILE A 397 29.33 -6.58 -5.43
N PRO A 398 29.99 -7.17 -4.40
CA PRO A 398 30.98 -6.40 -3.61
C PRO A 398 32.15 -5.98 -4.48
N VAL A 399 32.71 -4.78 -4.23
CA VAL A 399 33.83 -4.22 -5.02
C VAL A 399 35.05 -5.17 -5.01
N SER A 400 35.29 -5.88 -3.87
CA SER A 400 36.39 -6.85 -3.69
C SER A 400 36.47 -7.86 -4.81
N LEU A 401 35.32 -8.36 -5.28
CA LEU A 401 35.24 -9.38 -6.32
C LEU A 401 35.71 -8.90 -7.68
N TRP A 402 35.53 -7.60 -8.01
CA TRP A 402 36.00 -7.05 -9.28
C TRP A 402 37.53 -7.03 -9.31
N THR A 403 38.16 -6.65 -8.18
CA THR A 403 39.60 -6.58 -8.00
C THR A 403 40.17 -7.82 -7.29
N SER A 404 39.54 -8.99 -7.49
CA SER A 404 39.98 -10.24 -6.87
C SER A 404 41.12 -10.90 -7.63
N GLN A 405 41.81 -11.87 -6.99
CA GLN A 405 42.93 -12.62 -7.57
C GLN A 405 42.46 -13.49 -8.72
N ARG A 406 41.19 -13.98 -8.64
CA ARG A 406 40.53 -14.82 -9.67
C ARG A 406 40.49 -14.08 -11.01
N ASN A 407 40.33 -12.75 -10.97
CA ASN A 407 40.24 -11.90 -12.15
C ASN A 407 41.59 -11.64 -12.80
N VAL A 408 41.67 -11.95 -14.13
CA VAL A 408 42.86 -11.74 -14.95
C VAL A 408 43.06 -10.25 -15.24
N TYR A 409 41.97 -9.53 -15.51
CA TYR A 409 41.96 -8.09 -15.79
C TYR A 409 42.09 -7.27 -14.51
N ASN A 410 42.27 -5.93 -14.65
CA ASN A 410 42.38 -5.03 -13.51
C ASN A 410 41.09 -5.05 -12.68
N GLY A 411 39.94 -5.06 -13.38
CA GLY A 411 38.61 -5.14 -12.78
C GLY A 411 37.89 -3.83 -12.58
N ASP A 412 38.36 -3.02 -11.62
CA ASP A 412 37.76 -1.72 -11.32
C ASP A 412 38.51 -0.62 -12.07
N ASN A 413 37.99 -0.26 -13.25
CA ASN A 413 38.59 0.75 -14.11
C ASN A 413 37.91 2.12 -14.00
N ARG A 414 37.21 2.34 -12.86
CA ARG A 414 36.53 3.59 -12.53
C ARG A 414 37.56 4.66 -12.11
N SER A 415 37.11 5.92 -12.00
CA SER A 415 37.94 7.04 -11.55
C SER A 415 38.15 6.95 -10.04
N ALA A 416 39.19 7.64 -9.52
CA ALA A 416 39.50 7.67 -8.09
C ALA A 416 38.38 8.36 -7.31
N GLU A 417 37.69 9.32 -7.95
CA GLU A 417 36.56 10.09 -7.43
C GLU A 417 35.37 9.16 -7.16
N SER A 418 35.06 8.27 -8.13
CA SER A 418 33.97 7.28 -8.07
C SER A 418 34.25 6.24 -6.99
N LYS A 419 35.49 5.69 -6.97
CA LYS A 419 35.94 4.67 -6.01
C LYS A 419 35.86 5.15 -4.57
N ALA A 420 36.04 6.47 -4.35
CA ALA A 420 35.97 7.10 -3.03
C ALA A 420 34.54 7.12 -2.49
N LYS A 421 33.54 7.19 -3.39
CA LYS A 421 32.11 7.22 -3.09
C LYS A 421 31.51 5.85 -2.70
N ASP A 422 32.31 4.75 -2.81
CA ASP A 422 31.88 3.38 -2.46
C ASP A 422 31.50 3.29 -0.99
N LEU A 423 30.42 2.53 -0.69
CA LEU A 423 29.86 2.38 0.65
C LEU A 423 29.98 0.98 1.24
N PHE A 424 30.31 0.91 2.54
CA PHE A 424 30.40 -0.33 3.30
C PHE A 424 28.99 -0.69 3.77
N ILE A 425 28.49 -1.86 3.33
CA ILE A 425 27.17 -2.36 3.72
C ILE A 425 27.37 -3.68 4.46
N ASN A 426 26.96 -3.71 5.74
CA ASN A 426 27.10 -4.87 6.61
C ASN A 426 25.77 -5.35 7.21
N ASP A 427 24.63 -5.04 6.53
CA ASP A 427 23.27 -5.42 6.96
C ASP A 427 23.22 -6.90 7.38
N PRO A 428 22.82 -7.18 8.64
CA PRO A 428 22.88 -8.57 9.12
C PRO A 428 21.81 -9.51 8.61
N PHE A 429 20.68 -8.99 8.08
CA PHE A 429 19.55 -9.81 7.66
C PHE A 429 19.37 -9.92 6.13
N ILE A 430 20.48 -9.94 5.36
CA ILE A 430 20.43 -10.10 3.90
C ILE A 430 20.17 -11.58 3.58
N LYS A 431 19.29 -11.87 2.60
CA LYS A 431 18.98 -13.23 2.18
C LYS A 431 19.28 -13.40 0.68
N GLY A 432 19.53 -14.64 0.27
CA GLY A 432 19.85 -14.96 -1.12
C GLY A 432 21.22 -14.47 -1.53
N ILE A 433 21.35 -13.98 -2.78
CA ILE A 433 22.62 -13.48 -3.34
C ILE A 433 22.54 -12.00 -3.74
N ASP A 434 21.31 -11.43 -3.79
CA ASP A 434 21.06 -10.03 -4.12
C ASP A 434 20.39 -9.28 -2.96
N PHE A 435 20.52 -7.93 -2.96
CA PHE A 435 19.96 -7.04 -1.94
C PHE A 435 18.44 -7.09 -1.79
N LYS A 436 17.71 -7.47 -2.86
CA LYS A 436 16.26 -7.58 -2.83
C LYS A 436 15.74 -9.02 -2.69
N ASN A 437 16.67 -10.01 -2.54
CA ASN A 437 16.39 -11.44 -2.39
C ASN A 437 15.48 -11.95 -3.54
N LYS A 438 15.72 -11.43 -4.76
CA LYS A 438 14.97 -11.76 -5.97
C LYS A 438 15.36 -13.12 -6.50
N THR A 439 16.66 -13.32 -6.81
CA THR A 439 17.23 -14.53 -7.39
C THR A 439 16.98 -15.77 -6.53
N ASP A 440 16.35 -16.79 -7.13
CA ASP A 440 16.10 -18.04 -6.43
C ASP A 440 17.27 -18.95 -6.79
N ILE A 441 18.12 -19.24 -5.79
CA ILE A 441 19.30 -20.05 -6.01
C ILE A 441 19.07 -21.53 -5.67
N ILE A 442 17.98 -21.85 -4.94
CA ILE A 442 17.65 -23.24 -4.64
C ILE A 442 16.88 -23.81 -5.83
N SER A 443 17.40 -24.88 -6.44
CA SER A 443 16.77 -25.56 -7.58
C SER A 443 15.90 -26.73 -7.09
N ARG A 444 16.33 -27.39 -5.99
CA ARG A 444 15.61 -28.51 -5.39
C ARG A 444 15.81 -28.51 -3.88
N LEU A 445 14.75 -28.88 -3.14
CA LEU A 445 14.75 -28.98 -1.68
C LEU A 445 14.26 -30.37 -1.26
N GLU A 446 15.04 -31.03 -0.39
CA GLU A 446 14.77 -32.36 0.17
C GLU A 446 14.82 -32.24 1.69
N VAL A 447 13.75 -32.70 2.36
CA VAL A 447 13.65 -32.69 3.82
C VAL A 447 13.44 -34.13 4.29
N ARG A 448 14.36 -34.64 5.13
CA ARG A 448 14.29 -36.00 5.67
C ARG A 448 14.08 -35.99 7.18
N PHE A 449 13.06 -36.72 7.63
CA PHE A 449 12.75 -36.90 9.05
C PHE A 449 13.24 -38.29 9.40
N GLY A 450 14.38 -38.33 10.08
CA GLY A 450 15.07 -39.58 10.39
C GLY A 450 15.89 -39.94 9.17
N ASN A 451 15.49 -41.02 8.48
CA ASN A 451 16.18 -41.48 7.28
C ASN A 451 15.26 -41.43 6.06
N ASP A 452 13.94 -41.42 6.31
CA ASP A 452 12.87 -41.37 5.31
C ASP A 452 12.62 -39.93 4.83
N VAL A 453 12.32 -39.77 3.52
CA VAL A 453 12.03 -38.46 2.91
C VAL A 453 10.65 -37.97 3.36
N LEU A 454 10.62 -36.85 4.10
CA LEU A 454 9.40 -36.22 4.59
C LEU A 454 8.76 -35.35 3.51
N TYR A 455 9.58 -34.55 2.81
CA TYR A 455 9.12 -33.65 1.74
C TYR A 455 10.19 -33.38 0.71
N SER A 456 9.78 -33.23 -0.56
CA SER A 456 10.67 -32.91 -1.68
C SER A 456 9.94 -32.02 -2.68
N GLU A 457 10.64 -30.99 -3.20
CA GLU A 457 10.10 -30.06 -4.18
C GLU A 457 11.13 -29.56 -5.19
N ASN A 458 10.68 -29.30 -6.43
CA ASN A 458 11.51 -28.79 -7.53
C ASN A 458 11.23 -27.30 -7.76
N GLY A 459 10.06 -26.86 -7.30
CA GLY A 459 9.61 -25.46 -7.36
C GLY A 459 9.39 -24.90 -5.97
N PRO A 460 9.38 -23.56 -5.77
CA PRO A 460 9.18 -23.02 -4.42
C PRO A 460 7.71 -23.00 -3.98
N ILE A 461 6.99 -24.12 -4.16
CA ILE A 461 5.58 -24.25 -3.81
C ILE A 461 5.35 -24.06 -2.29
N SER A 462 6.32 -24.47 -1.44
CA SER A 462 6.26 -24.28 0.01
C SER A 462 6.37 -22.79 0.36
N ARG A 463 7.21 -22.04 -0.41
CA ARG A 463 7.38 -20.58 -0.27
C ARG A 463 6.08 -19.90 -0.70
N ILE A 464 5.46 -20.39 -1.79
CA ILE A 464 4.18 -19.89 -2.30
C ILE A 464 3.10 -20.05 -1.23
N TYR A 465 3.05 -21.24 -0.56
CA TYR A 465 2.10 -21.51 0.51
C TYR A 465 2.38 -20.67 1.73
N ASN A 466 3.66 -20.50 2.09
CA ASN A 466 4.05 -19.68 3.23
C ASN A 466 3.59 -18.22 3.03
N GLU A 467 3.87 -17.66 1.83
CA GLU A 467 3.47 -16.31 1.46
C GLU A 467 1.95 -16.13 1.49
N LEU A 468 1.21 -17.08 0.88
CA LEU A 468 -0.26 -17.08 0.82
C LEU A 468 -0.91 -17.18 2.20
N LEU A 469 -0.55 -18.21 2.97
CA LEU A 469 -1.11 -18.48 4.29
C LEU A 469 -0.83 -17.38 5.33
N THR A 470 0.36 -16.77 5.30
CA THR A 470 0.73 -15.71 6.24
C THR A 470 0.44 -14.28 5.70
N LYS A 471 -0.06 -14.19 4.44
CA LYS A 471 -0.35 -12.93 3.73
C LYS A 471 0.90 -12.01 3.77
N SER A 472 2.06 -12.59 3.43
CA SER A 472 3.35 -11.92 3.42
C SER A 472 3.89 -11.93 1.99
N ASN A 473 4.53 -10.83 1.56
CA ASN A 473 5.10 -10.73 0.21
C ASN A 473 6.58 -11.16 0.20
N ASN A 474 7.14 -11.45 1.40
CA ASN A 474 8.51 -11.88 1.58
C ASN A 474 8.59 -13.07 2.55
N GLY A 475 8.26 -14.24 2.02
CA GLY A 475 8.28 -15.50 2.75
C GLY A 475 9.48 -16.39 2.45
N THR A 476 9.50 -17.58 3.08
CA THR A 476 10.56 -18.59 2.95
C THR A 476 9.95 -19.98 2.65
N ARG A 477 10.78 -20.95 2.19
CA ARG A 477 10.34 -22.32 1.92
C ARG A 477 10.01 -22.93 3.28
N THR A 478 8.73 -22.87 3.68
CA THR A 478 8.27 -23.32 4.99
C THR A 478 7.32 -24.50 4.93
N LEU A 479 7.60 -25.50 5.77
CA LEU A 479 6.78 -26.69 5.94
C LEU A 479 6.00 -26.53 7.23
N THR A 480 4.71 -26.19 7.12
CA THR A 480 3.83 -26.01 8.28
C THR A 480 3.14 -27.33 8.62
N PHE A 481 3.20 -27.72 9.90
CA PHE A 481 2.58 -28.94 10.39
C PHE A 481 1.35 -28.63 11.25
N ASN A 482 1.23 -27.38 11.73
CA ASN A 482 0.13 -26.93 12.58
C ASN A 482 -0.85 -26.00 11.85
N PHE A 483 -2.05 -26.52 11.53
CA PHE A 483 -3.13 -25.78 10.87
C PHE A 483 -4.32 -25.64 11.85
N THR A 484 -4.05 -25.90 13.14
CA THR A 484 -5.02 -25.85 14.25
C THR A 484 -4.98 -24.46 14.91
N PRO A 485 -6.15 -23.88 15.32
CA PRO A 485 -6.12 -22.56 15.95
C PRO A 485 -5.18 -22.48 17.14
N LYS A 486 -4.36 -21.41 17.20
CA LYS A 486 -3.39 -21.20 18.26
C LYS A 486 -4.06 -20.82 19.59
N ILE A 487 -3.35 -21.09 20.71
CA ILE A 487 -3.74 -20.80 22.10
C ILE A 487 -4.90 -21.69 22.60
N PHE A 488 -6.04 -21.70 21.90
CA PHE A 488 -7.23 -22.47 22.31
C PHE A 488 -7.10 -23.98 22.05
N PHE A 489 -6.04 -24.41 21.34
CA PHE A 489 -5.78 -25.82 21.04
C PHE A 489 -4.31 -26.18 21.21
N ARG A 490 -4.04 -27.47 21.49
CA ARG A 490 -2.69 -28.02 21.58
C ARG A 490 -2.17 -28.11 20.13
N PRO A 491 -1.10 -27.38 19.76
CA PRO A 491 -0.65 -27.38 18.35
C PRO A 491 -0.32 -28.76 17.78
N THR A 492 -0.68 -28.97 16.50
CA THR A 492 -0.42 -30.20 15.75
C THR A 492 1.05 -30.22 15.39
N THR A 493 1.76 -31.24 15.88
CA THR A 493 3.20 -31.38 15.65
C THR A 493 3.57 -32.68 14.97
N ILE A 494 4.73 -32.69 14.30
CA ILE A 494 5.29 -33.88 13.68
C ILE A 494 5.82 -34.78 14.81
N THR A 495 5.26 -35.99 14.93
CA THR A 495 5.60 -36.96 15.98
C THR A 495 6.89 -37.70 15.61
N ALA A 496 7.78 -37.91 16.61
CA ALA A 496 9.06 -38.60 16.44
C ALA A 496 9.03 -40.06 16.91
N ASN A 497 9.94 -40.90 16.37
CA ASN A 497 10.11 -42.31 16.73
C ASN A 497 11.61 -42.55 17.00
N VAL A 498 12.03 -42.35 18.27
CA VAL A 498 13.44 -42.43 18.71
C VAL A 498 14.06 -43.81 18.37
N SER A 499 13.30 -44.91 18.59
CA SER A 499 13.77 -46.28 18.30
C SER A 499 14.12 -46.49 16.82
N ARG A 500 13.29 -45.93 15.91
CA ARG A 500 13.48 -45.99 14.45
C ARG A 500 14.53 -44.97 13.97
N GLY A 501 15.06 -44.15 14.89
CA GLY A 501 16.04 -43.11 14.62
C GLY A 501 15.43 -41.92 13.91
N LYS A 502 14.10 -41.73 14.09
CA LYS A 502 13.29 -40.68 13.48
C LYS A 502 13.13 -39.49 14.46
N ASP A 503 14.27 -38.95 14.95
CA ASP A 503 14.27 -37.83 15.90
C ASP A 503 15.13 -36.62 15.42
N LYS A 504 15.23 -36.44 14.09
CA LYS A 504 16.01 -35.34 13.49
C LYS A 504 15.47 -34.93 12.14
N LEU A 505 15.66 -33.65 11.77
CA LEU A 505 15.25 -33.13 10.47
C LEU A 505 16.48 -32.70 9.69
N SER A 506 16.75 -33.41 8.59
CA SER A 506 17.89 -33.18 7.71
C SER A 506 17.43 -32.51 6.43
N VAL A 507 18.00 -31.33 6.13
CA VAL A 507 17.67 -30.57 4.93
C VAL A 507 18.79 -30.64 3.92
N ARG A 508 18.47 -31.03 2.68
CA ARG A 508 19.40 -31.13 1.56
C ARG A 508 18.88 -30.31 0.39
N VAL A 509 19.67 -29.36 -0.08
CA VAL A 509 19.29 -28.52 -1.21
C VAL A 509 20.19 -28.80 -2.42
N VAL A 510 19.78 -28.29 -3.59
CA VAL A 510 20.55 -28.40 -4.83
C VAL A 510 20.60 -26.99 -5.37
N TYR A 511 21.75 -26.31 -5.22
CA TYR A 511 21.90 -24.93 -5.69
C TYR A 511 22.09 -24.88 -7.19
N SER A 512 21.44 -23.90 -7.84
CA SER A 512 21.58 -23.70 -9.28
C SER A 512 22.92 -22.99 -9.49
N THR A 513 23.84 -23.68 -10.20
CA THR A 513 25.21 -23.25 -10.48
C THR A 513 25.23 -22.06 -11.44
N MET A 514 26.18 -21.14 -11.18
CA MET A 514 26.37 -19.91 -11.96
C MET A 514 27.63 -19.89 -12.80
N ASP A 515 27.69 -18.92 -13.74
CA ASP A 515 28.83 -18.73 -14.63
C ASP A 515 30.02 -18.25 -13.82
N VAL A 516 31.14 -18.99 -13.90
CA VAL A 516 32.39 -18.72 -13.19
C VAL A 516 33.04 -17.40 -13.64
N ASN A 517 32.62 -16.88 -14.81
CA ASN A 517 33.12 -15.62 -15.39
C ASN A 517 32.26 -14.41 -14.97
N HIS A 518 31.23 -14.66 -14.15
CA HIS A 518 30.35 -13.65 -13.57
C HIS A 518 30.81 -13.47 -12.12
N PRO A 519 31.04 -12.23 -11.63
CA PRO A 519 31.55 -12.07 -10.26
C PRO A 519 30.68 -12.62 -9.12
N ILE A 520 29.35 -12.69 -9.30
CA ILE A 520 28.41 -13.18 -8.28
C ILE A 520 28.61 -14.67 -7.91
N TYR A 521 29.27 -15.45 -8.80
CA TYR A 521 29.55 -16.86 -8.55
C TYR A 521 30.36 -16.98 -7.25
N TYR A 522 31.24 -16.00 -7.01
CA TYR A 522 32.18 -15.95 -5.90
C TYR A 522 31.58 -15.42 -4.59
N VAL A 523 30.24 -15.20 -4.56
CA VAL A 523 29.54 -14.79 -3.33
C VAL A 523 29.19 -16.07 -2.57
N GLN A 524 29.80 -16.23 -1.39
CA GLN A 524 29.65 -17.36 -0.49
C GLN A 524 28.19 -17.50 0.00
N LYS A 525 27.68 -18.74 0.05
CA LYS A 525 26.31 -19.04 0.49
C LYS A 525 26.31 -19.68 1.88
N GLN A 526 25.16 -19.62 2.59
CA GLN A 526 24.98 -20.23 3.91
C GLN A 526 23.53 -20.68 4.10
N LEU A 527 23.32 -22.01 4.16
CA LEU A 527 21.99 -22.60 4.32
C LEU A 527 21.49 -22.39 5.75
N VAL A 528 20.26 -21.84 5.88
CA VAL A 528 19.65 -21.59 7.18
C VAL A 528 18.38 -22.44 7.30
N VAL A 529 18.27 -23.23 8.39
CA VAL A 529 17.11 -24.08 8.65
C VAL A 529 16.56 -23.73 10.03
N VAL A 530 15.29 -23.27 10.07
CA VAL A 530 14.64 -22.88 11.33
C VAL A 530 13.57 -23.91 11.72
N CYS A 531 13.63 -24.39 12.98
CA CYS A 531 12.71 -25.39 13.51
C CYS A 531 11.97 -24.86 14.72
N ASN A 532 10.62 -24.88 14.69
CA ASN A 532 9.79 -24.43 15.81
C ASN A 532 9.36 -25.63 16.66
N ASP A 533 10.03 -25.80 17.81
CA ASP A 533 9.80 -26.88 18.76
C ASP A 533 8.65 -26.53 19.71
N LEU A 534 7.80 -27.53 20.01
CA LEU A 534 6.68 -27.35 20.95
C LEU A 534 7.14 -27.55 22.39
N TYR A 535 6.76 -26.62 23.26
CA TYR A 535 7.07 -26.62 24.69
C TYR A 535 5.79 -26.39 25.50
N LYS A 536 5.71 -26.96 26.71
CA LYS A 536 4.56 -26.78 27.60
C LYS A 536 4.94 -25.83 28.73
N VAL A 537 4.15 -24.76 28.90
CA VAL A 537 4.36 -23.75 29.94
C VAL A 537 3.64 -24.19 31.21
N SER A 538 4.42 -24.48 32.27
CA SER A 538 3.93 -24.92 33.58
C SER A 538 4.11 -23.76 34.56
N TYR A 539 3.10 -23.51 35.40
CA TYR A 539 3.14 -22.42 36.36
C TYR A 539 3.25 -22.89 37.81
N ASP A 540 3.48 -24.20 38.02
CA ASP A 540 3.66 -24.80 39.35
C ASP A 540 5.06 -24.46 39.87
N GLN A 541 5.12 -23.75 41.02
CA GLN A 541 6.34 -23.26 41.69
C GLN A 541 7.21 -22.41 40.73
N GLY A 542 6.58 -21.40 40.14
CA GLY A 542 7.20 -20.50 39.17
C GLY A 542 6.98 -20.90 37.73
N VAL A 543 7.30 -19.99 36.79
CA VAL A 543 7.16 -20.19 35.35
C VAL A 543 8.29 -21.10 34.86
N SER A 544 7.93 -22.16 34.11
CA SER A 544 8.90 -23.12 33.56
C SER A 544 8.38 -23.78 32.29
N ILE A 545 9.27 -24.01 31.31
CA ILE A 545 8.90 -24.65 30.05
C ILE A 545 9.52 -26.06 29.97
N THR A 546 8.80 -26.98 29.31
CA THR A 546 9.22 -28.38 29.16
C THR A 546 9.04 -28.81 27.69
N LYS A 547 10.11 -29.36 27.08
CA LYS A 547 10.10 -29.82 25.69
C LYS A 547 9.18 -31.03 25.53
N ILE A 548 8.24 -30.96 24.57
CA ILE A 548 7.30 -32.04 24.27
C ILE A 548 8.09 -33.14 23.55
N MET A 549 8.12 -34.35 24.15
CA MET A 549 8.86 -35.51 23.62
C MET A 549 8.02 -36.78 23.69
N GLY B 1 1.68 -43.97 -1.73
CA GLY B 1 1.18 -43.25 -2.89
C GLY B 1 1.55 -41.78 -2.86
N ALA B 2 0.53 -40.90 -2.79
CA ALA B 2 0.70 -39.45 -2.74
C ALA B 2 1.24 -39.01 -1.37
N MET B 3 0.67 -39.56 -0.27
CA MET B 3 1.14 -39.29 1.09
C MET B 3 2.42 -40.08 1.34
N ASN B 4 3.43 -39.45 1.96
CA ASN B 4 4.72 -40.09 2.24
C ASN B 4 4.62 -41.17 3.31
N ASN B 5 5.41 -42.25 3.15
CA ASN B 5 5.46 -43.43 4.03
C ASN B 5 5.80 -43.11 5.50
N THR B 6 6.58 -42.05 5.74
CA THR B 6 6.97 -41.61 7.08
C THR B 6 5.76 -41.03 7.86
N ILE B 7 4.82 -40.41 7.13
CA ILE B 7 3.60 -39.81 7.69
C ILE B 7 2.59 -40.89 8.10
N ILE B 8 2.26 -41.83 7.16
CA ILE B 8 1.31 -42.94 7.37
C ILE B 8 1.67 -43.76 8.64
N ASN B 9 2.97 -44.05 8.83
CA ASN B 9 3.50 -44.81 9.96
C ASN B 9 3.42 -44.01 11.27
N SER B 10 3.54 -42.67 11.19
CA SER B 10 3.50 -41.75 12.34
C SER B 10 2.11 -41.69 13.00
N LEU B 11 1.04 -42.03 12.25
CA LEU B 11 -0.35 -42.05 12.74
C LEU B 11 -0.85 -43.50 12.87
N ILE B 12 -0.88 -44.25 11.74
CA ILE B 12 -1.34 -45.64 11.68
C ILE B 12 -0.19 -46.61 11.96
N ASP B 16 -6.10 -42.21 20.02
CA ASP B 16 -7.20 -43.17 20.06
C ASP B 16 -7.78 -43.35 21.47
N SER B 17 -6.92 -43.27 22.50
CA SER B 17 -7.31 -43.43 23.91
C SER B 17 -7.69 -42.11 24.63
N ILE B 18 -7.59 -40.96 23.94
CA ILE B 18 -7.89 -39.64 24.50
C ILE B 18 -9.01 -38.88 23.77
N LYS B 19 -9.79 -38.08 24.55
CA LYS B 19 -10.89 -37.25 24.06
C LYS B 19 -10.34 -36.11 23.22
N ARG B 20 -10.83 -35.99 21.96
CA ARG B 20 -10.36 -34.98 21.02
C ARG B 20 -11.45 -34.06 20.51
N SER B 21 -11.14 -32.77 20.39
CA SER B 21 -12.02 -31.74 19.84
C SER B 21 -11.91 -31.77 18.32
N ASN B 22 -13.06 -31.90 17.64
CA ASN B 22 -13.14 -32.00 16.19
C ASN B 22 -12.76 -30.70 15.49
N VAL B 23 -11.64 -30.74 14.74
CA VAL B 23 -11.12 -29.58 13.99
C VAL B 23 -11.37 -29.73 12.49
N PHE B 24 -12.07 -30.81 12.06
CA PHE B 24 -12.33 -31.06 10.65
C PHE B 24 -13.80 -30.93 10.26
N ALA B 25 -14.70 -30.86 11.24
CA ALA B 25 -16.14 -30.69 11.01
C ALA B 25 -16.77 -29.91 12.16
N VAL B 26 -17.88 -29.19 11.88
CA VAL B 26 -18.56 -28.39 12.89
C VAL B 26 -20.09 -28.43 12.71
N ASP B 27 -20.83 -28.34 13.85
CA ASP B 27 -22.29 -28.34 13.85
C ASP B 27 -22.77 -26.96 13.39
N SER B 28 -23.42 -26.89 12.20
CA SER B 28 -23.92 -25.64 11.63
C SER B 28 -25.12 -25.16 12.43
N GLN B 29 -24.89 -24.19 13.34
CA GLN B 29 -25.92 -23.59 14.19
C GLN B 29 -26.92 -22.82 13.32
N ILE B 30 -28.23 -23.04 13.55
CA ILE B 30 -29.26 -22.32 12.80
C ILE B 30 -29.35 -20.91 13.42
N PRO B 31 -29.12 -19.83 12.66
CA PRO B 31 -29.17 -18.49 13.26
C PRO B 31 -30.58 -17.92 13.36
N THR B 32 -30.71 -16.73 13.97
CA THR B 32 -31.99 -16.03 14.10
C THR B 32 -32.48 -15.68 12.69
N LEU B 33 -33.77 -15.93 12.41
CA LEU B 33 -34.34 -15.65 11.10
C LEU B 33 -34.47 -14.15 10.89
N TYR B 34 -33.70 -13.62 9.93
CA TYR B 34 -33.69 -12.20 9.62
C TYR B 34 -33.55 -11.93 8.13
N MET B 35 -33.68 -10.66 7.74
CA MET B 35 -33.52 -10.21 6.37
C MET B 35 -32.90 -8.82 6.31
N PRO B 36 -31.71 -8.66 5.74
CA PRO B 36 -31.10 -7.32 5.67
C PRO B 36 -31.59 -6.53 4.45
N GLN B 37 -31.51 -5.19 4.54
CA GLN B 37 -31.89 -4.30 3.45
C GLN B 37 -31.18 -2.97 3.56
N TYR B 38 -30.60 -2.49 2.44
CA TYR B 38 -29.93 -1.18 2.43
C TYR B 38 -31.02 -0.11 2.30
N ILE B 39 -31.21 0.69 3.35
CA ILE B 39 -32.24 1.73 3.38
C ILE B 39 -31.61 3.13 3.34
N SER B 40 -32.00 3.94 2.34
CA SER B 40 -31.54 5.32 2.17
C SER B 40 -32.69 6.27 2.50
N LEU B 41 -32.40 7.32 3.29
CA LEU B 41 -33.40 8.30 3.71
C LEU B 41 -32.99 9.73 3.45
N SER B 42 -33.93 10.55 2.96
CA SER B 42 -33.73 11.98 2.74
C SER B 42 -34.15 12.67 4.03
N GLY B 43 -33.30 13.57 4.52
CA GLY B 43 -33.54 14.27 5.77
C GLY B 43 -34.21 15.62 5.69
N VAL B 44 -34.29 16.29 6.85
CA VAL B 44 -34.88 17.62 7.01
C VAL B 44 -33.74 18.59 7.32
N MET B 45 -33.54 19.59 6.46
CA MET B 45 -32.47 20.57 6.64
C MET B 45 -32.95 21.79 7.44
N THR B 46 -32.17 22.16 8.47
CA THR B 46 -32.45 23.28 9.38
C THR B 46 -31.19 24.14 9.53
N ASN B 47 -31.36 25.41 9.95
CA ASN B 47 -30.27 26.35 10.19
C ASN B 47 -30.35 26.99 11.59
N ASP B 48 -29.45 26.54 12.50
CA ASP B 48 -29.36 26.98 13.89
C ASP B 48 -27.91 26.91 14.39
N ASN B 52 -26.30 29.95 12.78
CA ASN B 52 -26.82 29.56 11.47
C ASN B 52 -26.11 28.30 10.91
N GLN B 53 -25.91 27.28 11.78
CA GLN B 53 -25.27 26.02 11.43
C GLN B 53 -26.24 25.06 10.73
N ALA B 54 -25.78 24.37 9.67
CA ALA B 54 -26.60 23.42 8.90
C ALA B 54 -26.81 22.12 9.69
N ILE B 55 -28.08 21.74 9.90
CA ILE B 55 -28.44 20.55 10.66
C ILE B 55 -29.35 19.65 9.82
N ALA B 56 -29.00 18.37 9.69
CA ALA B 56 -29.79 17.39 8.96
C ALA B 56 -30.33 16.34 9.93
N SER B 57 -31.67 16.18 9.96
CA SER B 57 -32.31 15.20 10.83
C SER B 57 -32.96 14.09 10.03
N PHE B 58 -32.64 12.83 10.36
CA PHE B 58 -33.15 11.64 9.69
C PHE B 58 -33.90 10.79 10.69
N GLU B 59 -35.22 10.65 10.50
CA GLU B 59 -36.05 9.86 11.39
C GLU B 59 -36.24 8.45 10.87
N ILE B 60 -35.90 7.47 11.72
CA ILE B 60 -36.03 6.05 11.41
C ILE B 60 -37.12 5.49 12.32
N ARG B 61 -38.30 5.22 11.74
CA ARG B 61 -39.44 4.67 12.45
C ARG B 61 -40.18 3.73 11.52
N ASP B 62 -40.14 2.43 11.86
CA ASP B 62 -40.76 1.36 11.09
C ASP B 62 -40.93 0.16 11.99
N GLN B 63 -42.09 -0.51 11.89
CA GLN B 63 -42.38 -1.70 12.69
C GLN B 63 -41.54 -2.89 12.23
N TYR B 64 -41.05 -2.86 10.97
CA TYR B 64 -40.25 -3.95 10.39
C TYR B 64 -38.72 -3.72 10.49
N ILE B 65 -38.24 -2.48 10.71
CA ILE B 65 -36.80 -2.25 10.90
C ILE B 65 -36.49 -2.60 12.38
N THR B 66 -36.16 -3.88 12.63
CA THR B 66 -35.89 -4.40 13.96
C THR B 66 -34.55 -3.91 14.52
N ALA B 67 -33.51 -3.88 13.67
CA ALA B 67 -32.16 -3.43 14.04
C ALA B 67 -31.46 -2.75 12.88
N LEU B 68 -30.41 -1.96 13.18
CA LEU B 68 -29.61 -1.26 12.17
C LEU B 68 -28.17 -1.03 12.58
N ASN B 69 -27.29 -0.97 11.58
CA ASN B 69 -25.86 -0.67 11.71
C ASN B 69 -25.32 -0.16 10.37
N HIS B 70 -24.02 0.19 10.31
CA HIS B 70 -23.30 0.69 9.13
C HIS B 70 -23.98 1.92 8.50
N LEU B 71 -23.87 3.06 9.19
CA LEU B 71 -24.42 4.34 8.74
C LEU B 71 -23.47 4.98 7.72
N VAL B 72 -24.02 5.36 6.55
CA VAL B 72 -23.26 6.00 5.47
C VAL B 72 -24.01 7.26 5.02
N LEU B 73 -23.41 8.43 5.22
CA LEU B 73 -24.01 9.71 4.83
C LEU B 73 -23.44 10.17 3.50
N SER B 74 -24.29 10.28 2.47
CA SER B 74 -23.88 10.72 1.14
C SER B 74 -24.11 12.22 0.98
N LEU B 75 -23.22 12.90 0.25
CA LEU B 75 -23.32 14.34 0.02
C LEU B 75 -23.13 14.71 -1.44
N GLU B 76 -24.06 15.52 -1.95
CA GLU B 76 -24.03 16.00 -3.33
C GLU B 76 -23.28 17.31 -3.37
N LEU B 77 -22.02 17.26 -3.83
CA LEU B 77 -21.22 18.47 -3.99
C LEU B 77 -21.59 19.13 -5.32
N PRO B 78 -21.92 20.44 -5.33
CA PRO B 78 -22.39 21.08 -6.56
C PRO B 78 -21.28 21.45 -7.54
N GLU B 79 -21.69 21.90 -8.75
CA GLU B 79 -20.78 22.39 -9.79
C GLU B 79 -20.26 23.74 -9.29
N VAL B 80 -18.94 23.95 -9.41
CA VAL B 80 -18.31 25.18 -8.98
C VAL B 80 -17.84 25.94 -10.23
N LYS B 81 -18.57 27.02 -10.58
CA LYS B 81 -18.30 27.85 -11.75
C LYS B 81 -17.84 29.24 -11.33
N GLY B 82 -16.95 29.83 -12.12
CA GLY B 82 -16.43 31.16 -11.88
C GLY B 82 -14.95 31.30 -12.10
N MET B 83 -14.36 32.34 -11.50
CA MET B 83 -12.92 32.64 -11.63
C MET B 83 -12.17 32.41 -10.34
N GLY B 84 -10.86 32.17 -10.48
CA GLY B 84 -9.96 31.96 -9.37
C GLY B 84 -9.61 30.51 -9.10
N ARG B 85 -8.77 30.28 -8.08
N ARG B 85 -8.75 30.27 -8.09
CA ARG B 85 -8.32 28.96 -7.66
CA ARG B 85 -8.30 28.95 -7.66
C ARG B 85 -9.25 28.38 -6.60
C ARG B 85 -9.25 28.38 -6.61
N PHE B 86 -9.62 27.10 -6.73
CA PHE B 86 -10.53 26.40 -5.81
C PHE B 86 -10.24 24.89 -5.76
N GLY B 87 -10.45 24.31 -4.58
CA GLY B 87 -10.27 22.88 -4.34
C GLY B 87 -10.87 22.45 -3.01
N TYR B 88 -11.28 21.18 -2.91
CA TYR B 88 -11.82 20.65 -1.67
C TYR B 88 -10.69 20.04 -0.82
N VAL B 89 -10.88 20.02 0.50
CA VAL B 89 -9.91 19.45 1.45
C VAL B 89 -9.85 17.91 1.27
N PRO B 90 -8.71 17.22 1.53
CA PRO B 90 -8.70 15.75 1.39
C PRO B 90 -9.68 15.13 2.37
N TYR B 91 -10.41 14.07 1.91
CA TYR B 91 -11.44 13.35 2.69
C TYR B 91 -12.54 14.36 3.10
N VAL B 92 -12.92 15.24 2.11
CA VAL B 92 -13.88 16.34 2.20
C VAL B 92 -15.14 15.96 3.00
N GLY B 93 -15.72 14.79 2.71
CA GLY B 93 -16.90 14.28 3.37
C GLY B 93 -16.82 14.22 4.88
N TYR B 94 -15.68 13.73 5.42
CA TYR B 94 -15.46 13.65 6.86
C TYR B 94 -15.33 15.03 7.48
N LYS B 95 -14.68 15.96 6.75
CA LYS B 95 -14.47 17.34 7.17
C LYS B 95 -15.76 18.18 7.17
N CYS B 96 -16.83 17.71 6.49
CA CYS B 96 -18.13 18.39 6.46
C CYS B 96 -18.83 18.23 7.79
N ILE B 97 -18.62 17.08 8.43
CA ILE B 97 -19.23 16.69 9.69
C ILE B 97 -18.66 17.48 10.87
N ASN B 98 -19.54 18.10 11.66
CA ASN B 98 -19.17 18.84 12.88
C ASN B 98 -19.53 17.97 14.09
N HIS B 99 -20.72 17.33 14.04
CA HIS B 99 -21.24 16.46 15.10
C HIS B 99 -22.31 15.52 14.55
N VAL B 100 -22.36 14.30 15.08
CA VAL B 100 -23.35 13.28 14.74
C VAL B 100 -23.93 12.76 16.05
N SER B 101 -25.27 12.59 16.11
CA SER B 101 -25.95 12.09 17.31
C SER B 101 -27.14 11.16 16.98
N ILE B 102 -27.04 9.89 17.41
CA ILE B 102 -28.08 8.87 17.26
C ILE B 102 -28.87 8.91 18.56
N SER B 103 -30.13 9.37 18.49
CA SER B 103 -30.98 9.51 19.67
C SER B 103 -32.35 8.85 19.54
N SER B 104 -32.94 8.48 20.68
CA SER B 104 -34.27 7.89 20.79
C SER B 104 -35.19 8.87 21.55
N CYS B 105 -36.41 8.43 21.92
CA CYS B 105 -37.33 9.27 22.69
C CYS B 105 -36.88 9.44 24.15
N ASN B 106 -36.01 8.51 24.63
CA ASN B 106 -35.42 8.53 25.97
C ASN B 106 -34.18 9.45 26.02
N GLY B 107 -33.66 9.84 24.86
CA GLY B 107 -32.49 10.70 24.74
C GLY B 107 -31.41 10.20 23.80
N VAL B 108 -30.22 10.85 23.85
CA VAL B 108 -29.05 10.51 23.03
C VAL B 108 -28.50 9.14 23.40
N ILE B 109 -28.46 8.20 22.43
CA ILE B 109 -27.94 6.84 22.58
C ILE B 109 -26.43 6.84 22.35
N TRP B 110 -25.97 7.60 21.35
CA TRP B 110 -24.56 7.74 20.99
C TRP B 110 -24.35 9.04 20.22
N GLU B 111 -23.23 9.71 20.46
CA GLU B 111 -22.86 10.94 19.78
C GLU B 111 -21.36 11.09 19.64
N ILE B 112 -20.91 11.68 18.52
CA ILE B 112 -19.49 11.86 18.25
C ILE B 112 -19.21 13.21 17.59
N GLU B 113 -18.05 13.80 17.89
CA GLU B 113 -17.59 15.04 17.27
C GLU B 113 -17.00 14.67 15.92
N GLY B 114 -17.22 15.53 14.92
CA GLY B 114 -16.76 15.35 13.55
C GLY B 114 -15.34 14.87 13.40
N GLU B 115 -14.40 15.47 14.17
CA GLU B 115 -12.97 15.10 14.16
C GLU B 115 -12.73 13.70 14.72
N GLU B 116 -13.46 13.34 15.80
CA GLU B 116 -13.31 12.02 16.42
C GLU B 116 -13.76 10.89 15.52
N LEU B 117 -14.82 11.11 14.71
CA LEU B 117 -15.31 10.13 13.73
C LEU B 117 -14.24 9.90 12.67
N TYR B 118 -13.59 10.98 12.21
CA TYR B 118 -12.50 10.97 11.24
C TYR B 118 -11.30 10.23 11.84
N ASN B 119 -10.95 10.56 13.10
CA ASN B 119 -9.86 9.93 13.85
C ASN B 119 -10.05 8.42 13.96
N ASN B 120 -11.31 7.97 14.13
CA ASN B 120 -11.62 6.54 14.21
C ASN B 120 -11.55 5.87 12.84
N CYS B 121 -11.76 6.65 11.76
CA CYS B 121 -11.75 6.15 10.38
C CYS B 121 -10.45 6.43 9.62
N ILE B 122 -9.43 6.99 10.30
CA ILE B 122 -8.14 7.34 9.68
C ILE B 122 -7.37 6.08 9.19
N ASN B 123 -7.62 4.89 9.80
CA ASN B 123 -6.97 3.64 9.42
C ASN B 123 -7.75 2.87 8.31
N ASN B 124 -8.98 3.31 8.00
CA ASN B 124 -9.84 2.71 6.97
C ASN B 124 -9.66 3.45 5.65
N THR B 125 -8.80 2.92 4.76
CA THR B 125 -8.46 3.50 3.45
C THR B 125 -9.69 3.62 2.54
N ILE B 126 -10.56 2.58 2.54
CA ILE B 126 -11.78 2.51 1.72
C ILE B 126 -12.75 3.65 2.10
N ALA B 127 -13.02 3.81 3.42
CA ALA B 127 -13.91 4.85 3.96
C ALA B 127 -13.39 6.25 3.67
N LEU B 128 -12.05 6.43 3.70
CA LEU B 128 -11.40 7.71 3.41
C LEU B 128 -11.48 8.06 1.92
N LYS B 129 -11.37 7.04 1.04
CA LYS B 129 -11.46 7.24 -0.40
C LYS B 129 -12.88 7.66 -0.79
N HIS B 130 -13.89 6.95 -0.24
CA HIS B 130 -15.32 7.21 -0.47
C HIS B 130 -15.73 8.62 -0.07
N SER B 131 -15.12 9.17 1.00
CA SER B 131 -15.42 10.52 1.50
C SER B 131 -14.93 11.64 0.60
N GLY B 132 -14.14 11.30 -0.41
CA GLY B 132 -13.63 12.28 -1.36
C GLY B 132 -12.14 12.49 -1.31
N TYR B 133 -11.39 11.62 -1.99
CA TYR B 133 -9.95 11.71 -2.10
C TYR B 133 -9.51 11.37 -3.52
N SER B 134 -9.53 12.38 -4.40
CA SER B 134 -9.18 12.27 -5.82
C SER B 134 -8.50 13.55 -6.32
N SER B 135 -7.88 13.47 -7.52
CA SER B 135 -7.25 14.64 -8.16
C SER B 135 -8.35 15.57 -8.67
N GLU B 136 -9.52 14.99 -9.00
CA GLU B 136 -10.71 15.71 -9.46
C GLU B 136 -11.27 16.61 -8.36
N LEU B 137 -11.14 16.19 -7.09
CA LEU B 137 -11.67 16.91 -5.93
C LEU B 137 -10.67 17.73 -5.13
N ASN B 138 -9.47 17.17 -4.89
CA ASN B 138 -8.49 17.78 -3.99
C ASN B 138 -7.39 18.61 -4.64
N ASP B 139 -7.15 18.46 -5.96
CA ASP B 139 -6.15 19.30 -6.62
C ASP B 139 -6.75 20.69 -6.79
N ILE B 140 -5.92 21.73 -6.70
CA ILE B 140 -6.39 23.11 -6.80
C ILE B 140 -6.60 23.51 -8.27
N SER B 141 -7.87 23.52 -8.70
CA SER B 141 -8.26 23.86 -10.07
C SER B 141 -8.46 25.37 -10.20
N ILE B 142 -8.27 25.91 -11.41
CA ILE B 142 -8.40 27.35 -11.67
C ILE B 142 -9.47 27.67 -12.73
N GLY B 143 -10.28 28.68 -12.41
CA GLY B 143 -11.32 29.22 -13.28
C GLY B 143 -10.82 30.48 -13.95
N LEU B 144 -11.02 30.60 -15.27
CA LEU B 144 -10.53 31.74 -16.03
C LEU B 144 -11.60 32.77 -16.42
N THR B 145 -12.80 32.29 -16.79
CA THR B 145 -13.92 33.16 -17.17
C THR B 145 -15.06 33.02 -16.13
N PRO B 146 -15.92 34.05 -15.92
CA PRO B 146 -16.99 33.91 -14.91
C PRO B 146 -17.94 32.71 -15.07
N ASN B 147 -17.93 32.04 -16.24
CA ASN B 147 -18.75 30.85 -16.50
C ASN B 147 -17.91 29.58 -16.72
N ASP B 148 -16.60 29.64 -16.42
CA ASP B 148 -15.69 28.51 -16.54
C ASP B 148 -15.94 27.54 -15.38
N THR B 149 -15.98 26.23 -15.66
CA THR B 149 -16.21 25.22 -14.62
C THR B 149 -14.90 24.89 -13.92
N ILE B 150 -14.80 25.26 -12.63
CA ILE B 150 -13.63 25.00 -11.79
C ILE B 150 -13.71 23.53 -11.33
N LYS B 151 -14.87 23.16 -10.73
CA LYS B 151 -15.12 21.80 -10.25
C LYS B 151 -16.44 21.26 -10.76
N GLU B 152 -16.42 20.02 -11.26
CA GLU B 152 -17.59 19.31 -11.77
C GLU B 152 -18.37 18.75 -10.57
N PRO B 153 -19.72 18.65 -10.62
CA PRO B 153 -20.45 18.09 -9.47
C PRO B 153 -20.11 16.62 -9.21
N SER B 154 -20.00 16.24 -7.93
CA SER B 154 -19.65 14.90 -7.50
C SER B 154 -20.39 14.49 -6.22
N THR B 155 -20.51 13.17 -5.98
CA THR B 155 -21.14 12.64 -4.78
C THR B 155 -20.09 11.96 -3.90
N VAL B 156 -20.09 12.26 -2.60
CA VAL B 156 -19.16 11.69 -1.63
C VAL B 156 -19.91 10.85 -0.60
N TYR B 157 -19.29 9.78 -0.09
CA TYR B 157 -19.90 8.86 0.88
C TYR B 157 -19.10 8.83 2.18
N VAL B 158 -19.71 9.24 3.29
CA VAL B 158 -19.08 9.32 4.60
C VAL B 158 -19.54 8.19 5.50
N TYR B 159 -18.64 7.26 5.83
CA TYR B 159 -18.98 6.14 6.70
C TYR B 159 -18.97 6.58 8.17
N ILE B 160 -20.16 6.68 8.77
CA ILE B 160 -20.35 7.06 10.18
C ILE B 160 -20.13 5.79 11.02
N LYS B 161 -18.86 5.49 11.36
CA LYS B 161 -18.47 4.34 12.17
C LYS B 161 -19.06 4.49 13.58
N THR B 162 -19.93 3.55 13.96
CA THR B 162 -20.59 3.54 15.27
C THR B 162 -20.24 2.24 16.00
N PRO B 163 -20.40 2.15 17.35
CA PRO B 163 -20.09 0.87 18.04
C PRO B 163 -21.03 -0.29 17.67
N PHE B 164 -22.03 -0.02 16.84
CA PHE B 164 -23.01 -1.02 16.39
C PHE B 164 -22.48 -1.88 15.23
N ASP B 165 -21.30 -1.51 14.67
CA ASP B 165 -20.67 -2.21 13.55
C ASP B 165 -19.59 -3.21 13.98
N VAL B 166 -19.08 -3.06 15.23
CA VAL B 166 -18.01 -3.87 15.84
C VAL B 166 -18.16 -5.38 15.55
N GLU B 167 -19.31 -5.97 15.93
CA GLU B 167 -19.58 -7.40 15.70
C GLU B 167 -20.82 -7.63 14.83
N ASP B 168 -20.94 -6.82 13.76
CA ASP B 168 -22.01 -6.85 12.74
C ASP B 168 -23.42 -6.92 13.33
N THR B 169 -24.12 -8.07 13.16
CA THR B 169 -25.48 -8.30 13.64
C THR B 169 -25.59 -8.31 15.17
N PHE B 170 -24.57 -8.86 15.84
CA PHE B 170 -24.49 -8.98 17.31
C PHE B 170 -24.44 -7.60 17.99
N SER B 171 -23.72 -6.64 17.40
CA SER B 171 -23.52 -5.29 17.93
C SER B 171 -24.56 -4.26 17.49
N SER B 172 -25.34 -4.58 16.43
CA SER B 172 -26.36 -3.72 15.81
C SER B 172 -27.33 -3.06 16.79
N LEU B 173 -27.69 -1.78 16.53
CA LEU B 173 -28.63 -0.99 17.32
C LEU B 173 -30.04 -1.55 17.11
N LYS B 174 -30.63 -2.09 18.18
CA LYS B 174 -31.98 -2.66 18.16
C LYS B 174 -33.03 -1.57 18.38
N LEU B 175 -34.19 -1.72 17.71
CA LEU B 175 -35.32 -0.79 17.77
C LEU B 175 -36.55 -1.52 18.33
N SER B 176 -36.85 -1.30 19.63
CA SER B 176 -38.01 -1.91 20.31
C SER B 176 -39.26 -1.06 19.98
N ASP B 177 -39.57 -0.93 18.66
CA ASP B 177 -40.65 -0.13 18.06
C ASP B 177 -40.52 1.37 18.45
N SER B 178 -39.25 1.81 18.68
CA SER B 178 -38.88 3.17 19.07
C SER B 178 -38.36 4.02 17.89
N LYS B 179 -38.58 5.34 17.97
CA LYS B 179 -38.17 6.31 16.96
C LYS B 179 -36.70 6.68 17.16
N ILE B 180 -35.86 6.33 16.16
CA ILE B 180 -34.43 6.66 16.19
C ILE B 180 -34.19 7.84 15.25
N THR B 181 -33.61 8.92 15.79
CA THR B 181 -33.32 10.14 15.03
C THR B 181 -31.82 10.38 14.96
N VAL B 182 -31.27 10.36 13.73
CA VAL B 182 -29.86 10.60 13.46
C VAL B 182 -29.73 12.08 13.05
N THR B 183 -29.03 12.86 13.88
CA THR B 183 -28.83 14.28 13.67
C THR B 183 -27.39 14.54 13.25
N VAL B 184 -27.20 15.15 12.08
CA VAL B 184 -25.88 15.48 11.54
C VAL B 184 -25.70 17.01 11.44
N THR B 185 -24.82 17.55 12.27
CA THR B 185 -24.47 18.98 12.31
C THR B 185 -23.29 19.19 11.37
N PHE B 186 -23.39 20.19 10.48
CA PHE B 186 -22.36 20.48 9.49
C PHE B 186 -21.48 21.66 9.81
N ASN B 187 -20.19 21.54 9.48
CA ASN B 187 -19.20 22.61 9.61
C ASN B 187 -19.46 23.59 8.46
N PRO B 188 -19.10 24.90 8.57
CA PRO B 188 -19.30 25.81 7.44
C PRO B 188 -18.47 25.38 6.22
N VAL B 189 -18.95 25.68 5.00
CA VAL B 189 -18.27 25.31 3.75
C VAL B 189 -16.84 25.89 3.69
N SER B 190 -16.56 26.94 4.49
CA SER B 190 -15.25 27.57 4.60
C SER B 190 -14.18 26.55 5.00
N ASP B 191 -14.54 25.64 5.94
CA ASP B 191 -13.67 24.59 6.47
C ASP B 191 -13.25 23.54 5.45
N ILE B 192 -14.14 23.21 4.49
CA ILE B 192 -13.90 22.17 3.48
C ILE B 192 -13.38 22.69 2.13
N VAL B 193 -13.04 23.98 2.05
CA VAL B 193 -12.61 24.62 0.81
C VAL B 193 -11.24 25.32 0.92
N ILE B 194 -10.38 25.13 -0.11
CA ILE B 194 -9.07 25.78 -0.26
C ILE B 194 -9.21 26.67 -1.51
N ARG B 195 -9.18 28.00 -1.31
CA ARG B 195 -9.36 28.98 -2.38
C ARG B 195 -8.39 30.17 -2.27
N ASP B 196 -8.28 30.97 -3.35
CA ASP B 196 -7.46 32.19 -3.36
C ASP B 196 -8.32 33.44 -3.19
N SER B 197 -7.72 34.63 -3.30
CA SER B 197 -8.44 35.90 -3.20
C SER B 197 -9.33 36.14 -4.43
N SER B 198 -8.85 35.69 -5.63
CA SER B 198 -9.55 35.80 -6.92
C SER B 198 -10.90 35.10 -6.92
N PHE B 199 -11.05 34.01 -6.15
CA PHE B 199 -12.29 33.26 -6.04
C PHE B 199 -13.33 34.03 -5.23
N ASP B 200 -14.57 34.13 -5.76
CA ASP B 200 -15.68 34.82 -5.11
C ASP B 200 -16.32 33.89 -4.07
N PHE B 201 -15.68 33.79 -2.90
CA PHE B 201 -16.17 32.94 -1.82
C PHE B 201 -17.48 33.45 -1.23
N GLU B 202 -17.63 34.80 -1.16
CA GLU B 202 -18.82 35.48 -0.63
C GLU B 202 -20.10 34.94 -1.28
N THR B 203 -20.11 34.85 -2.63
CA THR B 203 -21.23 34.34 -3.42
C THR B 203 -21.34 32.82 -3.24
N PHE B 204 -20.19 32.12 -3.18
CA PHE B 204 -20.14 30.66 -3.01
C PHE B 204 -20.80 30.21 -1.70
N ASN B 205 -20.44 30.84 -0.56
CA ASN B 205 -20.97 30.53 0.77
C ASN B 205 -22.50 30.73 0.81
N LYS B 206 -22.98 31.76 0.11
CA LYS B 206 -24.41 32.11 0.01
C LYS B 206 -25.16 31.05 -0.80
N GLU B 207 -24.62 30.67 -1.98
CA GLU B 207 -25.20 29.69 -2.90
C GLU B 207 -25.09 28.22 -2.45
N PHE B 208 -24.00 27.86 -1.74
CA PHE B 208 -23.76 26.48 -1.28
C PHE B 208 -24.77 26.03 -0.24
N VAL B 209 -25.29 24.81 -0.44
CA VAL B 209 -26.23 24.12 0.44
C VAL B 209 -25.83 22.65 0.54
N TYR B 210 -25.75 22.13 1.77
CA TYR B 210 -25.43 20.72 2.00
C TYR B 210 -26.63 19.87 1.61
N VAL B 211 -26.41 18.86 0.75
CA VAL B 211 -27.47 17.97 0.25
C VAL B 211 -27.20 16.53 0.78
N PRO B 212 -27.61 16.21 2.02
CA PRO B 212 -27.30 14.88 2.58
C PRO B 212 -28.38 13.82 2.41
N GLU B 213 -27.98 12.54 2.54
CA GLU B 213 -28.86 11.38 2.48
C GLU B 213 -28.22 10.27 3.32
N LEU B 214 -28.96 9.79 4.35
CA LEU B 214 -28.45 8.77 5.26
C LEU B 214 -28.88 7.36 4.88
N SER B 215 -27.88 6.49 4.66
CA SER B 215 -28.07 5.08 4.33
C SER B 215 -27.64 4.24 5.53
N PHE B 216 -28.27 3.09 5.72
CA PHE B 216 -27.96 2.14 6.81
C PHE B 216 -28.40 0.73 6.44
N ILE B 217 -27.76 -0.28 7.02
CA ILE B 217 -28.17 -1.67 6.78
C ILE B 217 -29.24 -1.97 7.84
N GLY B 218 -30.49 -2.07 7.39
CA GLY B 218 -31.62 -2.38 8.24
C GLY B 218 -31.84 -3.88 8.29
N TYR B 219 -32.32 -4.40 9.42
CA TYR B 219 -32.57 -5.83 9.60
C TYR B 219 -33.99 -6.11 10.09
N MET B 220 -34.70 -7.02 9.41
CA MET B 220 -36.05 -7.43 9.83
C MET B 220 -35.92 -8.79 10.50
N VAL B 221 -35.95 -8.79 11.85
CA VAL B 221 -35.76 -9.99 12.64
C VAL B 221 -37.09 -10.63 13.10
N LYS B 222 -37.27 -11.92 12.75
CA LYS B 222 -38.44 -12.71 13.16
C LYS B 222 -38.14 -13.28 14.55
N ASN B 223 -38.95 -12.87 15.55
CA ASN B 223 -38.86 -13.24 16.97
C ASN B 223 -37.49 -12.87 17.58
N VAL B 224 -37.18 -11.57 17.59
CA VAL B 224 -35.93 -11.03 18.13
C VAL B 224 -35.86 -11.20 19.66
N GLN B 225 -34.73 -11.69 20.15
CA GLN B 225 -34.49 -11.86 21.59
C GLN B 225 -33.43 -10.84 21.99
N ILE B 226 -33.87 -9.68 22.48
CA ILE B 226 -32.97 -8.58 22.83
C ILE B 226 -32.46 -8.70 24.28
N LYS B 227 -31.13 -8.61 24.43
CA LYS B 227 -30.40 -8.64 25.70
C LYS B 227 -29.68 -7.29 25.87
N PRO B 228 -29.41 -6.79 27.10
CA PRO B 228 -28.71 -5.50 27.22
C PRO B 228 -27.24 -5.55 26.78
N SER B 229 -26.71 -4.41 26.36
CA SER B 229 -25.34 -4.30 25.87
C SER B 229 -24.61 -3.11 26.48
N PHE B 230 -23.33 -2.97 26.12
CA PHE B 230 -22.47 -1.88 26.59
C PHE B 230 -21.98 -1.06 25.42
N ILE B 231 -21.76 0.24 25.64
CA ILE B 231 -21.32 1.16 24.59
C ILE B 231 -20.28 2.15 25.13
N GLU B 232 -19.30 2.50 24.29
CA GLU B 232 -18.24 3.45 24.60
C GLU B 232 -18.61 4.78 23.92
N LYS B 233 -18.74 5.85 24.71
CA LYS B 233 -19.11 7.18 24.20
C LYS B 233 -17.94 8.17 24.35
N PRO B 234 -17.43 8.75 23.24
CA PRO B 234 -16.30 9.69 23.36
C PRO B 234 -16.69 11.08 23.85
N ARG B 235 -15.80 11.70 24.64
CA ARG B 235 -15.97 13.04 25.20
C ARG B 235 -14.65 13.78 25.06
N ARG B 236 -14.62 14.81 24.22
CA ARG B 236 -13.39 15.58 24.07
C ARG B 236 -13.42 16.87 24.86
N VAL B 237 -12.27 17.23 25.45
CA VAL B 237 -12.07 18.44 26.23
C VAL B 237 -10.92 19.20 25.56
N ILE B 238 -11.18 20.43 25.13
CA ILE B 238 -10.16 21.26 24.48
C ILE B 238 -9.66 22.28 25.51
N GLY B 239 -8.36 22.29 25.73
CA GLY B 239 -7.69 23.20 26.65
C GLY B 239 -7.61 24.61 26.13
N GLN B 240 -7.33 25.58 27.03
CA GLN B 240 -7.18 27.00 26.71
C GLN B 240 -5.99 27.22 25.78
N ILE B 241 -6.07 28.25 24.92
CA ILE B 241 -5.02 28.61 23.96
C ILE B 241 -3.65 28.76 24.65
N ASN B 242 -2.63 28.04 24.11
CA ASN B 242 -1.24 27.96 24.55
C ASN B 242 -1.06 27.42 25.99
N GLN B 243 -2.11 26.85 26.59
CA GLN B 243 -2.02 26.26 27.92
C GLN B 243 -1.65 24.77 27.84
N PRO B 244 -0.63 24.31 28.61
CA PRO B 244 -0.22 22.90 28.52
C PRO B 244 -0.97 21.97 29.47
N THR B 245 -2.26 22.26 29.73
CA THR B 245 -3.12 21.47 30.62
C THR B 245 -4.57 21.40 30.14
N ALA B 246 -5.27 20.31 30.50
CA ALA B 246 -6.69 20.06 30.22
C ALA B 246 -7.20 19.01 31.22
N THR B 247 -8.44 19.16 31.68
CA THR B 247 -9.01 18.22 32.66
C THR B 247 -10.37 17.69 32.20
N VAL B 248 -10.54 16.36 32.29
CA VAL B 248 -11.80 15.69 31.97
C VAL B 248 -12.45 15.33 33.30
N THR B 249 -13.58 15.99 33.60
CA THR B 249 -14.34 15.80 34.84
C THR B 249 -15.35 14.66 34.75
N GLU B 250 -15.82 14.19 35.92
CA GLU B 250 -16.81 13.11 36.10
C GLU B 250 -16.44 11.82 35.33
N VAL B 251 -15.17 11.41 35.44
CA VAL B 251 -14.66 10.17 34.82
C VAL B 251 -14.92 9.06 35.83
N HIS B 252 -15.86 8.15 35.54
CA HIS B 252 -16.21 7.08 36.47
C HIS B 252 -15.86 5.69 35.97
N ALA B 253 -16.01 5.47 34.65
CA ALA B 253 -15.69 4.20 34.00
C ALA B 253 -15.23 4.48 32.56
N ALA B 254 -13.92 4.61 32.37
CA ALA B 254 -13.35 4.91 31.05
C ALA B 254 -12.55 3.74 30.46
N THR B 255 -12.82 3.44 29.19
CA THR B 255 -12.15 2.37 28.44
C THR B 255 -10.82 2.84 27.85
N SER B 256 -10.72 4.12 27.48
CA SER B 256 -9.50 4.70 26.90
C SER B 256 -9.39 6.21 27.11
N LEU B 257 -8.17 6.75 26.93
CA LEU B 257 -7.89 8.17 27.03
C LEU B 257 -6.84 8.60 25.99
N SER B 258 -7.28 9.36 24.97
CA SER B 258 -6.40 9.87 23.91
C SER B 258 -6.02 11.30 24.20
N VAL B 259 -4.78 11.67 23.85
CA VAL B 259 -4.24 13.02 24.04
C VAL B 259 -3.48 13.45 22.77
N TYR B 260 -3.84 14.62 22.21
CA TYR B 260 -3.19 15.19 21.04
C TYR B 260 -3.23 16.73 21.06
N THR B 261 -2.53 17.36 20.11
CA THR B 261 -2.47 18.83 20.01
C THR B 261 -3.16 19.31 18.74
N LYS B 262 -3.62 20.55 18.74
CA LYS B 262 -4.27 21.21 17.60
C LYS B 262 -3.80 22.65 17.49
N PRO B 263 -3.55 23.17 16.27
CA PRO B 263 -3.14 24.57 16.15
C PRO B 263 -4.36 25.49 16.11
N TYR B 264 -4.19 26.73 16.60
CA TYR B 264 -5.24 27.74 16.58
C TYR B 264 -4.81 28.88 15.66
N TYR B 265 -5.42 28.94 14.47
CA TYR B 265 -5.10 29.94 13.45
C TYR B 265 -6.05 31.16 13.49
N GLY B 266 -6.53 31.49 14.69
CA GLY B 266 -7.42 32.63 14.93
C GLY B 266 -6.74 33.97 14.71
N ASN B 267 -5.49 34.09 15.20
CA ASN B 267 -4.66 35.30 15.08
C ASN B 267 -4.22 35.59 13.63
N THR B 268 -4.46 34.63 12.71
CA THR B 268 -4.09 34.73 11.30
C THR B 268 -5.31 34.80 10.40
N ASP B 269 -5.09 35.14 9.11
CA ASP B 269 -6.13 35.22 8.08
C ASP B 269 -6.31 33.87 7.34
N ASN B 270 -5.71 32.79 7.90
CA ASN B 270 -5.73 31.40 7.42
C ASN B 270 -5.18 31.23 5.99
N LYS B 271 -4.43 32.24 5.50
CA LYS B 271 -3.81 32.23 4.17
C LYS B 271 -2.38 31.67 4.24
N PHE B 272 -2.04 30.75 3.32
CA PHE B 272 -0.75 30.08 3.22
C PHE B 272 -0.17 30.23 1.82
N ILE B 273 1.17 30.26 1.70
CA ILE B 273 1.91 30.45 0.45
C ILE B 273 1.69 29.30 -0.57
N SER B 274 1.72 28.02 -0.12
CA SER B 274 1.57 26.87 -1.01
C SER B 274 0.71 25.73 -0.47
N TYR B 275 0.12 24.95 -1.41
CA TYR B 275 -0.67 23.75 -1.15
C TYR B 275 -0.41 22.73 -2.29
N PRO B 276 -0.11 21.44 -1.99
CA PRO B 276 0.23 20.48 -3.05
C PRO B 276 -0.96 19.86 -3.81
N GLY B 277 -2.15 19.95 -3.24
CA GLY B 277 -3.36 19.39 -3.83
C GLY B 277 -3.65 17.99 -3.35
N TYR B 278 -3.95 17.08 -4.30
CA TYR B 278 -4.24 15.66 -4.06
C TYR B 278 -3.02 14.92 -3.50
N SER B 279 -1.81 15.27 -3.98
CA SER B 279 -0.53 14.69 -3.55
C SER B 279 -0.31 15.15 -2.10
N GLN B 280 -0.51 14.25 -1.14
CA GLN B 280 -0.46 14.59 0.28
C GLN B 280 0.79 14.17 1.07
N ASP B 281 1.85 13.64 0.41
CA ASP B 281 3.07 13.25 1.13
C ASP B 281 3.84 14.47 1.65
N GLU B 282 4.69 14.26 2.69
CA GLU B 282 5.52 15.30 3.30
C GLU B 282 6.36 15.98 2.23
N LYS B 283 6.98 15.18 1.33
CA LYS B 283 7.80 15.67 0.22
C LYS B 283 6.95 16.51 -0.75
N ASP B 284 5.69 16.11 -1.00
CA ASP B 284 4.77 16.82 -1.89
C ASP B 284 4.47 18.22 -1.37
N TYR B 285 4.28 18.36 -0.03
CA TYR B 285 4.04 19.63 0.66
C TYR B 285 5.26 20.55 0.54
N ILE B 286 6.47 19.99 0.76
CA ILE B 286 7.74 20.71 0.67
C ILE B 286 8.01 21.16 -0.76
N ASP B 287 7.93 20.21 -1.75
CA ASP B 287 8.16 20.50 -3.17
C ASP B 287 7.28 21.62 -3.71
N ALA B 288 5.99 21.67 -3.29
CA ALA B 288 5.03 22.71 -3.69
C ALA B 288 5.50 24.10 -3.22
N TYR B 289 6.01 24.18 -1.97
CA TYR B 289 6.53 25.40 -1.34
C TYR B 289 7.78 25.90 -2.05
N VAL B 290 8.72 24.98 -2.33
CA VAL B 290 9.98 25.27 -3.02
C VAL B 290 9.65 25.79 -4.42
N SER B 291 8.67 25.14 -5.12
CA SER B 291 8.19 25.51 -6.44
C SER B 291 7.61 26.93 -6.48
N ARG B 292 6.86 27.32 -5.43
CA ARG B 292 6.25 28.64 -5.31
C ARG B 292 7.27 29.74 -5.05
N LEU B 293 8.31 29.44 -4.24
CA LEU B 293 9.37 30.40 -3.91
C LEU B 293 10.31 30.64 -5.09
N LEU B 294 10.67 29.58 -5.84
CA LEU B 294 11.61 29.60 -6.97
C LEU B 294 11.31 30.64 -8.05
N ASP B 295 10.03 31.03 -8.20
CA ASP B 295 9.60 32.04 -9.18
C ASP B 295 10.26 33.40 -8.87
N ASP B 296 10.39 33.72 -7.57
CA ASP B 296 10.99 34.97 -7.07
C ASP B 296 12.41 34.78 -6.53
N LEU B 297 12.79 33.54 -6.19
CA LEU B 297 14.10 33.25 -5.62
C LEU B 297 15.25 33.45 -6.60
N VAL B 298 15.11 32.96 -7.84
CA VAL B 298 16.12 33.10 -8.90
C VAL B 298 15.47 33.79 -10.11
N ILE B 299 15.95 35.01 -10.43
CA ILE B 299 15.43 35.83 -11.52
C ILE B 299 16.47 36.05 -12.62
N VAL B 300 16.06 35.86 -13.88
CA VAL B 300 16.89 36.09 -15.06
C VAL B 300 16.31 37.35 -15.71
N SER B 301 17.01 38.49 -15.54
CA SER B 301 16.54 39.79 -16.04
C SER B 301 17.66 40.64 -16.64
N ASP B 302 17.27 41.59 -17.53
CA ASP B 302 18.19 42.56 -18.12
C ASP B 302 18.24 43.70 -17.10
N GLY B 303 19.33 43.76 -16.35
CA GLY B 303 19.50 44.72 -15.27
C GLY B 303 18.80 44.28 -13.99
N PRO B 304 18.80 45.10 -12.91
CA PRO B 304 18.15 44.67 -11.66
C PRO B 304 16.66 44.36 -11.80
N PRO B 305 16.15 43.26 -11.18
CA PRO B 305 14.73 42.90 -11.31
C PRO B 305 13.79 43.90 -10.63
N THR B 306 12.65 44.15 -11.28
CA THR B 306 11.64 45.10 -10.81
C THR B 306 10.34 44.40 -10.41
N GLY B 307 9.55 45.05 -9.57
CA GLY B 307 8.27 44.53 -9.10
C GLY B 307 8.31 43.95 -7.71
N TYR B 308 9.45 44.11 -7.02
CA TYR B 308 9.68 43.63 -5.66
C TYR B 308 9.72 44.81 -4.68
N PRO B 309 9.33 44.64 -3.40
CA PRO B 309 9.36 45.76 -2.44
C PRO B 309 10.75 46.37 -2.25
N GLU B 310 10.81 47.61 -1.71
CA GLU B 310 12.07 48.32 -1.46
C GLU B 310 12.92 47.59 -0.41
N SER B 311 12.24 46.84 0.50
CA SER B 311 12.84 46.04 1.57
C SER B 311 13.64 44.85 1.03
N ALA B 312 13.25 44.34 -0.16
CA ALA B 312 13.90 43.22 -0.83
C ALA B 312 15.31 43.58 -1.31
N GLU B 313 16.27 42.67 -1.07
CA GLU B 313 17.67 42.82 -1.45
C GLU B 313 18.04 41.72 -2.47
N ILE B 314 17.92 42.06 -3.76
CA ILE B 314 18.24 41.12 -4.85
C ILE B 314 19.67 41.34 -5.31
N VAL B 315 20.51 40.33 -5.13
CA VAL B 315 21.94 40.35 -5.46
C VAL B 315 22.21 39.59 -6.76
N GLU B 316 23.07 40.16 -7.64
CA GLU B 316 23.49 39.53 -8.89
C GLU B 316 24.47 38.40 -8.55
N VAL B 317 24.26 37.22 -9.15
CA VAL B 317 25.10 36.04 -8.93
C VAL B 317 26.48 36.25 -9.60
N PRO B 318 27.61 36.14 -8.84
CA PRO B 318 28.93 36.36 -9.45
C PRO B 318 29.36 35.22 -10.37
N GLU B 319 30.48 35.42 -11.12
CA GLU B 319 31.05 34.44 -12.06
C GLU B 319 31.29 33.07 -11.39
N ASP B 320 31.70 33.07 -10.10
CA ASP B 320 31.93 31.85 -9.31
C ASP B 320 30.63 31.09 -8.99
N GLY B 321 29.49 31.77 -9.10
CA GLY B 321 28.18 31.16 -8.89
C GLY B 321 27.69 31.17 -7.45
N ILE B 322 28.58 31.49 -6.50
CA ILE B 322 28.26 31.50 -5.06
C ILE B 322 27.90 32.91 -4.56
N VAL B 323 26.72 33.01 -3.91
CA VAL B 323 26.20 34.24 -3.29
C VAL B 323 26.20 33.99 -1.79
N SER B 324 26.84 34.89 -1.02
CA SER B 324 26.93 34.72 0.43
C SER B 324 25.94 35.59 1.21
N ILE B 325 24.90 34.95 1.75
CA ILE B 325 23.89 35.58 2.60
C ILE B 325 24.37 35.25 4.01
N GLN B 326 25.16 36.17 4.60
CA GLN B 326 25.80 36.00 5.92
C GLN B 326 26.72 34.76 5.89
N ASP B 327 26.53 33.82 6.84
CA ASP B 327 27.28 32.56 6.95
C ASP B 327 26.90 31.56 5.85
N ALA B 328 25.62 31.59 5.41
CA ALA B 328 25.03 30.71 4.40
C ALA B 328 25.47 31.05 2.97
N ASP B 329 25.89 30.00 2.22
CA ASP B 329 26.33 30.11 0.83
C ASP B 329 25.33 29.44 -0.12
N VAL B 330 24.92 30.18 -1.18
CA VAL B 330 23.97 29.70 -2.18
C VAL B 330 24.66 29.62 -3.54
N TYR B 331 24.69 28.42 -4.15
CA TYR B 331 25.30 28.19 -5.45
C TYR B 331 24.21 28.24 -6.53
N VAL B 332 24.23 29.26 -7.39
CA VAL B 332 23.24 29.43 -8.45
C VAL B 332 23.91 29.43 -9.82
N LYS B 333 23.57 28.44 -10.67
CA LYS B 333 24.09 28.33 -12.04
C LYS B 333 22.98 27.94 -13.02
N ILE B 334 22.55 28.91 -13.84
CA ILE B 334 21.50 28.73 -14.85
C ILE B 334 22.13 28.75 -16.25
N ASP B 335 21.82 27.72 -17.06
CA ASP B 335 22.31 27.57 -18.43
C ASP B 335 21.47 28.35 -19.43
N ASN B 336 22.05 28.60 -20.63
CA ASN B 336 21.47 29.29 -21.78
C ASN B 336 20.81 30.65 -21.42
N VAL B 337 21.52 31.46 -20.59
CA VAL B 337 21.07 32.79 -20.19
C VAL B 337 21.50 33.76 -21.31
N PRO B 338 20.59 34.62 -21.84
CA PRO B 338 20.99 35.55 -22.93
C PRO B 338 22.12 36.49 -22.52
N ASP B 339 22.98 36.88 -23.49
CA ASP B 339 24.13 37.79 -23.26
C ASP B 339 23.72 39.14 -22.64
N ASN B 340 22.50 39.62 -22.96
CA ASN B 340 21.94 40.87 -22.46
C ASN B 340 21.29 40.73 -21.06
N MET B 341 21.25 39.49 -20.51
CA MET B 341 20.64 39.24 -19.20
C MET B 341 21.65 38.68 -18.18
N SER B 342 21.31 38.81 -16.88
CA SER B 342 22.13 38.32 -15.77
C SER B 342 21.30 37.50 -14.78
N VAL B 343 21.95 36.60 -14.02
CA VAL B 343 21.29 35.76 -13.01
C VAL B 343 21.29 36.49 -11.67
N TYR B 344 20.10 36.65 -11.07
CA TYR B 344 19.87 37.33 -9.80
C TYR B 344 19.28 36.39 -8.76
N LEU B 345 19.61 36.62 -7.48
CA LEU B 345 19.12 35.84 -6.35
C LEU B 345 18.50 36.76 -5.30
N HIS B 346 17.26 36.44 -4.88
CA HIS B 346 16.56 37.16 -3.82
C HIS B 346 17.16 36.63 -2.52
N THR B 347 17.95 37.47 -1.83
CA THR B 347 18.66 37.07 -0.61
C THR B 347 17.81 37.17 0.67
N ASN B 348 16.59 37.74 0.61
CA ASN B 348 15.70 37.85 1.77
C ASN B 348 14.21 37.69 1.40
N LEU B 349 13.86 36.60 0.67
CA LEU B 349 12.51 36.31 0.20
C LEU B 349 11.46 36.36 1.31
N LEU B 350 11.78 35.72 2.45
CA LEU B 350 10.96 35.71 3.66
C LEU B 350 11.92 35.77 4.85
N MET B 351 11.82 36.82 5.68
CA MET B 351 12.71 37.00 6.83
C MET B 351 11.96 37.35 8.12
N PHE B 352 12.49 36.91 9.27
CA PHE B 352 11.88 37.17 10.57
C PHE B 352 12.91 37.51 11.63
N GLY B 353 12.57 38.50 12.45
CA GLY B 353 13.38 38.99 13.56
C GLY B 353 12.55 39.71 14.60
N THR B 354 12.98 39.65 15.88
CA THR B 354 12.30 40.30 17.01
C THR B 354 13.07 41.52 17.51
N ARG B 355 14.40 41.55 17.28
CA ARG B 355 15.32 42.63 17.66
C ARG B 355 16.08 43.10 16.40
N LYS B 356 16.35 44.43 16.30
CA LYS B 356 16.94 45.11 15.15
C LYS B 356 18.29 44.54 14.66
N ASN B 357 19.18 44.12 15.57
CA ASN B 357 20.48 43.57 15.17
C ASN B 357 20.75 42.18 15.76
N SER B 358 19.71 41.33 15.79
CA SER B 358 19.79 39.97 16.32
C SER B 358 19.68 38.91 15.21
N PHE B 359 19.34 37.66 15.61
CA PHE B 359 19.16 36.49 14.75
C PHE B 359 18.02 36.72 13.76
N ILE B 360 18.21 36.22 12.51
CA ILE B 360 17.26 36.36 11.41
C ILE B 360 16.92 34.99 10.80
N TYR B 361 15.60 34.68 10.67
CA TYR B 361 15.14 33.45 10.02
C TYR B 361 14.83 33.80 8.58
N ASN B 362 15.80 33.57 7.69
CA ASN B 362 15.71 33.89 6.27
C ASN B 362 15.48 32.62 5.46
N ILE B 363 14.39 32.59 4.66
CA ILE B 363 14.04 31.41 3.85
C ILE B 363 15.03 31.23 2.69
N SER B 364 15.69 32.31 2.24
CA SER B 364 16.68 32.27 1.16
C SER B 364 17.93 31.55 1.64
N LYS B 365 18.25 31.67 2.95
CA LYS B 365 19.41 31.01 3.59
C LYS B 365 19.24 29.48 3.61
N LYS B 366 17.98 29.00 3.52
CA LYS B 366 17.62 27.57 3.53
C LYS B 366 17.90 26.86 2.18
N PHE B 367 18.46 27.58 1.20
CA PHE B 367 18.82 27.05 -0.11
C PHE B 367 20.35 27.01 -0.25
N SER B 368 20.90 25.88 -0.71
CA SER B 368 22.35 25.71 -0.87
C SER B 368 22.77 25.68 -2.34
N ALA B 369 21.93 25.11 -3.22
CA ALA B 369 22.20 25.04 -4.66
C ALA B 369 20.92 25.10 -5.50
N ILE B 370 20.96 25.87 -6.59
CA ILE B 370 19.88 26.05 -7.56
C ILE B 370 20.47 25.96 -8.97
N THR B 371 20.07 24.94 -9.75
CA THR B 371 20.53 24.75 -11.13
C THR B 371 19.34 24.63 -12.07
N GLY B 372 19.49 25.19 -13.26
CA GLY B 372 18.44 25.17 -14.28
C GLY B 372 18.91 25.65 -15.64
N THR B 373 17.95 25.80 -16.58
CA THR B 373 18.21 26.26 -17.93
C THR B 373 17.13 27.25 -18.36
N TYR B 374 17.56 28.41 -18.89
CA TYR B 374 16.64 29.45 -19.36
C TYR B 374 16.11 29.06 -20.73
N SER B 375 14.77 29.05 -20.85
CA SER B 375 14.08 28.74 -22.10
C SER B 375 13.82 30.05 -22.84
N ASP B 376 14.38 30.20 -24.06
CA ASP B 376 14.21 31.38 -24.89
C ASP B 376 12.80 31.47 -25.44
N ALA B 377 12.19 30.31 -25.76
CA ALA B 377 10.84 30.20 -26.32
C ALA B 377 9.76 30.67 -25.35
N THR B 378 9.78 30.17 -24.09
CA THR B 378 8.80 30.52 -23.06
C THR B 378 9.24 31.71 -22.19
N LYS B 379 10.51 32.17 -22.37
CA LYS B 379 11.13 33.30 -21.65
C LYS B 379 11.10 33.10 -20.10
N ARG B 380 11.17 31.82 -19.66
CA ARG B 380 11.16 31.47 -18.24
CA ARG B 380 11.15 31.45 -18.24
C ARG B 380 12.26 30.45 -17.88
N THR B 381 12.67 30.43 -16.61
CA THR B 381 13.70 29.53 -16.11
C THR B 381 13.10 28.17 -15.76
N ILE B 382 13.73 27.09 -16.23
CA ILE B 382 13.30 25.72 -15.97
C ILE B 382 14.32 25.08 -15.02
N PHE B 383 13.97 25.02 -13.73
CA PHE B 383 14.82 24.48 -12.67
C PHE B 383 14.99 22.97 -12.73
N ALA B 384 16.24 22.51 -12.69
CA ALA B 384 16.61 21.09 -12.76
C ALA B 384 16.78 20.46 -11.37
N HIS B 385 17.80 20.91 -10.60
CA HIS B 385 18.09 20.38 -9.28
C HIS B 385 18.17 21.48 -8.22
N ILE B 386 17.47 21.28 -7.09
CA ILE B 386 17.45 22.21 -5.96
C ILE B 386 17.93 21.51 -4.67
N SER B 387 18.99 22.06 -4.05
CA SER B 387 19.52 21.57 -2.77
C SER B 387 19.05 22.55 -1.71
N HIS B 388 18.20 22.08 -0.79
CA HIS B 388 17.64 22.92 0.25
C HIS B 388 17.45 22.19 1.58
N SER B 389 17.11 22.96 2.62
CA SER B 389 16.85 22.47 3.97
C SER B 389 15.43 22.83 4.41
N ILE B 390 14.51 23.04 3.43
CA ILE B 390 13.10 23.38 3.66
C ILE B 390 12.40 22.17 4.28
N ASN B 391 11.68 22.40 5.39
CA ASN B 391 10.95 21.37 6.13
C ASN B 391 9.43 21.56 6.06
N ILE B 392 8.67 20.58 6.61
CA ILE B 392 7.20 20.60 6.67
C ILE B 392 6.67 21.81 7.45
N ILE B 393 7.42 22.28 8.47
CA ILE B 393 7.04 23.42 9.30
C ILE B 393 6.98 24.71 8.46
N ASP B 394 8.00 24.94 7.60
CA ASP B 394 8.10 26.12 6.70
C ASP B 394 6.85 26.29 5.84
N THR B 395 6.36 25.16 5.28
CA THR B 395 5.19 25.08 4.42
C THR B 395 3.89 25.33 5.20
N SER B 396 3.94 25.15 6.54
CA SER B 396 2.80 25.27 7.46
C SER B 396 2.68 26.64 8.17
N ILE B 397 3.52 27.61 7.79
CA ILE B 397 3.49 28.96 8.38
C ILE B 397 2.45 29.83 7.64
N PRO B 398 1.44 30.41 8.35
CA PRO B 398 0.50 31.31 7.67
C PRO B 398 1.21 32.60 7.23
N VAL B 399 0.75 33.21 6.12
CA VAL B 399 1.37 34.44 5.57
C VAL B 399 1.35 35.60 6.58
N SER B 400 0.29 35.65 7.43
CA SER B 400 0.07 36.64 8.48
C SER B 400 1.28 36.77 9.42
N LEU B 401 1.86 35.63 9.84
CA LEU B 401 3.00 35.59 10.77
C LEU B 401 4.29 36.16 10.17
N TRP B 402 4.43 36.18 8.83
CA TRP B 402 5.60 36.78 8.18
C TRP B 402 5.48 38.30 8.24
N THR B 403 4.26 38.83 7.99
CA THR B 403 3.94 40.26 8.02
C THR B 403 3.22 40.63 9.33
N SER B 404 3.77 40.19 10.47
CA SER B 404 3.22 40.45 11.81
C SER B 404 3.93 41.63 12.49
N GLN B 405 3.28 42.19 13.55
CA GLN B 405 3.79 43.31 14.34
C GLN B 405 5.13 42.98 15.03
N ARG B 406 5.26 41.73 15.53
CA ARG B 406 6.45 41.22 16.22
CA ARG B 406 6.46 41.26 16.22
C ARG B 406 7.70 41.23 15.31
N ASN B 407 7.49 41.21 13.98
CA ASN B 407 8.58 41.23 13.01
C ASN B 407 9.09 42.66 12.82
N VAL B 408 10.40 42.86 13.08
CA VAL B 408 11.07 44.16 12.93
C VAL B 408 11.28 44.49 11.45
N TYR B 409 11.40 43.43 10.61
CA TYR B 409 11.58 43.51 9.16
C TYR B 409 10.23 43.52 8.45
N ASN B 410 10.23 43.66 7.11
CA ASN B 410 9.00 43.66 6.31
C ASN B 410 8.35 42.27 6.32
N GLY B 411 9.17 41.23 6.21
CA GLY B 411 8.74 39.84 6.26
C GLY B 411 8.55 39.19 4.90
N ASP B 412 7.44 39.52 4.22
CA ASP B 412 7.09 38.97 2.91
C ASP B 412 7.63 39.86 1.79
N ASN B 413 8.82 39.51 1.27
CA ASN B 413 9.49 40.28 0.22
C ASN B 413 9.29 39.68 -1.17
N ARG B 414 8.26 38.82 -1.32
CA ARG B 414 7.86 38.17 -2.57
C ARG B 414 7.24 39.20 -3.53
N SER B 415 7.04 38.80 -4.80
CA SER B 415 6.40 39.64 -5.81
C SER B 415 4.89 39.69 -5.56
N ALA B 416 4.20 40.70 -6.12
CA ALA B 416 2.74 40.86 -6.00
C ALA B 416 2.01 39.69 -6.68
N GLU B 417 2.63 39.14 -7.75
CA GLU B 417 2.14 38.01 -8.53
C GLU B 417 2.08 36.75 -7.66
N SER B 418 3.17 36.49 -6.90
CA SER B 418 3.33 35.36 -5.98
C SER B 418 2.33 35.46 -4.82
N LYS B 419 2.24 36.64 -4.19
CA LYS B 419 1.35 36.93 -3.05
C LYS B 419 -0.12 36.72 -3.40
N ALA B 420 -0.49 36.95 -4.67
CA ALA B 420 -1.85 36.79 -5.19
C ALA B 420 -2.25 35.31 -5.24
N LYS B 421 -1.26 34.41 -5.45
CA LYS B 421 -1.43 32.96 -5.56
C LYS B 421 -1.61 32.24 -4.19
N ASP B 422 -1.50 33.00 -3.06
CA ASP B 422 -1.68 32.45 -1.70
C ASP B 422 -3.10 31.91 -1.48
N LEU B 423 -3.21 30.76 -0.79
CA LEU B 423 -4.48 30.06 -0.57
C LEU B 423 -4.96 30.04 0.87
N PHE B 424 -6.27 30.21 1.07
CA PHE B 424 -6.92 30.14 2.38
C PHE B 424 -7.19 28.68 2.70
N ILE B 425 -6.59 28.18 3.80
CA ILE B 425 -6.78 26.79 4.25
C ILE B 425 -7.40 26.83 5.64
N ASN B 426 -8.62 26.26 5.76
CA ASN B 426 -9.39 26.26 7.00
C ASN B 426 -9.78 24.84 7.46
N ASP B 427 -8.95 23.82 7.11
CA ASP B 427 -9.20 22.43 7.49
C ASP B 427 -9.44 22.30 9.00
N PRO B 428 -10.64 21.83 9.41
CA PRO B 428 -10.96 21.77 10.84
C PRO B 428 -10.23 20.67 11.61
N PHE B 429 -9.62 19.71 10.89
CA PHE B 429 -8.98 18.56 11.54
C PHE B 429 -7.43 18.58 11.48
N ILE B 430 -6.82 19.79 11.50
CA ILE B 430 -5.35 19.91 11.53
C ILE B 430 -4.86 19.60 12.95
N LYS B 431 -3.77 18.82 13.07
CA LYS B 431 -3.19 18.45 14.36
C LYS B 431 -1.72 18.88 14.42
N GLY B 432 -1.23 19.12 15.64
CA GLY B 432 0.15 19.55 15.88
C GLY B 432 0.40 20.99 15.47
N ILE B 433 1.53 21.24 14.80
CA ILE B 433 1.92 22.58 14.35
C ILE B 433 2.17 22.62 12.82
N ASP B 434 2.27 21.44 12.18
CA ASP B 434 2.48 21.30 10.75
C ASP B 434 1.33 20.54 10.06
N PHE B 435 1.18 20.72 8.73
CA PHE B 435 0.14 20.10 7.90
C PHE B 435 0.14 18.57 7.89
N LYS B 436 1.32 17.95 8.11
CA LYS B 436 1.44 16.49 8.14
C LYS B 436 1.48 15.90 9.57
N ASN B 437 1.36 16.76 10.60
CA ASN B 437 1.40 16.39 12.03
C ASN B 437 2.68 15.59 12.37
N LYS B 438 3.80 15.98 11.73
CA LYS B 438 5.10 15.33 11.90
C LYS B 438 5.75 15.73 13.22
N THR B 439 5.95 17.04 13.43
CA THR B 439 6.60 17.61 14.60
C THR B 439 5.85 17.28 15.89
N ASP B 440 6.55 16.55 16.79
CA ASP B 440 5.99 16.18 18.08
C ASP B 440 6.38 17.27 19.06
N ILE B 441 5.44 18.18 19.34
CA ILE B 441 5.68 19.33 20.23
C ILE B 441 5.48 18.98 21.72
N ILE B 442 5.05 17.75 22.04
CA ILE B 442 4.91 17.27 23.41
C ILE B 442 6.22 16.55 23.75
N SER B 443 7.04 17.15 24.64
CA SER B 443 8.30 16.58 25.11
C SER B 443 8.05 15.59 26.25
N ARG B 444 7.04 15.86 27.10
CA ARG B 444 6.66 15.00 28.22
C ARG B 444 5.16 15.07 28.44
N LEU B 445 4.55 13.91 28.76
CA LEU B 445 3.12 13.77 29.02
C LEU B 445 2.92 13.24 30.44
N GLU B 446 1.95 13.82 31.16
CA GLU B 446 1.59 13.43 32.52
C GLU B 446 0.07 13.34 32.64
N VAL B 447 -0.42 12.16 33.03
CA VAL B 447 -1.84 11.92 33.24
C VAL B 447 -2.05 11.63 34.71
N ARG B 448 -2.76 12.53 35.41
CA ARG B 448 -3.04 12.44 36.83
C ARG B 448 -4.51 12.14 37.10
N PHE B 449 -4.76 10.99 37.74
CA PHE B 449 -6.11 10.59 38.13
C PHE B 449 -6.24 11.03 39.61
N GLY B 450 -6.86 12.20 39.80
CA GLY B 450 -6.98 12.84 41.10
C GLY B 450 -5.69 13.60 41.39
N ASN B 451 -5.06 13.31 42.53
CA ASN B 451 -3.79 13.92 42.94
C ASN B 451 -2.61 13.04 42.49
N ASP B 452 -2.84 11.71 42.47
CA ASP B 452 -1.88 10.68 42.10
C ASP B 452 -1.66 10.61 40.59
N VAL B 453 -0.42 10.28 40.17
CA VAL B 453 -0.03 10.14 38.77
C VAL B 453 -0.42 8.75 38.24
N LEU B 454 -1.30 8.71 37.23
CA LEU B 454 -1.75 7.48 36.59
C LEU B 454 -0.73 6.99 35.58
N TYR B 455 -0.21 7.91 34.73
CA TYR B 455 0.76 7.60 33.69
C TYR B 455 1.65 8.80 33.36
N SER B 456 2.92 8.52 33.03
CA SER B 456 3.91 9.52 32.62
C SER B 456 4.86 8.94 31.58
N GLU B 457 5.17 9.73 30.53
CA GLU B 457 6.09 9.32 29.45
C GLU B 457 6.93 10.46 28.89
N ASN B 458 8.15 10.13 28.43
CA ASN B 458 9.10 11.08 27.83
C ASN B 458 9.13 10.94 26.31
N GLY B 459 8.70 9.77 25.84
CA GLY B 459 8.60 9.45 24.42
C GLY B 459 7.18 9.08 24.05
N PRO B 460 6.78 9.13 22.75
CA PRO B 460 5.39 8.78 22.40
C PRO B 460 5.12 7.27 22.35
N ILE B 461 5.54 6.54 23.40
CA ILE B 461 5.37 5.09 23.53
C ILE B 461 3.87 4.69 23.59
N SER B 462 2.99 5.61 24.07
CA SER B 462 1.55 5.37 24.11
C SER B 462 0.97 5.45 22.70
N ARG B 463 1.55 6.32 21.82
CA ARG B 463 1.15 6.45 20.42
C ARG B 463 1.66 5.21 19.68
N ILE B 464 2.89 4.77 19.99
CA ILE B 464 3.53 3.56 19.44
C ILE B 464 2.65 2.32 19.72
N TYR B 465 2.15 2.18 20.96
CA TYR B 465 1.24 1.08 21.30
C TYR B 465 -0.08 1.23 20.59
N ASN B 466 -0.60 2.47 20.48
CA ASN B 466 -1.87 2.75 19.80
C ASN B 466 -1.78 2.38 18.32
N GLU B 467 -0.69 2.79 17.63
CA GLU B 467 -0.44 2.50 16.23
C GLU B 467 -0.27 1.00 15.98
N LEU B 468 0.47 0.30 16.88
CA LEU B 468 0.71 -1.14 16.79
C LEU B 468 -0.57 -1.95 17.01
N LEU B 469 -1.26 -1.72 18.16
CA LEU B 469 -2.47 -2.46 18.54
C LEU B 469 -3.64 -2.26 17.58
N THR B 470 -3.83 -1.04 17.07
CA THR B 470 -4.93 -0.74 16.15
C THR B 470 -4.55 -0.88 14.66
N LYS B 471 -3.26 -1.22 14.37
CA LYS B 471 -2.70 -1.35 13.01
C LYS B 471 -3.00 -0.09 12.18
N SER B 472 -2.67 1.07 12.75
CA SER B 472 -2.87 2.39 12.16
C SER B 472 -1.51 3.07 11.97
N ASN B 473 -1.33 3.81 10.87
CA ASN B 473 -0.07 4.51 10.62
C ASN B 473 -0.11 5.95 11.14
N ASN B 474 -1.30 6.39 11.62
CA ASN B 474 -1.52 7.72 12.17
C ASN B 474 -2.36 7.63 13.44
N GLY B 475 -1.70 7.35 14.56
CA GLY B 475 -2.35 7.22 15.86
C GLY B 475 -2.04 8.36 16.79
N THR B 476 -2.66 8.35 17.97
CA THR B 476 -2.49 9.39 19.00
C THR B 476 -1.98 8.76 20.30
N ARG B 477 -1.40 9.58 21.20
CA ARG B 477 -0.91 9.15 22.52
C ARG B 477 -2.17 8.70 23.28
N THR B 478 -2.44 7.40 23.25
CA THR B 478 -3.64 6.80 23.84
C THR B 478 -3.33 5.82 24.95
N LEU B 479 -4.07 5.96 26.06
CA LEU B 479 -4.01 5.08 27.22
C LEU B 479 -5.22 4.18 27.17
N THR B 480 -5.02 2.92 26.77
CA THR B 480 -6.10 1.93 26.67
C THR B 480 -6.19 1.16 27.99
N PHE B 481 -7.42 1.06 28.52
CA PHE B 481 -7.72 0.36 29.77
C PHE B 481 -8.47 -0.95 29.50
N ASN B 482 -9.07 -1.08 28.29
CA ASN B 482 -9.84 -2.25 27.89
C ASN B 482 -9.12 -3.13 26.86
N PHE B 483 -8.60 -4.30 27.29
CA PHE B 483 -7.92 -5.28 26.45
C PHE B 483 -8.76 -6.56 26.36
N THR B 484 -10.05 -6.44 26.76
CA THR B 484 -11.05 -7.51 26.77
C THR B 484 -11.83 -7.51 25.46
N PRO B 485 -12.17 -8.69 24.87
CA PRO B 485 -12.93 -8.68 23.60
C PRO B 485 -14.21 -7.86 23.69
N LYS B 486 -14.44 -7.00 22.68
CA LYS B 486 -15.61 -6.13 22.63
C LYS B 486 -16.89 -6.91 22.35
N ILE B 487 -18.05 -6.34 22.77
CA ILE B 487 -19.41 -6.87 22.57
C ILE B 487 -19.71 -8.12 23.44
N PHE B 488 -18.89 -9.18 23.33
CA PHE B 488 -19.12 -10.42 24.08
C PHE B 488 -18.74 -10.33 25.57
N PHE B 489 -18.09 -9.23 26.00
CA PHE B 489 -17.68 -9.00 27.37
C PHE B 489 -17.95 -7.57 27.83
N ARG B 490 -18.12 -7.39 29.15
CA ARG B 490 -18.30 -6.07 29.78
C ARG B 490 -16.91 -5.39 29.73
N PRO B 491 -16.75 -4.26 29.02
CA PRO B 491 -15.40 -3.66 28.91
C PRO B 491 -14.73 -3.30 30.23
N THR B 492 -13.41 -3.53 30.29
CA THR B 492 -12.56 -3.24 31.45
C THR B 492 -12.36 -1.73 31.50
N THR B 493 -12.80 -1.11 32.60
CA THR B 493 -12.71 0.34 32.78
C THR B 493 -11.94 0.74 34.01
N ILE B 494 -11.39 1.97 34.00
CA ILE B 494 -10.70 2.56 35.13
C ILE B 494 -11.79 2.96 36.16
N THR B 495 -11.73 2.37 37.36
CA THR B 495 -12.68 2.61 38.45
C THR B 495 -12.32 3.93 39.17
N ALA B 496 -13.32 4.79 39.43
CA ALA B 496 -13.10 6.09 40.07
C ALA B 496 -13.46 6.14 41.55
N ASN B 497 -12.61 6.83 42.36
CA ASN B 497 -12.83 7.02 43.78
C ASN B 497 -13.20 8.49 44.05
N VAL B 498 -14.53 8.77 44.11
CA VAL B 498 -15.09 10.11 44.29
C VAL B 498 -14.65 10.77 45.61
N SER B 499 -14.67 9.99 46.72
CA SER B 499 -14.29 10.45 48.06
C SER B 499 -12.84 10.95 48.15
N ARG B 500 -11.90 10.27 47.48
CA ARG B 500 -10.47 10.61 47.46
C ARG B 500 -10.12 11.68 46.39
N GLY B 501 -11.14 12.19 45.70
CA GLY B 501 -10.99 13.21 44.66
C GLY B 501 -10.49 12.66 43.33
N LYS B 502 -10.51 11.32 43.17
CA LYS B 502 -10.07 10.59 41.97
C LYS B 502 -11.27 10.31 41.05
N ASP B 503 -11.99 11.40 40.65
CA ASP B 503 -13.17 11.36 39.77
C ASP B 503 -12.97 12.26 38.54
N LYS B 504 -11.72 12.72 38.32
CA LYS B 504 -11.31 13.56 37.20
C LYS B 504 -9.94 13.16 36.67
N LEU B 505 -9.75 13.28 35.34
CA LEU B 505 -8.47 12.97 34.70
C LEU B 505 -7.82 14.27 34.25
N SER B 506 -6.66 14.60 34.84
CA SER B 506 -5.95 15.82 34.52
C SER B 506 -4.73 15.50 33.67
N VAL B 507 -4.65 16.12 32.48
CA VAL B 507 -3.55 15.91 31.55
C VAL B 507 -2.66 17.16 31.52
N ARG B 508 -1.35 16.95 31.74
CA ARG B 508 -0.34 18.00 31.71
C ARG B 508 0.78 17.62 30.75
N VAL B 509 1.13 18.55 29.86
CA VAL B 509 2.21 18.35 28.88
C VAL B 509 3.35 19.35 29.10
N VAL B 510 4.53 19.02 28.58
CA VAL B 510 5.71 19.87 28.61
C VAL B 510 6.03 20.09 27.15
N TYR B 511 5.64 21.26 26.62
CA TYR B 511 5.85 21.59 25.21
C TYR B 511 7.31 21.87 24.92
N SER B 512 7.76 21.50 23.72
CA SER B 512 9.13 21.72 23.26
C SER B 512 9.37 23.22 23.09
N THR B 513 10.55 23.71 23.49
CA THR B 513 10.87 25.14 23.36
C THR B 513 11.34 25.47 21.97
N MET B 514 10.70 26.48 21.35
CA MET B 514 11.01 26.95 20.01
C MET B 514 11.64 28.33 20.04
N ASP B 515 12.40 28.67 18.99
CA ASP B 515 13.09 29.95 18.86
C ASP B 515 12.12 31.10 18.62
N VAL B 516 12.31 32.24 19.32
CA VAL B 516 11.44 33.42 19.16
C VAL B 516 11.58 34.07 17.76
N ASN B 517 12.71 33.86 17.08
CA ASN B 517 12.95 34.42 15.76
C ASN B 517 12.44 33.51 14.62
N HIS B 518 11.77 32.38 14.97
CA HIS B 518 11.17 31.44 14.03
C HIS B 518 9.66 31.72 14.00
N PRO B 519 9.02 31.92 12.82
CA PRO B 519 7.59 32.27 12.81
C PRO B 519 6.63 31.25 13.45
N ILE B 520 6.98 29.95 13.45
CA ILE B 520 6.13 28.88 14.00
C ILE B 520 5.93 28.98 15.54
N TYR B 521 6.80 29.73 16.23
CA TYR B 521 6.74 29.97 17.67
C TYR B 521 5.39 30.60 18.05
N TYR B 522 4.85 31.45 17.15
CA TYR B 522 3.64 32.23 17.31
C TYR B 522 2.37 31.49 16.89
N VAL B 523 2.49 30.20 16.52
CA VAL B 523 1.35 29.34 16.19
C VAL B 523 0.78 28.88 17.53
N GLN B 524 -0.42 29.37 17.85
CA GLN B 524 -1.12 29.05 19.09
C GLN B 524 -1.44 27.55 19.14
N LYS B 525 -1.18 26.91 20.30
CA LYS B 525 -1.39 25.47 20.50
C LYS B 525 -2.63 25.20 21.37
N GLN B 526 -3.29 24.05 21.17
CA GLN B 526 -4.46 23.64 21.95
C GLN B 526 -4.37 22.16 22.28
N LEU B 527 -4.44 21.84 23.58
CA LEU B 527 -4.36 20.46 24.05
C LEU B 527 -5.76 19.82 24.03
N VAL B 528 -5.90 18.71 23.28
CA VAL B 528 -7.16 17.97 23.14
C VAL B 528 -7.04 16.65 23.90
N VAL B 529 -8.01 16.39 24.79
CA VAL B 529 -8.05 15.17 25.58
C VAL B 529 -9.40 14.49 25.35
N VAL B 530 -9.38 13.25 24.82
CA VAL B 530 -10.60 12.49 24.52
C VAL B 530 -10.76 11.33 25.51
N CYS B 531 -11.95 11.23 26.13
CA CYS B 531 -12.26 10.20 27.12
C CYS B 531 -13.46 9.36 26.67
N ASN B 532 -13.26 8.03 26.55
CA ASN B 532 -14.29 7.09 26.12
C ASN B 532 -15.02 6.53 27.34
N ASP B 533 -16.19 7.11 27.68
CA ASP B 533 -16.98 6.70 28.84
C ASP B 533 -17.83 5.48 28.58
N LEU B 534 -17.93 4.57 29.58
CA LEU B 534 -18.75 3.37 29.47
C LEU B 534 -20.19 3.66 29.85
N TYR B 535 -21.12 3.20 28.98
CA TYR B 535 -22.57 3.34 29.14
C TYR B 535 -23.23 1.98 28.94
N LYS B 536 -24.36 1.74 29.64
CA LYS B 536 -25.13 0.50 29.51
C LYS B 536 -26.38 0.76 28.68
N VAL B 537 -26.57 -0.01 27.60
CA VAL B 537 -27.73 0.10 26.71
C VAL B 537 -28.84 -0.80 27.25
N SER B 538 -29.95 -0.17 27.68
CA SER B 538 -31.13 -0.83 28.23
C SER B 538 -32.24 -0.77 27.19
N TYR B 539 -32.96 -1.88 26.98
CA TYR B 539 -34.03 -1.93 25.99
C TYR B 539 -35.43 -2.03 26.62
N ASP B 540 -35.51 -1.88 27.95
CA ASP B 540 -36.77 -1.90 28.71
C ASP B 540 -37.49 -0.56 28.50
N GLN B 541 -38.72 -0.62 27.92
CA GLN B 541 -39.57 0.54 27.59
C GLN B 541 -38.84 1.54 26.66
N GLY B 542 -38.29 1.02 25.57
CA GLY B 542 -37.53 1.78 24.59
C GLY B 542 -36.03 1.74 24.81
N VAL B 543 -35.26 2.22 23.82
CA VAL B 543 -33.79 2.26 23.86
C VAL B 543 -33.35 3.42 24.76
N SER B 544 -32.45 3.14 25.72
CA SER B 544 -31.93 4.14 26.66
C SER B 544 -30.53 3.77 27.17
N ILE B 545 -29.66 4.78 27.34
CA ILE B 545 -28.31 4.57 27.84
C ILE B 545 -28.14 5.15 29.25
N THR B 546 -27.30 4.49 30.08
CA THR B 546 -27.03 4.89 31.46
C THR B 546 -25.51 4.88 31.72
N LYS B 547 -24.98 6.00 32.24
CA LYS B 547 -23.55 6.15 32.56
C LYS B 547 -23.14 5.24 33.71
N ILE B 548 -22.11 4.42 33.49
CA ILE B 548 -21.58 3.49 34.49
C ILE B 548 -20.84 4.32 35.54
N MET B 549 -21.30 4.25 36.82
CA MET B 549 -20.73 5.01 37.93
C MET B 549 -20.58 4.14 39.18
N ILE C 18 -19.14 -12.51 42.47
CA ILE C 18 -19.64 -12.47 41.10
C ILE C 18 -18.87 -13.46 40.19
N LYS C 19 -19.62 -14.20 39.35
CA LYS C 19 -19.07 -15.17 38.40
C LYS C 19 -18.37 -14.43 37.26
N ARG C 20 -17.08 -14.71 37.06
CA ARG C 20 -16.27 -14.07 36.03
C ARG C 20 -15.67 -15.05 35.04
N SER C 21 -15.67 -14.68 33.75
CA SER C 21 -15.10 -15.47 32.67
C SER C 21 -13.60 -15.19 32.61
N ASN C 22 -12.78 -16.26 32.64
CA ASN C 22 -11.32 -16.17 32.61
C ASN C 22 -10.81 -15.69 31.26
N VAL C 23 -10.19 -14.50 31.25
CA VAL C 23 -9.63 -13.88 30.05
C VAL C 23 -8.10 -13.95 30.05
N PHE C 24 -7.50 -14.58 31.08
CA PHE C 24 -6.04 -14.68 31.20
C PHE C 24 -5.49 -16.09 30.99
N ALA C 25 -6.35 -17.11 31.00
CA ALA C 25 -5.96 -18.50 30.77
C ALA C 25 -7.08 -19.27 30.09
N VAL C 26 -6.71 -20.31 29.32
CA VAL C 26 -7.66 -21.14 28.59
C VAL C 26 -7.20 -22.61 28.53
N ASP C 27 -8.17 -23.54 28.56
CA ASP C 27 -7.89 -24.98 28.50
C ASP C 27 -7.55 -25.33 27.05
N SER C 28 -6.29 -25.76 26.81
CA SER C 28 -5.82 -26.14 25.47
C SER C 28 -6.45 -27.46 25.04
N GLN C 29 -7.53 -27.37 24.24
CA GLN C 29 -8.29 -28.52 23.72
C GLN C 29 -7.39 -29.37 22.82
N ILE C 30 -7.38 -30.70 23.03
CA ILE C 30 -6.58 -31.60 22.20
C ILE C 30 -7.33 -31.75 20.86
N PRO C 31 -6.72 -31.37 19.71
CA PRO C 31 -7.46 -31.47 18.44
C PRO C 31 -7.42 -32.86 17.83
N THR C 32 -8.11 -33.05 16.70
CA THR C 32 -8.13 -34.33 15.96
C THR C 32 -6.71 -34.61 15.48
N LEU C 33 -6.23 -35.86 15.65
CA LEU C 33 -4.89 -36.24 15.23
C LEU C 33 -4.81 -36.28 13.71
N TYR C 34 -4.01 -35.38 13.13
CA TYR C 34 -3.84 -35.29 11.69
C TYR C 34 -2.41 -34.93 11.30
N MET C 35 -2.13 -34.99 9.99
CA MET C 35 -0.84 -34.63 9.44
C MET C 35 -0.98 -33.97 8.08
N PRO C 36 -0.58 -32.68 7.94
CA PRO C 36 -0.71 -32.03 6.63
C PRO C 36 0.48 -32.33 5.71
N GLN C 37 0.26 -32.22 4.38
CA GLN C 37 1.31 -32.42 3.38
C GLN C 37 0.99 -31.67 2.12
N TYR C 38 1.96 -30.92 1.57
CA TYR C 38 1.78 -30.21 0.31
C TYR C 38 1.95 -31.22 -0.82
N ILE C 39 0.86 -31.51 -1.55
CA ILE C 39 0.88 -32.49 -2.64
C ILE C 39 0.70 -31.81 -3.99
N SER C 40 1.66 -32.03 -4.91
CA SER C 40 1.65 -31.49 -6.27
C SER C 40 1.37 -32.62 -7.26
N LEU C 41 0.45 -32.38 -8.22
CA LEU C 41 0.06 -33.39 -9.22
C LEU C 41 0.13 -32.87 -10.65
N SER C 42 0.65 -33.70 -11.55
CA SER C 42 0.71 -33.41 -12.98
C SER C 42 -0.59 -33.96 -13.57
N GLY C 43 -1.25 -33.14 -14.39
CA GLY C 43 -2.53 -33.50 -14.98
C GLY C 43 -2.49 -34.10 -16.38
N VAL C 44 -3.70 -34.30 -16.94
CA VAL C 44 -3.90 -34.84 -18.27
C VAL C 44 -4.46 -33.71 -19.15
N MET C 45 -3.73 -33.35 -20.20
CA MET C 45 -4.14 -32.28 -21.11
C MET C 45 -4.99 -32.80 -22.27
N THR C 46 -6.14 -32.15 -22.51
CA THR C 46 -7.12 -32.50 -23.54
C THR C 46 -7.52 -31.23 -24.31
N ASN C 47 -7.98 -31.40 -25.57
CA ASN C 47 -8.43 -30.29 -26.43
C ASN C 47 -9.79 -30.58 -27.05
N ASP C 51 -14.64 -29.80 -29.21
CA ASP C 51 -13.23 -29.61 -28.86
C ASP C 51 -12.77 -28.16 -29.09
N ASN C 52 -11.48 -27.95 -29.50
CA ASN C 52 -10.74 -26.70 -29.82
C ASN C 52 -10.21 -25.93 -28.57
N GLN C 53 -10.65 -26.27 -27.34
CA GLN C 53 -10.24 -25.61 -26.09
C GLN C 53 -9.45 -26.53 -25.13
N ALA C 54 -8.36 -26.01 -24.50
CA ALA C 54 -7.50 -26.76 -23.57
C ALA C 54 -8.16 -27.05 -22.23
N ILE C 55 -8.04 -28.30 -21.73
CA ILE C 55 -8.62 -28.80 -20.48
C ILE C 55 -7.58 -29.64 -19.73
N ALA C 56 -7.38 -29.34 -18.43
CA ALA C 56 -6.45 -30.07 -17.58
C ALA C 56 -7.23 -30.78 -16.48
N SER C 57 -7.09 -32.11 -16.38
CA SER C 57 -7.77 -32.91 -15.36
C SER C 57 -6.78 -33.50 -14.38
N PHE C 58 -7.04 -33.28 -13.08
CA PHE C 58 -6.19 -33.75 -11.98
C PHE C 58 -7.01 -34.68 -11.09
N GLU C 59 -6.63 -35.96 -11.04
CA GLU C 59 -7.33 -36.94 -10.22
C GLU C 59 -6.66 -37.12 -8.89
N ILE C 60 -7.43 -36.94 -7.81
CA ILE C 60 -6.97 -37.09 -6.43
C ILE C 60 -7.68 -38.31 -5.86
N ARG C 61 -6.93 -39.43 -5.72
CA ARG C 61 -7.42 -40.67 -5.17
C ARG C 61 -6.34 -41.32 -4.35
N ASP C 62 -6.56 -41.36 -3.03
CA ASP C 62 -5.63 -41.92 -2.06
C ASP C 62 -6.41 -42.25 -0.80
N GLN C 63 -6.13 -43.41 -0.21
CA GLN C 63 -6.79 -43.84 1.02
C GLN C 63 -6.35 -43.01 2.22
N TYR C 64 -5.16 -42.37 2.13
CA TYR C 64 -4.60 -41.56 3.21
C TYR C 64 -4.91 -40.05 3.08
N ILE C 65 -5.28 -39.55 1.90
CA ILE C 65 -5.69 -38.15 1.80
C ILE C 65 -7.13 -38.12 2.30
N THR C 66 -7.31 -37.78 3.59
CA THR C 66 -8.62 -37.72 4.24
C THR C 66 -9.37 -36.44 3.86
N ALA C 67 -8.65 -35.30 3.81
CA ALA C 67 -9.22 -34.00 3.47
C ALA C 67 -8.22 -33.13 2.71
N LEU C 68 -8.71 -32.08 2.02
CA LEU C 68 -7.87 -31.14 1.27
C LEU C 68 -8.48 -29.75 1.16
N ASN C 69 -7.61 -28.73 1.05
CA ASN C 69 -7.94 -27.33 0.85
C ASN C 69 -6.72 -26.61 0.26
N HIS C 70 -6.86 -25.29 -0.02
CA HIS C 70 -5.83 -24.42 -0.59
C HIS C 70 -5.24 -24.95 -1.90
N LEU C 71 -6.03 -24.86 -2.97
CA LEU C 71 -5.65 -25.30 -4.31
C LEU C 71 -4.81 -24.20 -4.98
N VAL C 72 -3.64 -24.58 -5.52
CA VAL C 72 -2.73 -23.68 -6.22
C VAL C 72 -2.36 -24.32 -7.55
N LEU C 73 -2.69 -23.66 -8.66
CA LEU C 73 -2.36 -24.16 -9.99
C LEU C 73 -1.16 -23.39 -10.53
N SER C 74 -0.05 -24.11 -10.78
CA SER C 74 1.17 -23.51 -11.32
C SER C 74 1.22 -23.65 -12.84
N LEU C 75 1.75 -22.63 -13.53
CA LEU C 75 1.86 -22.64 -14.99
C LEU C 75 3.25 -22.26 -15.46
N GLU C 76 3.84 -23.08 -16.35
CA GLU C 76 5.16 -22.84 -16.91
C GLU C 76 5.05 -22.09 -18.23
N LEU C 77 5.21 -20.76 -18.17
CA LEU C 77 5.15 -19.88 -19.34
C LEU C 77 6.45 -20.07 -20.15
N PRO C 78 6.35 -20.33 -21.47
CA PRO C 78 7.57 -20.59 -22.25
C PRO C 78 8.37 -19.35 -22.64
N GLU C 79 9.57 -19.58 -23.21
CA GLU C 79 10.43 -18.52 -23.74
C GLU C 79 9.74 -18.00 -25.00
N VAL C 80 9.67 -16.68 -25.15
CA VAL C 80 9.05 -16.04 -26.30
C VAL C 80 10.16 -15.40 -27.14
N LYS C 81 10.50 -16.02 -28.27
CA LYS C 81 11.53 -15.56 -29.19
C LYS C 81 10.94 -15.11 -30.51
N GLY C 82 11.55 -14.10 -31.11
CA GLY C 82 11.11 -13.55 -32.40
C GLY C 82 11.13 -12.05 -32.48
N MET C 83 10.36 -11.49 -33.43
CA MET C 83 10.28 -10.06 -33.66
C MET C 83 8.93 -9.46 -33.27
N GLY C 84 8.93 -8.17 -32.97
CA GLY C 84 7.73 -7.42 -32.59
C GLY C 84 7.55 -7.18 -31.11
N ARG C 85 6.47 -6.45 -30.76
N ARG C 85 6.48 -6.45 -30.75
CA ARG C 85 6.13 -6.11 -29.38
CA ARG C 85 6.12 -6.10 -29.37
C ARG C 85 5.25 -7.21 -28.76
C ARG C 85 5.25 -7.21 -28.76
N PHE C 86 5.55 -7.61 -27.52
CA PHE C 86 4.83 -8.67 -26.79
C PHE C 86 4.89 -8.46 -25.27
N GLY C 87 3.81 -8.84 -24.59
CA GLY C 87 3.69 -8.77 -23.13
C GLY C 87 2.50 -9.56 -22.63
N TYR C 88 2.58 -10.03 -21.38
CA TYR C 88 1.47 -10.75 -20.76
C TYR C 88 0.57 -9.77 -20.02
N VAL C 89 -0.72 -10.12 -19.89
CA VAL C 89 -1.71 -9.31 -19.18
C VAL C 89 -1.39 -9.30 -17.66
N PRO C 90 -1.71 -8.24 -16.87
CA PRO C 90 -1.42 -8.29 -15.43
C PRO C 90 -2.21 -9.41 -14.77
N TYR C 91 -1.57 -10.11 -13.81
CA TYR C 91 -2.15 -11.26 -13.09
C TYR C 91 -2.51 -12.35 -14.13
N VAL C 92 -1.58 -12.57 -15.10
CA VAL C 92 -1.66 -13.48 -16.25
C VAL C 92 -2.28 -14.85 -15.86
N GLY C 93 -1.79 -15.44 -14.77
CA GLY C 93 -2.25 -16.72 -14.24
C GLY C 93 -3.75 -16.83 -14.06
N TYR C 94 -4.37 -15.79 -13.46
CA TYR C 94 -5.81 -15.76 -13.24
C TYR C 94 -6.58 -15.64 -14.55
N LYS C 95 -6.05 -14.83 -15.50
CA LYS C 95 -6.65 -14.62 -16.83
C LYS C 95 -6.63 -15.86 -17.74
N CYS C 96 -5.70 -16.82 -17.46
N CYS C 96 -5.71 -16.82 -17.49
CA CYS C 96 -5.57 -18.09 -18.18
CA CYS C 96 -5.67 -18.04 -18.31
C CYS C 96 -6.77 -18.98 -17.92
C CYS C 96 -6.79 -19.02 -17.93
N ILE C 97 -7.32 -18.92 -16.69
CA ILE C 97 -8.43 -19.75 -16.21
C ILE C 97 -9.75 -19.30 -16.86
N ASN C 98 -10.48 -20.24 -17.45
CA ASN C 98 -11.79 -20.01 -18.04
C ASN C 98 -12.87 -20.56 -17.10
N HIS C 99 -12.61 -21.75 -16.52
CA HIS C 99 -13.49 -22.45 -15.59
C HIS C 99 -12.72 -23.47 -14.76
N VAL C 100 -13.13 -23.65 -13.49
CA VAL C 100 -12.56 -24.64 -12.57
C VAL C 100 -13.73 -25.40 -11.95
N SER C 101 -13.60 -26.74 -11.86
CA SER C 101 -14.65 -27.59 -11.28
C SER C 101 -14.09 -28.77 -10.47
N ILE C 102 -14.39 -28.78 -9.16
CA ILE C 102 -14.01 -29.83 -8.21
C ILE C 102 -15.21 -30.79 -8.17
N SER C 103 -15.02 -32.01 -8.70
CA SER C 103 -16.09 -33.01 -8.78
C SER C 103 -15.72 -34.36 -8.21
N SER C 104 -16.74 -35.11 -7.75
CA SER C 104 -16.63 -36.47 -7.22
C SER C 104 -17.37 -37.43 -8.17
N CYS C 105 -17.52 -38.71 -7.77
CA CYS C 105 -18.24 -39.68 -8.59
C CYS C 105 -19.76 -39.43 -8.58
N ASN C 106 -20.24 -38.67 -7.57
CA ASN C 106 -21.65 -38.27 -7.42
C ASN C 106 -21.95 -37.01 -8.26
N GLY C 107 -20.91 -36.33 -8.73
CA GLY C 107 -21.03 -35.11 -9.53
C GLY C 107 -20.19 -33.93 -9.07
N VAL C 108 -20.46 -32.74 -9.63
CA VAL C 108 -19.76 -31.49 -9.33
C VAL C 108 -20.06 -31.05 -7.90
N ILE C 109 -19.00 -30.92 -7.08
CA ILE C 109 -19.08 -30.49 -5.67
C ILE C 109 -19.04 -28.95 -5.62
N TRP C 110 -18.19 -28.33 -6.45
CA TRP C 110 -18.04 -26.88 -6.55
C TRP C 110 -17.42 -26.53 -7.90
N GLU C 111 -17.87 -25.41 -8.48
CA GLU C 111 -17.36 -24.91 -9.76
C GLU C 111 -17.44 -23.39 -9.82
N ILE C 112 -16.46 -22.78 -10.49
CA ILE C 112 -16.39 -21.32 -10.64
C ILE C 112 -15.89 -20.91 -12.03
N GLU C 113 -16.39 -19.77 -12.51
CA GLU C 113 -15.96 -19.20 -13.78
C GLU C 113 -14.66 -18.44 -13.51
N GLY C 114 -13.74 -18.50 -14.47
CA GLY C 114 -12.43 -17.86 -14.39
C GLY C 114 -12.41 -16.44 -13.84
N GLU C 115 -13.37 -15.61 -14.31
CA GLU C 115 -13.53 -14.22 -13.90
C GLU C 115 -13.96 -14.10 -12.45
N GLU C 116 -14.88 -14.97 -12.00
CA GLU C 116 -15.38 -14.97 -10.63
C GLU C 116 -14.31 -15.34 -9.60
N LEU C 117 -13.40 -16.27 -9.96
CA LEU C 117 -12.27 -16.67 -9.11
C LEU C 117 -11.34 -15.48 -8.91
N TYR C 118 -11.08 -14.72 -10.01
CA TYR C 118 -10.26 -13.52 -10.03
C TYR C 118 -10.92 -12.44 -9.17
N ASN C 119 -12.24 -12.25 -9.36
CA ASN C 119 -13.07 -11.29 -8.61
C ASN C 119 -13.02 -11.56 -7.11
N ASN C 120 -12.96 -12.83 -6.71
CA ASN C 120 -12.87 -13.22 -5.30
C ASN C 120 -11.46 -12.98 -4.76
N CYS C 121 -10.44 -13.02 -5.63
CA CYS C 121 -9.03 -12.86 -5.27
C CYS C 121 -8.47 -11.45 -5.55
N ILE C 122 -9.32 -10.50 -6.00
CA ILE C 122 -8.91 -9.14 -6.34
C ILE C 122 -8.40 -8.35 -5.10
N ASN C 123 -8.85 -8.73 -3.89
CA ASN C 123 -8.44 -8.08 -2.63
C ASN C 123 -7.19 -8.74 -1.99
N ASN C 124 -6.76 -9.91 -2.53
CA ASN C 124 -5.59 -10.65 -2.06
C ASN C 124 -4.36 -10.28 -2.91
N THR C 125 -3.55 -9.33 -2.41
CA THR C 125 -2.36 -8.82 -3.10
C THR C 125 -1.31 -9.92 -3.35
N ILE C 126 -1.11 -10.81 -2.36
CA ILE C 126 -0.15 -11.93 -2.41
C ILE C 126 -0.51 -12.89 -3.56
N ALA C 127 -1.79 -13.32 -3.63
CA ALA C 127 -2.32 -14.22 -4.65
C ALA C 127 -2.22 -13.61 -6.06
N LEU C 128 -2.43 -12.29 -6.16
CA LEU C 128 -2.34 -11.56 -7.42
C LEU C 128 -0.89 -11.43 -7.90
N LYS C 129 0.07 -11.26 -6.97
CA LYS C 129 1.49 -11.16 -7.29
C LYS C 129 2.00 -12.51 -7.81
N HIS C 130 1.64 -13.62 -7.12
CA HIS C 130 2.00 -14.98 -7.47
C HIS C 130 1.54 -15.36 -8.87
N SER C 131 0.36 -14.88 -9.29
CA SER C 131 -0.23 -15.17 -10.60
C SER C 131 0.50 -14.52 -11.78
N GLY C 132 1.44 -13.62 -11.49
CA GLY C 132 2.22 -12.97 -12.52
C GLY C 132 1.97 -11.49 -12.64
N TYR C 133 2.66 -10.72 -11.80
CA TYR C 133 2.57 -9.26 -11.81
C TYR C 133 3.96 -8.67 -11.57
N SER C 134 4.74 -8.53 -12.66
CA SER C 134 6.10 -8.02 -12.67
C SER C 134 6.39 -7.22 -13.94
N SER C 135 7.51 -6.45 -13.95
CA SER C 135 7.95 -5.69 -15.12
C SER C 135 8.49 -6.67 -16.16
N GLU C 136 9.00 -7.82 -15.69
CA GLU C 136 9.54 -8.89 -16.52
C GLU C 136 8.42 -9.54 -17.34
N LEU C 137 7.20 -9.60 -16.80
CA LEU C 137 6.05 -10.24 -17.43
C LEU C 137 5.05 -9.31 -18.11
N ASN C 138 4.72 -8.18 -17.47
CA ASN C 138 3.65 -7.30 -17.92
C ASN C 138 4.08 -6.08 -18.73
N ASP C 139 5.36 -5.68 -18.70
CA ASP C 139 5.81 -4.57 -19.55
C ASP C 139 5.90 -5.07 -20.98
N ILE C 140 5.61 -4.20 -21.96
CA ILE C 140 5.62 -4.59 -23.36
C ILE C 140 7.06 -4.58 -23.91
N SER C 141 7.65 -5.79 -24.04
CA SER C 141 9.00 -6.00 -24.54
C SER C 141 9.00 -6.09 -26.06
N ILE C 142 10.12 -5.73 -26.71
CA ILE C 142 10.24 -5.75 -28.16
C ILE C 142 11.39 -6.67 -28.64
N GLY C 143 11.08 -7.49 -29.66
CA GLY C 143 12.03 -8.39 -30.31
C GLY C 143 12.50 -7.76 -31.60
N LEU C 144 13.82 -7.79 -31.85
CA LEU C 144 14.41 -7.15 -33.03
C LEU C 144 14.83 -8.12 -34.13
N THR C 145 15.39 -9.29 -33.76
CA THR C 145 15.83 -10.31 -34.70
C THR C 145 14.97 -11.57 -34.53
N PRO C 146 14.78 -12.42 -35.58
CA PRO C 146 13.93 -13.62 -35.42
C PRO C 146 14.30 -14.59 -34.28
N ASN C 147 15.51 -14.45 -33.72
CA ASN C 147 16.00 -15.27 -32.62
C ASN C 147 16.23 -14.47 -31.32
N ASP C 148 15.76 -13.20 -31.29
CA ASP C 148 15.87 -12.33 -30.12
C ASP C 148 14.84 -12.77 -29.07
N THR C 149 15.25 -12.83 -27.80
CA THR C 149 14.35 -13.23 -26.71
C THR C 149 13.53 -12.03 -26.25
N ILE C 150 12.20 -12.09 -26.50
CA ILE C 150 11.25 -11.04 -26.10
C ILE C 150 10.94 -11.25 -24.62
N LYS C 151 10.54 -12.49 -24.25
CA LYS C 151 10.22 -12.87 -22.87
C LYS C 151 10.95 -14.14 -22.46
N GLU C 152 11.57 -14.10 -21.27
CA GLU C 152 12.27 -15.23 -20.67
C GLU C 152 11.24 -16.18 -20.05
N PRO C 153 11.47 -17.52 -20.04
CA PRO C 153 10.48 -18.42 -19.42
C PRO C 153 10.33 -18.19 -17.92
N SER C 154 9.10 -18.27 -17.42
CA SER C 154 8.76 -18.03 -16.02
C SER C 154 7.63 -18.94 -15.54
N THR C 155 7.55 -19.18 -14.21
CA THR C 155 6.47 -19.99 -13.62
C THR C 155 5.57 -19.11 -12.76
N VAL C 156 4.25 -19.20 -12.98
CA VAL C 156 3.24 -18.42 -12.26
C VAL C 156 2.39 -19.34 -11.38
N TYR C 157 1.90 -18.83 -10.23
CA TYR C 157 1.10 -19.60 -9.28
C TYR C 157 -0.27 -18.98 -9.08
N VAL C 158 -1.33 -19.72 -9.42
CA VAL C 158 -2.72 -19.24 -9.35
C VAL C 158 -3.43 -19.89 -8.17
N TYR C 159 -3.78 -19.07 -7.16
CA TYR C 159 -4.48 -19.57 -5.98
C TYR C 159 -5.97 -19.73 -6.27
N ILE C 160 -6.43 -20.99 -6.40
CA ILE C 160 -7.83 -21.33 -6.65
C ILE C 160 -8.57 -21.28 -5.30
N LYS C 161 -9.03 -20.07 -4.91
CA LYS C 161 -9.76 -19.84 -3.67
C LYS C 161 -11.10 -20.59 -3.73
N THR C 162 -11.28 -21.55 -2.82
CA THR C 162 -12.48 -22.37 -2.71
C THR C 162 -13.14 -22.15 -1.33
N PRO C 163 -14.44 -22.49 -1.12
CA PRO C 163 -15.04 -22.31 0.21
C PRO C 163 -14.46 -23.24 1.29
N PHE C 164 -13.53 -24.13 0.89
CA PHE C 164 -12.88 -25.09 1.79
C PHE C 164 -11.72 -24.45 2.57
N ASP C 165 -11.34 -23.20 2.22
CA ASP C 165 -10.23 -22.47 2.83
C ASP C 165 -10.69 -21.49 3.92
N VAL C 166 -12.00 -21.12 3.91
CA VAL C 166 -12.64 -20.16 4.83
C VAL C 166 -12.19 -20.34 6.29
N GLU C 167 -12.39 -21.54 6.86
CA GLU C 167 -12.00 -21.84 8.24
C GLU C 167 -10.99 -23.00 8.33
N ASP C 168 -9.99 -22.96 7.42
CA ASP C 168 -8.87 -23.90 7.30
C ASP C 168 -9.31 -25.38 7.35
N THR C 169 -8.95 -26.10 8.43
CA THR C 169 -9.27 -27.53 8.61
C THR C 169 -10.77 -27.79 8.78
N PHE C 170 -11.49 -26.86 9.45
CA PHE C 170 -12.94 -26.95 9.69
C PHE C 170 -13.75 -26.93 8.40
N SER C 171 -13.33 -26.09 7.43
CA SER C 171 -14.01 -25.91 6.14
C SER C 171 -13.53 -26.85 5.02
N SER C 172 -12.37 -27.51 5.21
CA SER C 172 -11.72 -28.41 4.24
C SER C 172 -12.64 -29.44 3.59
N LEU C 173 -12.35 -29.79 2.32
CA LEU C 173 -13.09 -30.79 1.55
C LEU C 173 -12.66 -32.19 2.00
N LYS C 174 -13.60 -32.95 2.61
CA LYS C 174 -13.34 -34.32 3.05
C LYS C 174 -13.51 -35.27 1.87
N LEU C 175 -12.67 -36.31 1.79
CA LEU C 175 -12.69 -37.30 0.71
C LEU C 175 -13.23 -38.64 1.23
N SER C 176 -12.35 -39.42 1.93
CA SER C 176 -12.60 -40.74 2.50
C SER C 176 -12.98 -41.78 1.43
N ASP C 177 -11.93 -42.43 0.85
CA ASP C 177 -11.97 -43.45 -0.22
C ASP C 177 -12.54 -42.94 -1.56
N SER C 178 -13.29 -41.81 -1.57
CA SER C 178 -13.88 -41.21 -2.77
C SER C 178 -12.84 -40.52 -3.66
N LYS C 179 -13.10 -40.51 -4.98
CA LYS C 179 -12.24 -39.91 -6.00
C LYS C 179 -12.67 -38.48 -6.28
N ILE C 180 -11.72 -37.53 -6.23
CA ILE C 180 -11.95 -36.11 -6.47
C ILE C 180 -11.19 -35.69 -7.73
N THR C 181 -11.89 -35.13 -8.72
CA THR C 181 -11.30 -34.69 -9.98
C THR C 181 -11.43 -33.18 -10.15
N VAL C 182 -10.28 -32.49 -10.22
CA VAL C 182 -10.21 -31.04 -10.41
C VAL C 182 -9.98 -30.79 -11.90
N THR C 183 -10.96 -30.17 -12.56
CA THR C 183 -10.92 -29.88 -13.99
C THR C 183 -10.72 -28.39 -14.21
N VAL C 184 -9.64 -28.02 -14.91
CA VAL C 184 -9.30 -26.63 -15.21
C VAL C 184 -9.38 -26.36 -16.72
N THR C 185 -10.38 -25.57 -17.14
CA THR C 185 -10.60 -25.17 -18.53
C THR C 185 -9.83 -23.87 -18.77
N PHE C 186 -9.04 -23.81 -19.85
CA PHE C 186 -8.22 -22.64 -20.17
C PHE C 186 -8.77 -21.76 -21.28
N ASN C 187 -8.59 -20.44 -21.11
CA ASN C 187 -8.95 -19.42 -22.10
C ASN C 187 -7.87 -19.47 -23.20
N PRO C 188 -8.17 -19.08 -24.47
CA PRO C 188 -7.11 -19.09 -25.48
C PRO C 188 -5.97 -18.13 -25.13
N VAL C 189 -4.73 -18.43 -25.57
CA VAL C 189 -3.55 -17.62 -25.28
C VAL C 189 -3.72 -16.16 -25.78
N SER C 190 -4.66 -15.93 -26.72
CA SER C 190 -4.98 -14.62 -27.26
C SER C 190 -5.42 -13.67 -26.14
N ASP C 191 -6.20 -14.18 -25.18
CA ASP C 191 -6.74 -13.45 -24.04
C ASP C 191 -5.68 -12.95 -23.06
N ILE C 192 -4.58 -13.72 -22.87
CA ILE C 192 -3.51 -13.40 -21.90
C ILE C 192 -2.29 -12.69 -22.53
N VAL C 193 -2.38 -12.28 -23.79
CA VAL C 193 -1.27 -11.66 -24.52
C VAL C 193 -1.63 -10.29 -25.12
N ILE C 194 -0.70 -9.31 -24.98
CA ILE C 194 -0.77 -7.96 -25.56
C ILE C 194 0.38 -7.88 -26.56
N ARG C 195 0.03 -7.80 -27.86
CA ARG C 195 0.99 -7.79 -28.98
C ARG C 195 0.62 -6.82 -30.10
N ASP C 196 1.58 -6.51 -30.98
CA ASP C 196 1.36 -5.66 -32.14
C ASP C 196 1.25 -6.53 -33.41
N SER C 197 1.10 -5.88 -34.59
CA SER C 197 1.00 -6.56 -35.88
C SER C 197 2.31 -7.24 -36.27
N SER C 198 3.45 -6.60 -35.90
CA SER C 198 4.81 -7.08 -36.17
C SER C 198 5.07 -8.47 -35.58
N PHE C 199 4.47 -8.78 -34.40
CA PHE C 199 4.61 -10.07 -33.73
C PHE C 199 3.85 -11.16 -34.48
N ASP C 200 4.52 -12.31 -34.70
CA ASP C 200 3.96 -13.47 -35.38
C ASP C 200 3.10 -14.27 -34.40
N PHE C 201 1.87 -13.80 -34.16
CA PHE C 201 0.94 -14.47 -33.25
C PHE C 201 0.48 -15.81 -33.78
N GLU C 202 0.30 -15.92 -35.12
CA GLU C 202 -0.14 -17.13 -35.83
C GLU C 202 0.72 -18.34 -35.41
N THR C 203 2.06 -18.18 -35.45
CA THR C 203 3.02 -19.22 -35.07
C THR C 203 3.01 -19.42 -33.56
N PHE C 204 2.86 -18.32 -32.78
CA PHE C 204 2.82 -18.37 -31.32
C PHE C 204 1.66 -19.20 -30.79
N ASN C 205 0.43 -18.95 -31.30
CA ASN C 205 -0.80 -19.67 -30.91
C ASN C 205 -0.68 -21.16 -31.19
N LYS C 206 -0.02 -21.52 -32.31
CA LYS C 206 0.22 -22.89 -32.74
C LYS C 206 1.21 -23.59 -31.80
N GLU C 207 2.33 -22.93 -31.50
CA GLU C 207 3.41 -23.44 -30.64
C GLU C 207 3.09 -23.45 -29.14
N PHE C 208 2.28 -22.47 -28.64
CA PHE C 208 1.94 -22.36 -27.23
C PHE C 208 1.08 -23.51 -26.74
N VAL C 209 1.47 -24.05 -25.58
CA VAL C 209 0.78 -25.12 -24.85
C VAL C 209 0.81 -24.81 -23.36
N TYR C 210 -0.36 -24.91 -22.72
CA TYR C 210 -0.48 -24.69 -21.27
C TYR C 210 0.15 -25.87 -20.53
N VAL C 211 1.08 -25.58 -19.60
CA VAL C 211 1.80 -26.59 -18.82
C VAL C 211 1.39 -26.47 -17.32
N PRO C 212 0.24 -27.06 -16.91
CA PRO C 212 -0.21 -26.89 -15.52
C PRO C 212 0.19 -27.99 -14.55
N GLU C 213 0.13 -27.67 -13.24
CA GLU C 213 0.41 -28.58 -12.14
C GLU C 213 -0.40 -28.11 -10.93
N LEU C 214 -1.27 -29.00 -10.39
CA LEU C 214 -2.13 -28.65 -9.26
C LEU C 214 -1.56 -29.09 -7.91
N SER C 215 -1.40 -28.13 -7.01
CA SER C 215 -0.91 -28.37 -5.65
C SER C 215 -2.06 -28.09 -4.69
N PHE C 216 -2.07 -28.80 -3.55
CA PHE C 216 -3.10 -28.68 -2.51
C PHE C 216 -2.54 -29.13 -1.16
N ILE C 217 -3.10 -28.60 -0.06
CA ILE C 217 -2.69 -29.05 1.27
C ILE C 217 -3.57 -30.25 1.61
N GLY C 218 -2.97 -31.44 1.60
CA GLY C 218 -3.65 -32.68 1.93
C GLY C 218 -3.52 -32.97 3.40
N TYR C 219 -4.53 -33.61 4.00
CA TYR C 219 -4.56 -33.94 5.43
C TYR C 219 -4.84 -35.41 5.67
N MET C 220 -4.00 -36.08 6.49
CA MET C 220 -4.22 -37.48 6.86
C MET C 220 -4.77 -37.48 8.28
N VAL C 221 -6.09 -37.68 8.39
CA VAL C 221 -6.78 -37.64 9.68
C VAL C 221 -7.00 -39.04 10.29
N LYS C 222 -6.50 -39.23 11.53
CA LYS C 222 -6.68 -40.47 12.29
C LYS C 222 -8.03 -40.39 13.01
N ASN C 223 -8.95 -41.31 12.64
CA ASN C 223 -10.33 -41.44 13.14
C ASN C 223 -11.14 -40.16 12.92
N VAL C 224 -11.32 -39.78 11.64
CA VAL C 224 -12.07 -38.59 11.24
C VAL C 224 -13.57 -38.72 11.56
N GLN C 225 -14.14 -37.67 12.18
CA GLN C 225 -15.56 -37.62 12.51
C GLN C 225 -16.18 -36.57 11.60
N ILE C 226 -16.73 -37.01 10.46
CA ILE C 226 -17.30 -36.12 9.45
C ILE C 226 -18.78 -35.79 9.73
N LYS C 227 -19.11 -34.50 9.74
CA LYS C 227 -20.45 -33.94 9.92
C LYS C 227 -20.81 -33.17 8.63
N PRO C 228 -22.11 -33.03 8.25
CA PRO C 228 -22.43 -32.29 7.02
C PRO C 228 -22.15 -30.80 7.11
N SER C 229 -21.92 -30.16 5.96
CA SER C 229 -21.61 -28.73 5.88
C SER C 229 -22.42 -28.03 4.80
N PHE C 230 -22.24 -26.71 4.68
CA PHE C 230 -22.90 -25.88 3.69
C PHE C 230 -21.87 -25.22 2.77
N ILE C 231 -22.25 -24.98 1.52
CA ILE C 231 -21.37 -24.39 0.52
C ILE C 231 -22.13 -23.38 -0.36
N GLU C 232 -21.45 -22.28 -0.73
CA GLU C 232 -21.99 -21.25 -1.61
C GLU C 232 -21.41 -21.47 -3.00
N LYS C 233 -22.27 -21.69 -4.01
CA LYS C 233 -21.84 -21.94 -5.38
C LYS C 233 -22.24 -20.76 -6.30
N PRO C 234 -21.27 -20.08 -6.95
CA PRO C 234 -21.62 -18.95 -7.81
C PRO C 234 -22.19 -19.36 -9.17
N ARG C 235 -23.14 -18.57 -9.68
CA ARG C 235 -23.80 -18.77 -10.97
C ARG C 235 -23.88 -17.43 -11.66
N ARG C 236 -23.13 -17.25 -12.76
CA ARG C 236 -23.20 -15.99 -13.49
C ARG C 236 -24.10 -16.10 -14.71
N VAL C 237 -24.87 -15.05 -14.96
CA VAL C 237 -25.75 -14.94 -16.11
C VAL C 237 -25.32 -13.68 -16.86
N ILE C 238 -24.96 -13.83 -18.15
CA ILE C 238 -24.55 -12.70 -18.98
C ILE C 238 -25.71 -12.34 -19.90
N GLY C 239 -26.08 -11.06 -19.90
CA GLY C 239 -27.15 -10.56 -20.75
C GLY C 239 -26.74 -10.44 -22.20
N GLN C 240 -27.72 -10.16 -23.09
CA GLN C 240 -27.47 -9.98 -24.52
C GLN C 240 -26.67 -8.70 -24.74
N ILE C 241 -25.93 -8.61 -25.86
CA ILE C 241 -25.16 -7.40 -26.18
C ILE C 241 -26.08 -6.18 -26.29
N ASN C 242 -25.87 -5.20 -25.37
CA ASN C 242 -26.58 -3.92 -25.20
C ASN C 242 -27.98 -4.08 -24.56
N GLN C 243 -28.26 -5.26 -23.97
CA GLN C 243 -29.51 -5.52 -23.26
C GLN C 243 -29.35 -5.10 -21.79
N PRO C 244 -30.21 -4.20 -21.26
CA PRO C 244 -30.04 -3.75 -19.86
C PRO C 244 -30.74 -4.63 -18.83
N THR C 245 -31.07 -5.87 -19.24
CA THR C 245 -31.74 -6.85 -18.41
C THR C 245 -31.04 -8.20 -18.44
N ALA C 246 -31.15 -8.95 -17.34
CA ALA C 246 -30.63 -10.30 -17.14
C ALA C 246 -31.44 -10.97 -16.04
N THR C 247 -31.74 -12.26 -16.19
CA THR C 247 -32.52 -13.00 -15.20
C THR C 247 -31.84 -14.29 -14.80
N VAL C 248 -31.77 -14.55 -13.49
CA VAL C 248 -31.20 -15.76 -12.89
C VAL C 248 -32.40 -16.60 -12.44
N THR C 249 -32.65 -17.70 -13.16
CA THR C 249 -33.79 -18.60 -12.89
C THR C 249 -33.48 -19.58 -11.76
N GLU C 250 -34.54 -20.19 -11.20
CA GLU C 250 -34.49 -21.20 -10.13
C GLU C 250 -33.68 -20.74 -8.90
N VAL C 251 -33.92 -19.51 -8.44
CA VAL C 251 -33.27 -19.00 -7.24
C VAL C 251 -34.15 -19.46 -6.08
N HIS C 252 -33.58 -20.26 -5.17
CA HIS C 252 -34.35 -20.78 -4.03
C HIS C 252 -33.78 -20.39 -2.67
N ALA C 253 -32.44 -20.36 -2.57
CA ALA C 253 -31.71 -19.97 -1.36
C ALA C 253 -30.38 -19.31 -1.76
N ALA C 254 -30.39 -17.98 -1.85
CA ALA C 254 -29.20 -17.22 -2.25
C ALA C 254 -28.62 -16.37 -1.13
N THR C 255 -27.28 -16.46 -0.96
CA THR C 255 -26.53 -15.71 0.06
C THR C 255 -26.20 -14.30 -0.39
N SER C 256 -25.97 -14.11 -1.71
CA SER C 256 -25.63 -12.81 -2.29
C SER C 256 -25.99 -12.71 -3.76
N LEU C 257 -26.02 -11.47 -4.28
CA LEU C 257 -26.29 -11.17 -5.68
C LEU C 257 -25.44 -9.98 -6.15
N SER C 258 -24.44 -10.25 -6.99
CA SER C 258 -23.55 -9.21 -7.54
C SER C 258 -24.01 -8.83 -8.94
N VAL C 259 -23.88 -7.55 -9.28
CA VAL C 259 -24.26 -7.00 -10.59
C VAL C 259 -23.15 -6.06 -11.08
N TYR C 260 -22.64 -6.31 -12.30
CA TYR C 260 -21.63 -5.47 -12.93
C TYR C 260 -21.76 -5.46 -14.44
N THR C 261 -21.02 -4.57 -15.13
CA THR C 261 -21.05 -4.46 -16.58
C THR C 261 -19.69 -4.85 -17.15
N LYS C 262 -19.70 -5.34 -18.38
CA LYS C 262 -18.52 -5.76 -19.13
C LYS C 262 -18.58 -5.19 -20.54
N PRO C 263 -17.45 -4.74 -21.12
CA PRO C 263 -17.50 -4.25 -22.50
C PRO C 263 -17.38 -5.41 -23.48
N TYR C 264 -18.07 -5.31 -24.63
CA TYR C 264 -18.00 -6.30 -25.68
C TYR C 264 -17.28 -5.66 -26.85
N TYR C 265 -16.10 -6.18 -27.18
CA TYR C 265 -15.27 -5.64 -28.26
C TYR C 265 -15.30 -6.49 -29.56
N GLY C 266 -16.47 -7.05 -29.87
CA GLY C 266 -16.68 -7.86 -31.07
C GLY C 266 -16.67 -7.06 -32.35
N ASN C 267 -17.30 -5.87 -32.31
CA ASN C 267 -17.37 -4.91 -33.44
C ASN C 267 -16.00 -4.28 -33.77
N THR C 268 -14.99 -4.50 -32.91
CA THR C 268 -13.64 -3.97 -33.07
C THR C 268 -12.62 -5.09 -33.32
N ASP C 269 -11.40 -4.71 -33.75
CA ASP C 269 -10.29 -5.64 -34.01
C ASP C 269 -9.43 -5.84 -32.74
N ASN C 270 -9.93 -5.34 -31.56
CA ASN C 270 -9.33 -5.39 -30.23
C ASN C 270 -7.98 -4.65 -30.14
N LYS C 271 -7.72 -3.73 -31.09
CA LYS C 271 -6.50 -2.94 -31.12
C LYS C 271 -6.73 -1.59 -30.41
N PHE C 272 -5.73 -1.16 -29.61
CA PHE C 272 -5.73 0.09 -28.84
C PHE C 272 -4.44 0.87 -29.12
N ILE C 273 -4.51 2.22 -29.09
CA ILE C 273 -3.37 3.11 -29.38
C ILE C 273 -2.19 2.90 -28.39
N SER C 274 -2.49 2.84 -27.07
CA SER C 274 -1.45 2.72 -26.04
C SER C 274 -1.77 1.74 -24.92
N TYR C 275 -0.70 1.23 -24.27
CA TYR C 275 -0.73 0.36 -23.09
C TYR C 275 0.48 0.71 -22.19
N PRO C 276 0.27 0.92 -20.85
CA PRO C 276 1.41 1.33 -20.00
C PRO C 276 2.35 0.22 -19.52
N GLY C 277 1.91 -1.03 -19.62
CA GLY C 277 2.70 -2.17 -19.20
C GLY C 277 2.42 -2.57 -17.76
N TYR C 278 3.48 -2.80 -16.98
CA TYR C 278 3.43 -3.18 -15.57
C TYR C 278 2.82 -2.08 -14.70
N SER C 279 3.12 -0.81 -15.02
CA SER C 279 2.60 0.38 -14.33
C SER C 279 1.10 0.45 -14.63
N GLN C 280 0.26 0.08 -13.65
CA GLN C 280 -1.19 -0.02 -13.85
C GLN C 280 -2.07 1.10 -13.27
N ASP C 281 -1.48 2.19 -12.74
CA ASP C 281 -2.28 3.31 -12.21
C ASP C 281 -3.02 4.07 -13.33
N GLU C 282 -4.11 4.76 -12.97
CA GLU C 282 -4.92 5.57 -13.88
C GLU C 282 -4.03 6.57 -14.63
N LYS C 283 -3.13 7.27 -13.89
CA LYS C 283 -2.18 8.22 -14.45
C LYS C 283 -1.22 7.53 -15.42
N ASP C 284 -0.79 6.29 -15.11
CA ASP C 284 0.12 5.51 -15.96
C ASP C 284 -0.50 5.22 -17.32
N TYR C 285 -1.81 4.88 -17.33
CA TYR C 285 -2.59 4.62 -18.55
C TYR C 285 -2.71 5.89 -19.39
N ILE C 286 -2.95 7.05 -18.73
CA ILE C 286 -3.09 8.37 -19.34
C ILE C 286 -1.73 8.83 -19.94
N ASP C 287 -0.66 8.79 -19.13
CA ASP C 287 0.70 9.18 -19.55
C ASP C 287 1.20 8.42 -20.77
N ALA C 288 0.91 7.10 -20.86
CA ALA C 288 1.29 6.25 -21.99
C ALA C 288 0.62 6.72 -23.29
N TYR C 289 -0.69 7.09 -23.21
CA TYR C 289 -1.52 7.58 -24.31
C TYR C 289 -1.01 8.93 -24.81
N VAL C 290 -0.72 9.86 -23.86
CA VAL C 290 -0.20 11.20 -24.16
C VAL C 290 1.15 11.05 -24.87
N SER C 291 2.01 10.13 -24.37
CA SER C 291 3.32 9.82 -24.93
C SER C 291 3.24 9.33 -26.38
N ARG C 292 2.24 8.48 -26.67
CA ARG C 292 2.02 7.92 -28.01
C ARG C 292 1.52 8.96 -29.01
N LEU C 293 0.64 9.88 -28.55
CA LEU C 293 0.07 10.93 -29.38
C LEU C 293 1.09 12.02 -29.72
N LEU C 294 1.92 12.42 -28.73
CA LEU C 294 2.92 13.47 -28.84
C LEU C 294 3.88 13.35 -30.04
N ASP C 295 4.13 12.11 -30.52
CA ASP C 295 4.99 11.85 -31.67
C ASP C 295 4.45 12.53 -32.94
N ASP C 296 3.09 12.52 -33.09
CA ASP C 296 2.36 13.12 -34.21
C ASP C 296 1.69 14.45 -33.87
N LEU C 297 1.48 14.73 -32.58
CA LEU C 297 0.81 15.95 -32.14
C LEU C 297 1.63 17.23 -32.40
N VAL C 298 2.94 17.20 -32.08
CA VAL C 298 3.85 18.33 -32.29
C VAL C 298 5.01 17.86 -33.18
N ILE C 299 5.11 18.42 -34.39
CA ILE C 299 6.13 18.06 -35.38
C ILE C 299 7.08 19.22 -35.67
N VAL C 300 8.40 18.94 -35.66
CA VAL C 300 9.44 19.91 -35.99
C VAL C 300 9.97 19.45 -37.36
N SER C 301 9.57 20.17 -38.43
CA SER C 301 9.94 19.83 -39.81
C SER C 301 10.29 21.05 -40.66
N ASP C 302 11.08 20.81 -41.73
CA ASP C 302 11.44 21.84 -42.71
C ASP C 302 10.29 21.81 -43.71
N GLY C 303 9.42 22.81 -43.60
CA GLY C 303 8.21 22.90 -44.42
C GLY C 303 7.08 22.05 -43.85
N PRO C 304 5.90 21.98 -44.52
CA PRO C 304 4.80 21.17 -43.97
C PRO C 304 5.14 19.69 -43.78
N PRO C 305 4.74 19.07 -42.63
CA PRO C 305 5.05 17.65 -42.41
C PRO C 305 4.39 16.73 -43.44
N THR C 306 5.10 15.64 -43.80
CA THR C 306 4.65 14.63 -44.77
C THR C 306 4.50 13.27 -44.08
N GLY C 307 3.67 12.42 -44.66
CA GLY C 307 3.42 11.07 -44.16
C GLY C 307 2.11 10.92 -43.41
N TYR C 308 1.30 11.99 -43.44
CA TYR C 308 0.00 12.05 -42.78
C TYR C 308 -1.14 12.02 -43.81
N PRO C 309 -2.34 11.48 -43.45
CA PRO C 309 -3.44 11.46 -44.43
C PRO C 309 -3.86 12.87 -44.87
N GLU C 310 -4.55 12.96 -46.03
CA GLU C 310 -5.03 14.23 -46.58
C GLU C 310 -6.06 14.90 -45.67
N SER C 311 -6.77 14.09 -44.86
CA SER C 311 -7.78 14.52 -43.89
C SER C 311 -7.15 15.31 -42.74
N ALA C 312 -5.85 15.14 -42.50
CA ALA C 312 -5.10 15.81 -41.44
C ALA C 312 -4.90 17.30 -41.69
N GLU C 313 -5.14 18.11 -40.64
CA GLU C 313 -4.97 19.55 -40.65
C GLU C 313 -3.82 19.92 -39.71
N ILE C 314 -2.59 19.95 -40.26
CA ILE C 314 -1.39 20.29 -39.49
C ILE C 314 -1.05 21.77 -39.71
N VAL C 315 -1.34 22.58 -38.68
CA VAL C 315 -1.17 24.04 -38.66
C VAL C 315 0.20 24.42 -38.07
N GLU C 316 0.89 25.39 -38.70
CA GLU C 316 2.18 25.91 -38.21
C GLU C 316 1.90 26.81 -36.99
N VAL C 317 2.67 26.61 -35.91
CA VAL C 317 2.54 27.36 -34.67
C VAL C 317 3.02 28.81 -34.89
N PRO C 318 2.17 29.84 -34.60
CA PRO C 318 2.63 31.24 -34.81
C PRO C 318 3.65 31.69 -33.77
N GLU C 319 4.28 32.87 -34.01
CA GLU C 319 5.29 33.48 -33.12
C GLU C 319 4.77 33.61 -31.69
N ASP C 320 3.45 33.85 -31.57
CA ASP C 320 2.65 33.98 -30.34
C ASP C 320 2.68 32.66 -29.52
N GLY C 321 2.81 31.53 -30.21
CA GLY C 321 2.85 30.19 -29.63
C GLY C 321 1.48 29.54 -29.48
N ILE C 322 0.40 30.32 -29.62
CA ILE C 322 -0.98 29.85 -29.46
C ILE C 322 -1.63 29.50 -30.82
N VAL C 323 -2.16 28.26 -30.91
CA VAL C 323 -2.88 27.73 -32.07
C VAL C 323 -4.34 27.55 -31.62
N SER C 324 -5.29 28.15 -32.35
CA SER C 324 -6.70 28.08 -31.99
C SER C 324 -7.49 27.06 -32.80
N ILE C 325 -7.83 25.93 -32.15
CA ILE C 325 -8.65 24.86 -32.73
C ILE C 325 -10.04 25.17 -32.17
N GLN C 326 -10.84 25.94 -32.93
CA GLN C 326 -12.18 26.42 -32.54
C GLN C 326 -12.06 27.27 -31.26
N ASP C 327 -12.83 26.94 -30.21
CA ASP C 327 -12.83 27.63 -28.93
C ASP C 327 -11.57 27.30 -28.10
N ALA C 328 -11.03 26.08 -28.28
CA ALA C 328 -9.84 25.56 -27.59
C ALA C 328 -8.52 26.16 -28.08
N ASP C 329 -7.68 26.63 -27.13
CA ASP C 329 -6.37 27.22 -27.41
C ASP C 329 -5.24 26.30 -26.95
N VAL C 330 -4.28 26.04 -27.85
CA VAL C 330 -3.13 25.17 -27.57
C VAL C 330 -1.84 26.01 -27.63
N TYR C 331 -1.08 26.04 -26.51
CA TYR C 331 0.17 26.79 -26.42
C TYR C 331 1.34 25.83 -26.67
N VAL C 332 2.03 26.00 -27.80
CA VAL C 332 3.17 25.14 -28.17
C VAL C 332 4.44 25.97 -28.31
N LYS C 333 5.44 25.68 -27.47
CA LYS C 333 6.75 26.35 -27.50
C LYS C 333 7.89 25.35 -27.30
N ILE C 334 8.61 25.06 -28.41
CA ILE C 334 9.74 24.13 -28.44
C ILE C 334 11.04 24.92 -28.58
N ASP C 335 12.01 24.64 -27.68
CA ASP C 335 13.32 25.29 -27.67
C ASP C 335 14.30 24.62 -28.63
N ASN C 336 15.35 25.38 -29.02
CA ASN C 336 16.43 25.00 -29.93
C ASN C 336 15.92 24.38 -31.24
N VAL C 337 14.97 25.06 -31.87
CA VAL C 337 14.43 24.61 -33.15
C VAL C 337 15.35 25.18 -34.26
N PRO C 338 15.88 24.32 -35.17
CA PRO C 338 16.77 24.84 -36.23
C PRO C 338 16.12 25.94 -37.09
N ASP C 339 16.93 26.90 -37.58
CA ASP C 339 16.46 28.05 -38.38
C ASP C 339 15.67 27.66 -39.65
N ASN C 340 16.04 26.52 -40.27
CA ASN C 340 15.37 26.01 -41.49
C ASN C 340 14.03 25.33 -41.18
N MET C 341 13.84 24.87 -39.93
CA MET C 341 12.64 24.17 -39.47
C MET C 341 11.65 25.05 -38.71
N SER C 342 10.38 24.62 -38.68
CA SER C 342 9.27 25.30 -37.99
C SER C 342 8.49 24.31 -37.10
N VAL C 343 7.79 24.84 -36.07
CA VAL C 343 6.99 24.03 -35.15
C VAL C 343 5.56 23.91 -35.70
N TYR C 344 5.08 22.67 -35.85
CA TYR C 344 3.76 22.34 -36.37
C TYR C 344 2.92 21.59 -35.34
N LEU C 345 1.60 21.79 -35.38
CA LEU C 345 0.64 21.12 -34.49
C LEU C 345 -0.47 20.44 -35.30
N HIS C 346 -0.73 19.15 -34.99
CA HIS C 346 -1.79 18.37 -35.63
C HIS C 346 -3.08 18.76 -34.91
N THR C 347 -3.93 19.56 -35.59
CA THR C 347 -5.16 20.10 -35.00
C THR C 347 -6.35 19.13 -34.97
N ASN C 348 -6.23 17.94 -35.60
CA ASN C 348 -7.30 16.95 -35.62
C ASN C 348 -6.74 15.51 -35.58
N LEU C 349 -5.77 15.26 -34.68
CA LEU C 349 -5.08 13.97 -34.52
C LEU C 349 -6.04 12.78 -34.47
N LEU C 350 -7.14 12.94 -33.73
CA LEU C 350 -8.24 11.98 -33.61
C LEU C 350 -9.52 12.78 -33.46
N MET C 351 -10.50 12.58 -34.35
CA MET C 351 -11.78 13.30 -34.29
C MET C 351 -12.98 12.38 -34.55
N PHE C 352 -14.16 12.78 -34.05
CA PHE C 352 -15.41 12.03 -34.20
C PHE C 352 -16.60 12.97 -34.30
N GLY C 353 -17.51 12.64 -35.22
CA GLY C 353 -18.75 13.37 -35.48
C GLY C 353 -19.76 12.49 -36.18
N THR C 354 -21.00 12.46 -35.66
CA THR C 354 -22.08 11.65 -36.24
C THR C 354 -22.63 12.29 -37.49
N ARG C 355 -22.67 13.64 -37.51
CA ARG C 355 -23.17 14.48 -38.59
C ARG C 355 -22.20 15.63 -38.88
N LYS C 356 -22.26 16.15 -40.12
CA LYS C 356 -21.42 17.28 -40.58
C LYS C 356 -21.60 18.60 -39.78
N ASN C 357 -22.76 18.78 -39.12
CA ASN C 357 -23.03 19.97 -38.32
C ASN C 357 -23.40 19.64 -36.86
N SER C 358 -22.67 18.67 -36.26
CA SER C 358 -22.86 18.22 -34.88
C SER C 358 -21.65 18.61 -34.01
N PHE C 359 -21.56 18.03 -32.79
CA PHE C 359 -20.44 18.25 -31.88
C PHE C 359 -19.27 17.44 -32.42
N ILE C 360 -18.05 17.95 -32.28
CA ILE C 360 -16.85 17.22 -32.73
C ILE C 360 -16.00 16.90 -31.52
N TYR C 361 -15.61 15.63 -31.39
CA TYR C 361 -14.76 15.19 -30.29
C TYR C 361 -13.35 15.08 -30.83
N ASN C 362 -12.56 16.13 -30.64
CA ASN C 362 -11.18 16.24 -31.13
C ASN C 362 -10.19 16.03 -30.00
N ILE C 363 -9.27 15.05 -30.16
CA ILE C 363 -8.28 14.75 -29.13
C ILE C 363 -7.23 15.86 -29.02
N SER C 364 -6.98 16.59 -30.13
CA SER C 364 -6.02 17.69 -30.15
C SER C 364 -6.53 18.85 -29.29
N LYS C 365 -7.86 19.02 -29.20
CA LYS C 365 -8.53 20.05 -28.39
C LYS C 365 -8.32 19.80 -26.90
N LYS C 366 -8.03 18.53 -26.52
CA LYS C 366 -7.81 18.10 -25.13
C LYS C 366 -6.42 18.49 -24.59
N PHE C 367 -5.61 19.20 -25.39
CA PHE C 367 -4.28 19.71 -25.01
C PHE C 367 -4.30 21.23 -24.90
N SER C 368 -3.75 21.78 -23.80
CA SER C 368 -3.71 23.23 -23.56
C SER C 368 -2.30 23.81 -23.70
N ALA C 369 -1.27 23.04 -23.30
CA ALA C 369 0.12 23.47 -23.39
C ALA C 369 1.09 22.30 -23.63
N ILE C 370 2.07 22.52 -24.53
CA ILE C 370 3.10 21.55 -24.90
C ILE C 370 4.45 22.29 -24.97
N THR C 371 5.39 21.94 -24.09
CA THR C 371 6.73 22.55 -24.06
C THR C 371 7.79 21.46 -24.14
N GLY C 372 8.87 21.77 -24.85
CA GLY C 372 9.98 20.86 -25.02
C GLY C 372 11.21 21.50 -25.64
N THR C 373 12.22 20.66 -25.97
CA THR C 373 13.47 21.11 -26.57
C THR C 373 13.88 20.13 -27.68
N TYR C 374 14.18 20.67 -28.87
CA TYR C 374 14.62 19.87 -30.01
C TYR C 374 16.08 19.49 -29.82
N SER C 375 16.36 18.18 -29.92
CA SER C 375 17.72 17.64 -29.80
C SER C 375 18.30 17.53 -31.21
N ASP C 376 19.41 18.25 -31.47
CA ASP C 376 20.10 18.24 -32.78
C ASP C 376 20.80 16.91 -33.01
N ALA C 377 21.35 16.30 -31.93
CA ALA C 377 22.07 15.04 -31.96
C ALA C 377 21.18 13.86 -32.36
N THR C 378 20.02 13.70 -31.69
CA THR C 378 19.07 12.61 -31.96
C THR C 378 18.00 12.98 -32.99
N LYS C 379 17.97 14.26 -33.43
CA LYS C 379 17.02 14.82 -34.41
C LYS C 379 15.54 14.59 -34.03
N ARG C 380 15.25 14.56 -32.70
CA ARG C 380 13.92 14.35 -32.14
C ARG C 380 13.56 15.37 -31.06
N THR C 381 12.25 15.63 -30.85
CA THR C 381 11.75 16.56 -29.84
C THR C 381 11.65 15.87 -28.49
N ILE C 382 12.18 16.51 -27.44
CA ILE C 382 12.17 15.98 -26.07
C ILE C 382 11.20 16.85 -25.27
N PHE C 383 9.97 16.35 -25.06
CA PHE C 383 8.90 17.05 -24.34
C PHE C 383 9.14 17.14 -22.85
N ALA C 384 9.03 18.36 -22.31
CA ALA C 384 9.24 18.65 -20.90
C ALA C 384 7.94 18.64 -20.09
N HIS C 385 7.02 19.59 -20.35
CA HIS C 385 5.75 19.68 -19.65
CA HIS C 385 5.75 19.71 -19.64
C HIS C 385 4.56 19.73 -20.58
N ILE C 386 3.52 18.91 -20.28
CA ILE C 386 2.31 18.82 -21.08
C ILE C 386 1.09 19.08 -20.19
N SER C 387 0.26 20.07 -20.58
CA SER C 387 -1.00 20.43 -19.89
C SER C 387 -2.13 19.90 -20.75
N HIS C 388 -2.90 18.93 -20.21
CA HIS C 388 -3.98 18.29 -20.95
C HIS C 388 -5.17 17.90 -20.07
N SER C 389 -6.26 17.47 -20.72
CA SER C 389 -7.49 17.02 -20.09
C SER C 389 -7.82 15.57 -20.49
N ILE C 390 -6.79 14.78 -20.86
CA ILE C 390 -6.90 13.37 -21.24
C ILE C 390 -7.36 12.56 -20.02
N ASN C 391 -8.38 11.71 -20.20
CA ASN C 391 -8.94 10.85 -19.15
C ASN C 391 -8.73 9.35 -19.47
N ILE C 392 -9.10 8.48 -18.50
CA ILE C 392 -8.99 7.02 -18.62
C ILE C 392 -9.83 6.47 -19.78
N ILE C 393 -10.98 7.11 -20.09
CA ILE C 393 -11.87 6.72 -21.17
C ILE C 393 -11.17 6.84 -22.53
N ASP C 394 -10.45 7.97 -22.77
CA ASP C 394 -9.73 8.24 -24.01
C ASP C 394 -8.76 7.13 -24.36
N THR C 395 -8.02 6.64 -23.35
CA THR C 395 -7.02 5.57 -23.44
C THR C 395 -7.68 4.21 -23.70
N SER C 396 -8.98 4.08 -23.40
CA SER C 396 -9.76 2.85 -23.51
C SER C 396 -10.60 2.73 -24.79
N ILE C 397 -10.52 3.73 -25.69
CA ILE C 397 -11.28 3.69 -26.95
C ILE C 397 -10.55 2.79 -27.95
N PRO C 398 -11.20 1.71 -28.47
CA PRO C 398 -10.55 0.89 -29.50
C PRO C 398 -10.42 1.70 -30.79
N VAL C 399 -9.27 1.56 -31.48
CA VAL C 399 -8.92 2.25 -32.72
C VAL C 399 -10.05 2.18 -33.76
N SER C 400 -10.74 1.01 -33.82
CA SER C 400 -11.86 0.75 -34.73
C SER C 400 -13.01 1.75 -34.53
N LEU C 401 -13.28 2.19 -33.28
CA LEU C 401 -14.34 3.14 -32.99
C LEU C 401 -14.04 4.55 -33.48
N TRP C 402 -12.76 4.90 -33.69
CA TRP C 402 -12.42 6.21 -34.22
C TRP C 402 -12.72 6.22 -35.71
N THR C 403 -12.44 5.08 -36.38
CA THR C 403 -12.65 4.87 -37.80
C THR C 403 -13.89 4.00 -38.05
N SER C 404 -15.01 4.36 -37.41
CA SER C 404 -16.26 3.60 -37.55
C SER C 404 -17.18 4.21 -38.64
N GLN C 405 -18.26 3.50 -39.00
CA GLN C 405 -19.24 3.95 -40.01
C GLN C 405 -19.98 5.20 -39.55
N ARG C 406 -20.28 5.30 -38.23
CA ARG C 406 -20.98 6.43 -37.61
C ARG C 406 -20.22 7.75 -37.76
N ASN C 407 -18.87 7.68 -37.93
CA ASN C 407 -18.02 8.86 -38.07
C ASN C 407 -17.98 9.41 -39.50
N VAL C 408 -18.51 10.64 -39.68
CA VAL C 408 -18.53 11.33 -40.98
C VAL C 408 -17.13 11.83 -41.37
N TYR C 409 -16.20 11.84 -40.39
CA TYR C 409 -14.79 12.23 -40.55
C TYR C 409 -13.93 10.97 -40.66
N ASN C 410 -12.65 11.13 -41.06
CA ASN C 410 -11.72 10.00 -41.23
C ASN C 410 -11.47 9.27 -39.90
N GLY C 411 -11.30 10.03 -38.82
CA GLY C 411 -11.11 9.50 -37.49
C GLY C 411 -9.67 9.44 -37.04
N ASP C 412 -8.92 8.43 -37.52
CA ASP C 412 -7.52 8.20 -37.18
C ASP C 412 -6.60 8.93 -38.17
N ASN C 413 -6.20 10.17 -37.80
CA ASN C 413 -5.34 11.02 -38.64
C ASN C 413 -3.85 10.93 -38.25
N ARG C 414 -3.48 9.89 -37.48
CA ARG C 414 -2.11 9.61 -37.02
C ARG C 414 -1.24 9.16 -38.20
N SER C 415 0.09 9.12 -37.99
CA SER C 415 1.05 8.65 -38.98
C SER C 415 0.98 7.12 -39.08
N ALA C 416 1.48 6.55 -40.20
CA ALA C 416 1.52 5.10 -40.43
C ALA C 416 2.43 4.42 -39.40
N GLU C 417 3.48 5.15 -38.95
CA GLU C 417 4.47 4.73 -37.95
C GLU C 417 3.79 4.51 -36.60
N SER C 418 2.93 5.47 -36.18
CA SER C 418 2.16 5.44 -34.93
C SER C 418 1.13 4.31 -34.94
N LYS C 419 0.37 4.19 -36.05
CA LYS C 419 -0.67 3.17 -36.24
C LYS C 419 -0.11 1.74 -36.16
N ALA C 420 1.16 1.57 -36.57
CA ALA C 420 1.87 0.28 -36.56
C ALA C 420 2.19 -0.18 -35.13
N LYS C 421 2.37 0.79 -34.21
CA LYS C 421 2.69 0.57 -32.79
C LYS C 421 1.46 0.19 -31.93
N ASP C 422 0.24 0.23 -32.52
CA ASP C 422 -1.01 -0.13 -31.83
C ASP C 422 -0.96 -1.57 -31.35
N LEU C 423 -1.53 -1.84 -30.17
CA LEU C 423 -1.50 -3.18 -29.56
C LEU C 423 -2.85 -3.84 -29.43
N PHE C 424 -2.90 -5.16 -29.66
CA PHE C 424 -4.09 -5.99 -29.51
C PHE C 424 -4.24 -6.36 -28.04
N ILE C 425 -5.34 -5.93 -27.39
CA ILE C 425 -5.63 -6.23 -25.99
C ILE C 425 -6.93 -7.03 -25.94
N ASN C 426 -6.84 -8.27 -25.45
CA ASN C 426 -7.97 -9.19 -25.37
C ASN C 426 -8.23 -9.71 -23.95
N ASP C 427 -7.88 -8.90 -22.92
CA ASP C 427 -8.08 -9.27 -21.52
C ASP C 427 -9.53 -9.70 -21.27
N PRO C 428 -9.73 -10.95 -20.79
CA PRO C 428 -11.10 -11.45 -20.64
C PRO C 428 -11.87 -10.88 -19.46
N PHE C 429 -11.17 -10.26 -18.48
CA PHE C 429 -11.79 -9.74 -17.25
C PHE C 429 -11.94 -8.21 -17.19
N ILE C 430 -12.06 -7.53 -18.34
CA ILE C 430 -12.26 -6.08 -18.35
C ILE C 430 -13.71 -5.78 -17.91
N LYS C 431 -13.90 -4.77 -17.06
CA LYS C 431 -15.22 -4.36 -16.56
C LYS C 431 -15.48 -2.90 -16.88
N GLY C 432 -16.77 -2.56 -17.01
CA GLY C 432 -17.21 -1.21 -17.33
C GLY C 432 -16.94 -0.82 -18.76
N ILE C 433 -16.42 0.41 -18.97
CA ILE C 433 -16.14 0.94 -20.31
C ILE C 433 -14.68 1.38 -20.45
N ASP C 434 -13.96 1.50 -19.32
CA ASP C 434 -12.54 1.86 -19.28
C ASP C 434 -11.65 0.77 -18.68
N PHE C 435 -10.34 0.81 -18.99
CA PHE C 435 -9.34 -0.15 -18.54
C PHE C 435 -9.15 -0.22 -17.01
N LYS C 436 -9.46 0.88 -16.29
CA LYS C 436 -9.34 0.91 -14.84
C LYS C 436 -10.70 0.73 -14.11
N ASN C 437 -11.80 0.51 -14.88
CA ASN C 437 -13.17 0.34 -14.38
C ASN C 437 -13.57 1.51 -13.45
N LYS C 438 -13.15 2.73 -13.82
CA LYS C 438 -13.40 3.96 -13.07
C LYS C 438 -14.83 4.44 -13.29
N THR C 439 -15.19 4.66 -14.56
CA THR C 439 -16.48 5.20 -15.01
C THR C 439 -17.63 4.25 -14.70
N ASP C 440 -18.60 4.73 -13.91
CA ASP C 440 -19.80 3.95 -13.57
C ASP C 440 -20.82 4.21 -14.67
N ILE C 441 -21.30 3.15 -15.33
CA ILE C 441 -22.24 3.33 -16.43
C ILE C 441 -23.68 2.92 -16.06
N ILE C 442 -23.94 2.59 -14.79
CA ILE C 442 -25.27 2.25 -14.32
C ILE C 442 -25.84 3.46 -13.57
N SER C 443 -26.91 4.08 -14.12
CA SER C 443 -27.56 5.25 -13.54
C SER C 443 -28.60 4.83 -12.50
N ARG C 444 -29.27 3.69 -12.75
CA ARG C 444 -30.29 3.13 -11.86
C ARG C 444 -30.26 1.60 -11.91
N LEU C 445 -30.42 0.94 -10.75
CA LEU C 445 -30.45 -0.51 -10.63
C LEU C 445 -31.78 -0.94 -10.02
N GLU C 446 -32.41 -1.97 -10.61
CA GLU C 446 -33.68 -2.53 -10.16
C GLU C 446 -33.61 -4.05 -10.11
N VAL C 447 -33.70 -4.62 -8.90
CA VAL C 447 -33.64 -6.06 -8.68
C VAL C 447 -35.01 -6.55 -8.25
N ARG C 448 -35.55 -7.54 -8.99
CA ARG C 448 -36.86 -8.11 -8.70
C ARG C 448 -36.77 -9.57 -8.33
N PHE C 449 -37.40 -9.93 -7.20
CA PHE C 449 -37.50 -11.31 -6.76
C PHE C 449 -38.89 -11.73 -7.20
N GLY C 450 -38.92 -12.55 -8.25
CA GLY C 450 -40.16 -12.99 -8.90
C GLY C 450 -40.65 -11.88 -9.79
N ASN C 451 -41.60 -11.08 -9.28
CA ASN C 451 -42.19 -9.95 -9.99
C ASN C 451 -42.23 -8.69 -9.12
N ASP C 452 -42.08 -8.88 -7.78
CA ASP C 452 -42.04 -7.78 -6.80
C ASP C 452 -40.62 -7.21 -6.69
N VAL C 453 -40.50 -5.88 -6.54
CA VAL C 453 -39.20 -5.20 -6.43
C VAL C 453 -38.53 -5.51 -5.10
N LEU C 454 -37.38 -6.21 -5.15
CA LEU C 454 -36.58 -6.58 -3.99
C LEU C 454 -35.70 -5.41 -3.55
N TYR C 455 -35.03 -4.76 -4.52
CA TYR C 455 -34.13 -3.63 -4.26
C TYR C 455 -34.06 -2.69 -5.45
N SER C 456 -33.95 -1.39 -5.16
CA SER C 456 -33.80 -0.32 -6.16
C SER C 456 -32.89 0.79 -5.62
N GLU C 457 -32.00 1.29 -6.48
CA GLU C 457 -31.06 2.37 -6.13
C GLU C 457 -30.77 3.32 -7.30
N ASN C 458 -30.54 4.60 -6.98
CA ASN C 458 -30.20 5.64 -7.96
C ASN C 458 -28.69 5.97 -7.89
N GLY C 459 -28.08 5.63 -6.76
CA GLY C 459 -26.66 5.79 -6.49
C GLY C 459 -25.98 4.45 -6.28
N PRO C 460 -24.65 4.34 -6.44
CA PRO C 460 -23.99 3.03 -6.26
C PRO C 460 -23.78 2.64 -4.78
N ILE C 461 -24.82 2.86 -3.95
CA ILE C 461 -24.78 2.62 -2.50
C ILE C 461 -24.54 1.12 -2.17
N SER C 462 -25.09 0.19 -2.97
CA SER C 462 -24.85 -1.24 -2.75
C SER C 462 -23.38 -1.57 -3.00
N ARG C 463 -22.74 -0.86 -3.96
CA ARG C 463 -21.31 -0.99 -4.28
C ARG C 463 -20.47 -0.38 -3.15
N ILE C 464 -20.86 0.82 -2.66
CA ILE C 464 -20.19 1.51 -1.54
C ILE C 464 -20.19 0.59 -0.31
N TYR C 465 -21.32 -0.08 -0.03
CA TYR C 465 -21.42 -1.04 1.06
C TYR C 465 -20.55 -2.27 0.81
N ASN C 466 -20.54 -2.79 -0.44
CA ASN C 466 -19.71 -3.94 -0.81
C ASN C 466 -18.23 -3.65 -0.56
N GLU C 467 -17.77 -2.44 -0.94
CA GLU C 467 -16.40 -1.98 -0.75
C GLU C 467 -16.06 -1.79 0.72
N LEU C 468 -16.98 -1.20 1.51
CA LEU C 468 -16.80 -1.00 2.96
C LEU C 468 -16.73 -2.32 3.71
N LEU C 469 -17.75 -3.18 3.52
CA LEU C 469 -17.88 -4.48 4.18
C LEU C 469 -16.73 -5.45 3.89
N THR C 470 -16.25 -5.51 2.62
CA THR C 470 -15.16 -6.41 2.22
C THR C 470 -13.76 -5.78 2.34
N LYS C 471 -13.71 -4.45 2.60
CA LYS C 471 -12.47 -3.66 2.73
C LYS C 471 -11.71 -3.77 1.38
N SER C 472 -12.45 -3.50 0.29
CA SER C 472 -11.95 -3.61 -1.08
C SER C 472 -12.04 -2.29 -1.84
N ASN C 473 -11.07 -2.05 -2.73
CA ASN C 473 -11.00 -0.85 -3.57
C ASN C 473 -11.78 -1.05 -4.86
N ASN C 474 -11.92 -2.31 -5.32
CA ASN C 474 -12.66 -2.61 -6.54
C ASN C 474 -13.84 -3.56 -6.25
N GLY C 475 -14.98 -2.96 -5.98
CA GLY C 475 -16.22 -3.67 -5.67
C GLY C 475 -17.27 -3.55 -6.76
N THR C 476 -18.34 -4.32 -6.59
CA THR C 476 -19.48 -4.41 -7.51
C THR C 476 -20.77 -4.04 -6.77
N ARG C 477 -21.86 -3.79 -7.51
CA ARG C 477 -23.17 -3.51 -6.90
C ARG C 477 -23.68 -4.86 -6.37
N THR C 478 -23.36 -5.18 -5.10
CA THR C 478 -23.68 -6.46 -4.47
C THR C 478 -24.76 -6.34 -3.39
N LEU C 479 -25.71 -7.28 -3.45
CA LEU C 479 -26.79 -7.41 -2.48
C LEU C 479 -26.47 -8.62 -1.61
N THR C 480 -25.98 -8.38 -0.38
CA THR C 480 -25.64 -9.44 0.54
C THR C 480 -26.85 -9.76 1.43
N PHE C 481 -27.18 -11.06 1.53
CA PHE C 481 -28.29 -11.54 2.35
C PHE C 481 -27.79 -12.29 3.59
N ASN C 482 -26.49 -12.69 3.59
CA ASN C 482 -25.85 -13.43 4.68
C ASN C 482 -24.84 -12.58 5.45
N PHE C 483 -25.23 -12.15 6.67
CA PHE C 483 -24.37 -11.37 7.58
C PHE C 483 -24.02 -12.22 8.82
N THR C 484 -24.24 -13.55 8.70
CA THR C 484 -24.01 -14.55 9.73
C THR C 484 -22.60 -15.15 9.54
N PRO C 485 -21.84 -15.44 10.63
CA PRO C 485 -20.50 -16.04 10.47
C PRO C 485 -20.51 -17.31 9.63
N LYS C 486 -19.56 -17.40 8.68
CA LYS C 486 -19.44 -18.55 7.79
C LYS C 486 -18.92 -19.80 8.50
N ILE C 487 -19.26 -20.99 7.94
CA ILE C 487 -18.86 -22.33 8.38
C ILE C 487 -19.56 -22.75 9.70
N PHE C 488 -19.44 -21.95 10.78
CA PHE C 488 -20.02 -22.27 12.09
C PHE C 488 -21.54 -22.06 12.17
N PHE C 489 -22.14 -21.47 11.13
CA PHE C 489 -23.59 -21.23 11.05
C PHE C 489 -24.15 -21.56 9.66
N ARG C 490 -25.44 -21.93 9.60
CA ARG C 490 -26.16 -22.19 8.34
C ARG C 490 -26.38 -20.78 7.72
N PRO C 491 -25.82 -20.49 6.52
CA PRO C 491 -25.94 -19.13 5.96
C PRO C 491 -27.36 -18.64 5.77
N THR C 492 -27.58 -17.33 6.06
CA THR C 492 -28.87 -16.66 5.91
C THR C 492 -29.10 -16.44 4.42
N THR C 493 -30.19 -17.02 3.89
CA THR C 493 -30.52 -16.93 2.48
C THR C 493 -31.89 -16.34 2.23
N ILE C 494 -32.08 -15.77 1.02
CA ILE C 494 -33.36 -15.25 0.58
C ILE C 494 -34.25 -16.47 0.25
N THR C 495 -35.38 -16.59 0.97
CA THR C 495 -36.33 -17.69 0.83
C THR C 495 -37.23 -17.47 -0.38
N ALA C 496 -37.46 -18.54 -1.16
CA ALA C 496 -38.30 -18.53 -2.36
C ALA C 496 -39.67 -19.18 -2.15
N ASN C 497 -40.71 -18.62 -2.80
CA ASN C 497 -42.08 -19.14 -2.78
C ASN C 497 -42.49 -19.42 -4.22
N VAL C 498 -42.36 -20.70 -4.64
CA VAL C 498 -42.63 -21.16 -6.02
C VAL C 498 -44.07 -20.87 -6.46
N SER C 499 -45.07 -21.12 -5.58
CA SER C 499 -46.50 -20.90 -5.85
C SER C 499 -46.80 -19.43 -6.19
N ARG C 500 -46.19 -18.49 -5.44
CA ARG C 500 -46.32 -17.04 -5.62
C ARG C 500 -45.48 -16.51 -6.81
N GLY C 501 -44.73 -17.41 -7.46
CA GLY C 501 -43.88 -17.09 -8.61
C GLY C 501 -42.56 -16.44 -8.28
N LYS C 502 -42.21 -16.38 -6.97
CA LYS C 502 -40.96 -15.80 -6.48
C LYS C 502 -39.87 -16.87 -6.41
N ASP C 503 -39.43 -17.35 -7.58
CA ASP C 503 -38.40 -18.38 -7.71
C ASP C 503 -37.31 -17.96 -8.72
N LYS C 504 -37.15 -16.65 -8.92
CA LYS C 504 -36.16 -16.07 -9.84
C LYS C 504 -35.76 -14.66 -9.44
N LEU C 505 -34.58 -14.21 -9.91
CA LEU C 505 -34.08 -12.86 -9.68
C LEU C 505 -33.84 -12.17 -11.00
N SER C 506 -34.61 -11.10 -11.27
CA SER C 506 -34.54 -10.31 -12.51
C SER C 506 -33.87 -8.96 -12.24
N VAL C 507 -32.78 -8.69 -12.96
CA VAL C 507 -32.01 -7.45 -12.82
C VAL C 507 -32.23 -6.56 -14.04
N ARG C 508 -32.61 -5.29 -13.80
CA ARG C 508 -32.79 -4.30 -14.86
C ARG C 508 -31.99 -3.06 -14.46
N VAL C 509 -31.11 -2.61 -15.37
CA VAL C 509 -30.30 -1.40 -15.18
C VAL C 509 -30.69 -0.31 -16.20
N VAL C 510 -30.45 0.95 -15.84
CA VAL C 510 -30.71 2.10 -16.71
C VAL C 510 -29.33 2.70 -16.98
N TYR C 511 -28.79 2.54 -18.19
CA TYR C 511 -27.46 3.04 -18.49
C TYR C 511 -27.40 4.57 -18.58
N SER C 512 -26.29 5.15 -18.06
CA SER C 512 -26.04 6.58 -18.04
C SER C 512 -25.86 7.15 -19.44
N THR C 513 -26.53 8.29 -19.68
CA THR C 513 -26.56 9.02 -20.95
C THR C 513 -25.21 9.66 -21.30
N MET C 514 -24.84 9.59 -22.58
N MET C 514 -24.82 9.56 -22.58
CA MET C 514 -23.60 10.14 -23.13
CA MET C 514 -23.58 10.10 -23.14
C MET C 514 -23.87 10.77 -24.50
C MET C 514 -23.88 10.77 -24.48
N ASP C 515 -23.07 11.78 -24.88
CA ASP C 515 -23.22 12.46 -26.17
C ASP C 515 -22.76 11.52 -27.29
N VAL C 516 -23.62 11.35 -28.31
CA VAL C 516 -23.44 10.47 -29.47
C VAL C 516 -22.17 10.79 -30.30
N ASN C 517 -21.60 11.98 -30.11
CA ASN C 517 -20.39 12.38 -30.84
C ASN C 517 -19.09 11.97 -30.12
N HIS C 518 -19.21 11.27 -28.98
CA HIS C 518 -18.09 10.74 -28.21
C HIS C 518 -17.91 9.26 -28.67
N PRO C 519 -16.67 8.82 -29.06
CA PRO C 519 -16.51 7.45 -29.56
C PRO C 519 -16.82 6.32 -28.58
N ILE C 520 -16.74 6.57 -27.26
CA ILE C 520 -17.00 5.57 -26.23
C ILE C 520 -18.50 5.18 -26.13
N TYR C 521 -19.40 5.98 -26.73
CA TYR C 521 -20.84 5.75 -26.76
C TYR C 521 -21.17 4.45 -27.53
N TYR C 522 -20.24 4.04 -28.41
CA TYR C 522 -20.35 2.91 -29.32
C TYR C 522 -19.67 1.62 -28.81
N VAL C 523 -19.31 1.61 -27.51
CA VAL C 523 -18.73 0.44 -26.87
C VAL C 523 -19.92 -0.41 -26.43
N GLN C 524 -20.02 -1.62 -26.99
CA GLN C 524 -21.10 -2.57 -26.71
C GLN C 524 -20.99 -3.02 -25.25
N LYS C 525 -22.13 -3.08 -24.52
CA LYS C 525 -22.14 -3.43 -23.10
C LYS C 525 -22.84 -4.75 -22.81
N GLN C 526 -22.41 -5.46 -21.75
CA GLN C 526 -23.00 -6.72 -21.31
C GLN C 526 -23.22 -6.72 -19.80
N LEU C 527 -24.46 -6.90 -19.37
CA LEU C 527 -24.85 -6.93 -17.96
C LEU C 527 -24.60 -8.32 -17.37
N VAL C 528 -23.72 -8.38 -16.37
CA VAL C 528 -23.34 -9.62 -15.71
C VAL C 528 -24.01 -9.66 -14.32
N VAL C 529 -24.72 -10.76 -14.02
CA VAL C 529 -25.40 -10.95 -12.74
C VAL C 529 -24.92 -12.26 -12.14
N VAL C 530 -24.30 -12.20 -10.95
CA VAL C 530 -23.77 -13.38 -10.25
C VAL C 530 -24.63 -13.71 -9.03
N CYS C 531 -25.07 -14.97 -8.93
CA CYS C 531 -25.91 -15.45 -7.83
C CYS C 531 -25.22 -16.58 -7.08
N ASN C 532 -25.05 -16.40 -5.76
CA ASN C 532 -24.41 -17.39 -4.88
C ASN C 532 -25.49 -18.24 -4.20
N ASP C 533 -25.79 -19.40 -4.79
CA ASP C 533 -26.79 -20.37 -4.32
C ASP C 533 -26.23 -21.24 -3.22
N LEU C 534 -27.08 -21.56 -2.23
CA LEU C 534 -26.73 -22.40 -1.10
C LEU C 534 -26.94 -23.88 -1.41
N TYR C 535 -25.94 -24.70 -1.08
CA TYR C 535 -25.92 -26.14 -1.27
C TYR C 535 -25.50 -26.82 0.02
N LYS C 536 -26.01 -28.04 0.28
CA LYS C 536 -25.67 -28.83 1.47
C LYS C 536 -24.72 -29.96 1.07
N VAL C 537 -23.56 -30.02 1.72
CA VAL C 537 -22.55 -31.05 1.46
C VAL C 537 -22.87 -32.26 2.34
N SER C 538 -23.20 -33.40 1.70
CA SER C 538 -23.53 -34.67 2.33
C SER C 538 -22.37 -35.64 2.10
N TYR C 539 -21.97 -36.36 3.15
CA TYR C 539 -20.85 -37.29 3.05
C TYR C 539 -21.27 -38.77 3.13
N ASP C 540 -22.60 -39.03 3.09
CA ASP C 540 -23.16 -40.38 3.12
C ASP C 540 -22.99 -41.02 1.73
N GLN C 541 -22.25 -42.15 1.67
CA GLN C 541 -21.91 -42.91 0.46
C GLN C 541 -21.20 -42.02 -0.58
N GLY C 542 -20.13 -41.35 -0.13
CA GLY C 542 -19.33 -40.43 -0.94
C GLY C 542 -19.76 -38.98 -0.81
N VAL C 543 -18.92 -38.06 -1.32
CA VAL C 543 -19.17 -36.61 -1.28
C VAL C 543 -20.22 -36.25 -2.33
N SER C 544 -21.26 -35.50 -1.91
CA SER C 544 -22.34 -35.06 -2.79
C SER C 544 -22.98 -33.77 -2.29
N ILE C 545 -23.35 -32.87 -3.22
CA ILE C 545 -24.00 -31.60 -2.89
C ILE C 545 -25.47 -31.61 -3.32
N THR C 546 -26.32 -30.92 -2.55
CA THR C 546 -27.76 -30.82 -2.81
C THR C 546 -28.21 -29.37 -2.70
N LYS C 547 -28.92 -28.86 -3.74
CA LYS C 547 -29.42 -27.49 -3.79
C LYS C 547 -30.51 -27.28 -2.75
N ILE C 548 -30.36 -26.25 -1.91
CA ILE C 548 -31.33 -25.90 -0.87
C ILE C 548 -32.55 -25.29 -1.56
N MET C 549 -33.73 -25.93 -1.39
CA MET C 549 -34.99 -25.49 -2.02
C MET C 549 -36.14 -25.55 -1.04
#